data_8XW0
#
_entry.id   8XW0
#
_cell.length_a   1.00
_cell.length_b   1.00
_cell.length_c   1.00
_cell.angle_alpha   90.00
_cell.angle_beta   90.00
_cell.angle_gamma   90.00
#
_symmetry.space_group_name_H-M   'P 1'
#
loop_
_entity.id
_entity.type
_entity.pdbx_description
1 polymer 'CSC1-like protein ERD4'
2 non-polymer O-[(R)-{[(2R)-2,3-bis(octadecanoyloxy)propyl]oxy}(hydroxy)phosphoryl]-L-serine
#
_entity_poly.entity_id   1
_entity_poly.type   'polypeptide(L)'
_entity_poly.pdbx_seq_one_letter_code
;MEFGSFLVSLGTSFVIFVILMLLFTWLSRKSGNAPIYYPNRILKGLEPWEGTSLTRNPFAWMREALTSSEQDVVNLSGVD
TAVHFVFLSTVLGIFACSSLLLLPTLLPLAATDNNIKNTKNATDTTSKGTFSQLDNLSMANITKKSSRLWAFLGAVYWIS
LVTYFFLWKAYKHVSSLRAQALMSADVKPEQFAILVRDMPAPPDGQTQKEFIDSYFREIYPETFYRSLVATENSKVNKIW
EKLEGYKKKLARAEAILAATNNRPTNKTGFCGLVGKQVDSIEYYTELINESVAKLETEQKAVLAEKQQTAAVVFFTTRVA
AASAAQSLHCQMVDKWTVTEAPEPRQLLWQNLNIKLFSRIIRQYFIYFFVAVTILFYMIPIAFVSAITTLKNLQRIIPFI
KPVVEITAIRTVLESFLPQIALIVFLAMLPKLLLFLSKAEGIPSQSHAIRAASGKYFYFSVFNVFIGVTLAGTLFNTVKD
IAKNPKLDMIINLLATSLPKSATFFLTYVALKFFIGYGLELSRIIPLIIFHLKKKYLCKTEAEVKEAWYPGDLSYATRVP
GDMLILTITFCYSVIAPLILIFGITYFGLGWLVLRNQALKVYVPSYESYGRMWPHIHQRILAALFLFQVVMFGYLGAKTF
FYTALVIPLIITSLIFGYVCRQKFYGGFEHTALEVACRELKQSPDLEEIFRAYIPHSLSSHKPEEHEFKGAMSRYQDFNA
IAGVSNSLEV
;
_entity_poly.pdbx_strand_id   B,A
#
loop_
_chem_comp.id
_chem_comp.type
_chem_comp.name
_chem_comp.formula
P5S non-polymer O-[(R)-{[(2R)-2,3-bis(octadecanoyloxy)propyl]oxy}(hydroxy)phosphoryl]-L-serine 'C42 H82 N O10 P'
#
# COMPACT_ATOMS: atom_id res chain seq x y z
N MET A 1 -14.91 36.33 -13.68
CA MET A 1 -15.22 37.53 -12.91
C MET A 1 -14.54 38.74 -13.52
N GLU A 2 -15.28 39.85 -13.62
CA GLU A 2 -14.71 41.08 -14.14
C GLU A 2 -13.81 41.73 -13.09
N PHE A 3 -13.24 42.88 -13.46
CA PHE A 3 -12.43 43.63 -12.50
C PHE A 3 -13.30 44.38 -11.50
N GLY A 4 -14.45 44.88 -11.93
CA GLY A 4 -15.33 45.61 -11.02
C GLY A 4 -15.83 44.75 -9.88
N SER A 5 -16.28 43.53 -10.20
CA SER A 5 -16.74 42.62 -9.16
C SER A 5 -15.63 42.24 -8.20
N PHE A 6 -14.43 42.00 -8.75
CA PHE A 6 -13.28 41.67 -7.91
C PHE A 6 -12.96 42.81 -6.95
N LEU A 7 -12.94 44.04 -7.46
CA LEU A 7 -12.66 45.19 -6.60
C LEU A 7 -13.75 45.39 -5.55
N VAL A 8 -15.02 45.21 -5.94
CA VAL A 8 -16.10 45.37 -4.98
C VAL A 8 -16.01 44.33 -3.88
N SER A 9 -15.73 43.08 -4.23
CA SER A 9 -15.59 42.04 -3.22
C SER A 9 -14.41 42.33 -2.29
N LEU A 10 -13.27 42.75 -2.85
CA LEU A 10 -12.13 43.08 -2.00
C LEU A 10 -12.46 44.23 -1.07
N GLY A 11 -13.10 45.28 -1.58
CA GLY A 11 -13.43 46.42 -0.74
C GLY A 11 -14.39 46.05 0.38
N THR A 12 -15.44 45.28 0.06
CA THR A 12 -16.38 44.86 1.10
C THR A 12 -15.70 43.99 2.14
N SER A 13 -14.88 43.03 1.70
CA SER A 13 -14.21 42.16 2.65
C SER A 13 -13.25 42.95 3.54
N PHE A 14 -12.50 43.88 2.96
CA PHE A 14 -11.56 44.67 3.75
C PHE A 14 -12.28 45.59 4.73
N VAL A 15 -13.39 46.19 4.31
CA VAL A 15 -14.14 47.06 5.19
C VAL A 15 -14.72 46.28 6.36
N ILE A 16 -15.27 45.09 6.08
CA ILE A 16 -15.81 44.25 7.15
C ILE A 16 -14.68 43.80 8.08
N PHE A 17 -13.52 43.47 7.52
CA PHE A 17 -12.37 43.09 8.34
C PHE A 17 -11.95 44.22 9.26
N VAL A 18 -11.90 45.44 8.73
CA VAL A 18 -11.50 46.59 9.55
C VAL A 18 -12.54 46.83 10.66
N ILE A 19 -13.83 46.72 10.32
CA ILE A 19 -14.86 46.90 11.34
C ILE A 19 -14.73 45.87 12.44
N LEU A 20 -14.50 44.61 12.06
CA LEU A 20 -14.38 43.54 13.06
C LEU A 20 -13.12 43.71 13.89
N MET A 21 -12.02 44.18 13.28
CA MET A 21 -10.82 44.44 14.06
C MET A 21 -11.03 45.57 15.05
N LEU A 22 -11.76 46.62 14.66
CA LEU A 22 -12.08 47.69 15.60
C LEU A 22 -12.99 47.20 16.72
N LEU A 23 -13.94 46.34 16.40
CA LEU A 23 -14.80 45.76 17.43
C LEU A 23 -14.00 44.90 18.40
N PHE A 24 -13.09 44.09 17.88
CA PHE A 24 -12.24 43.24 18.71
C PHE A 24 -11.33 44.09 19.60
N THR A 25 -10.73 45.13 19.04
CA THR A 25 -9.85 46.01 19.79
C THR A 25 -10.57 46.74 20.92
N TRP A 26 -11.87 46.99 20.77
CA TRP A 26 -12.65 47.67 21.79
C TRP A 26 -13.25 46.69 22.81
N LEU A 27 -13.88 45.63 22.32
CA LEU A 27 -14.58 44.70 23.21
C LEU A 27 -13.59 43.87 24.04
N SER A 28 -12.51 43.41 23.43
CA SER A 28 -11.63 42.45 24.09
C SER A 28 -10.93 43.02 25.32
N ARG A 29 -10.82 44.33 25.46
CA ARG A 29 -10.17 44.94 26.60
C ARG A 29 -11.17 45.42 27.65
N LYS A 30 -12.41 44.96 27.53
CA LYS A 30 -13.44 45.26 28.51
C LYS A 30 -13.51 44.08 29.47
N SER A 31 -13.54 44.37 30.77
CA SER A 31 -13.53 43.32 31.78
C SER A 31 -14.76 42.43 31.64
N GLY A 32 -15.85 42.98 31.08
CA GLY A 32 -17.06 42.20 30.92
C GLY A 32 -16.88 41.02 29.99
N ASN A 33 -16.23 41.24 28.85
CA ASN A 33 -16.03 40.16 27.89
C ASN A 33 -14.71 39.44 28.13
N ALA A 34 -14.45 39.07 29.38
CA ALA A 34 -13.29 38.25 29.71
C ALA A 34 -13.59 36.77 29.49
N PRO A 35 -14.77 36.23 29.92
CA PRO A 35 -15.04 34.81 29.69
C PRO A 35 -15.05 34.43 28.22
N ILE A 36 -15.40 35.37 27.35
CA ILE A 36 -15.55 35.07 25.93
C ILE A 36 -14.28 35.35 25.12
N TYR A 37 -13.38 36.20 25.61
CA TYR A 37 -12.14 36.49 24.89
C TYR A 37 -10.91 35.84 25.50
N TYR A 38 -10.95 35.45 26.77
CA TYR A 38 -9.84 34.73 27.40
C TYR A 38 -10.37 33.53 28.17
N PRO A 39 -11.00 32.56 27.48
CA PRO A 39 -11.51 31.38 28.18
C PRO A 39 -10.45 30.35 28.52
N ASN A 40 -9.39 30.24 27.71
CA ASN A 40 -8.30 29.31 27.98
C ASN A 40 -7.33 29.87 29.02
N ARG A 41 -7.52 31.12 29.42
CA ARG A 41 -6.72 31.71 30.48
C ARG A 41 -7.53 32.03 31.73
N ILE A 42 -8.86 31.88 31.69
CA ILE A 42 -9.68 32.01 32.89
C ILE A 42 -10.14 30.66 33.41
N LEU A 43 -10.17 29.62 32.58
CA LEU A 43 -10.47 28.27 33.01
C LEU A 43 -9.27 27.61 33.68
N LYS A 44 -8.11 28.26 33.67
CA LYS A 44 -6.87 27.70 34.21
C LYS A 44 -6.36 28.56 35.36
N GLY A 45 -7.15 29.53 35.83
CA GLY A 45 -6.71 30.47 36.84
C GLY A 45 -5.43 31.17 36.45
N LEU A 46 -5.48 31.96 35.38
CA LEU A 46 -4.25 32.49 34.82
C LEU A 46 -4.25 33.99 34.58
N GLU A 47 -5.19 34.78 35.12
CA GLU A 47 -5.12 36.23 35.07
C GLU A 47 -5.08 36.70 33.61
N PRO A 48 -6.26 36.75 32.94
CA PRO A 48 -6.32 36.79 31.47
C PRO A 48 -5.22 37.57 30.76
N TRP A 49 -5.06 38.86 31.06
CA TRP A 49 -3.87 39.55 30.59
C TRP A 49 -2.98 39.91 31.78
N GLU A 50 -1.87 40.61 31.53
CA GLU A 50 -0.84 40.72 32.55
C GLU A 50 -1.34 41.49 33.77
N GLY A 51 -0.64 41.35 34.90
CA GLY A 51 -1.14 41.75 36.19
C GLY A 51 -1.34 43.22 36.45
N THR A 52 -0.63 44.08 35.72
CA THR A 52 -0.59 45.51 36.02
C THR A 52 -1.94 46.20 35.82
N SER A 53 -1.97 47.49 36.10
CA SER A 53 -3.18 48.32 36.06
C SER A 53 -3.50 48.63 34.62
N LEU A 54 -4.33 49.66 34.42
CA LEU A 54 -4.82 50.05 33.10
C LEU A 54 -3.71 50.03 32.05
N THR A 55 -3.87 49.14 31.08
CA THR A 55 -2.88 48.68 30.12
C THR A 55 -3.63 48.09 28.94
N ARG A 56 -3.01 47.12 28.25
CA ARG A 56 -3.64 46.44 27.12
C ARG A 56 -3.72 47.39 25.95
N ASN A 57 -2.56 47.92 25.56
CA ASN A 57 -2.30 48.65 24.33
C ASN A 57 -3.02 47.94 23.18
N PRO A 58 -3.85 48.64 22.41
CA PRO A 58 -4.62 48.00 21.34
C PRO A 58 -3.87 46.94 20.56
N PHE A 59 -2.62 47.21 20.20
CA PHE A 59 -1.79 46.24 19.50
C PHE A 59 -0.88 45.48 20.48
N ALA A 60 -1.49 44.93 21.52
CA ALA A 60 -0.76 44.06 22.44
C ALA A 60 -1.00 42.59 22.17
N TRP A 61 -2.15 42.24 21.61
CA TRP A 61 -2.42 40.86 21.23
C TRP A 61 -1.50 40.40 20.12
N MET A 62 -0.89 41.31 19.38
CA MET A 62 0.10 40.96 18.38
C MET A 62 1.51 40.82 18.94
N ARG A 63 1.80 41.41 20.10
CA ARG A 63 3.10 41.25 20.73
C ARG A 63 3.23 39.93 21.48
N GLU A 64 2.14 39.45 22.07
CA GLU A 64 2.15 38.16 22.78
C GLU A 64 1.97 36.97 21.86
N ALA A 65 1.43 37.18 20.65
CA ALA A 65 1.30 36.11 19.68
C ALA A 65 2.50 35.96 18.76
N LEU A 66 3.23 37.05 18.50
CA LEU A 66 4.42 37.01 17.67
C LEU A 66 5.68 36.66 18.45
N THR A 67 5.64 36.73 19.78
CA THR A 67 6.79 36.44 20.61
C THR A 67 6.53 35.27 21.55
N SER A 68 5.75 34.29 21.09
CA SER A 68 5.45 33.10 21.86
C SER A 68 6.17 31.92 21.23
N SER A 69 7.01 31.25 22.02
CA SER A 69 7.78 30.12 21.52
C SER A 69 6.85 28.95 21.25
N GLU A 70 7.38 27.95 20.53
CA GLU A 70 6.63 26.73 20.25
C GLU A 70 6.56 25.80 21.46
N GLN A 71 7.42 26.00 22.44
CA GLN A 71 7.30 25.31 23.71
C GLN A 71 6.22 25.91 24.60
N ASP A 72 6.01 27.22 24.51
CA ASP A 72 4.90 27.83 25.24
C ASP A 72 3.56 27.29 24.77
N VAL A 73 3.41 27.10 23.46
CA VAL A 73 2.16 26.56 22.93
C VAL A 73 1.95 25.12 23.41
N VAL A 74 3.01 24.31 23.39
CA VAL A 74 2.91 22.92 23.84
C VAL A 74 2.54 22.87 25.32
N ASN A 75 3.20 23.72 26.13
CA ASN A 75 2.92 23.73 27.56
C ASN A 75 1.50 24.20 27.85
N LEU A 76 1.03 25.21 27.11
CA LEU A 76 -0.25 25.83 27.43
C LEU A 76 -1.41 25.12 26.72
N SER A 77 -1.22 24.72 25.46
CA SER A 77 -2.29 24.12 24.68
C SER A 77 -2.06 22.63 24.43
N GLY A 78 -0.93 22.26 23.88
CA GLY A 78 -0.63 20.87 23.60
C GLY A 78 0.26 20.73 22.38
N VAL A 79 0.84 19.55 22.23
CA VAL A 79 1.75 19.26 21.12
C VAL A 79 0.94 18.99 19.87
N ASP A 80 -0.39 19.01 20.01
CA ASP A 80 -1.27 18.80 18.87
C ASP A 80 -1.65 20.10 18.16
N THR A 81 -1.56 21.24 18.87
CA THR A 81 -1.79 22.53 18.21
C THR A 81 -0.50 23.10 17.66
N ALA A 82 0.63 22.81 18.31
CA ALA A 82 1.93 23.16 17.75
C ALA A 82 2.14 22.50 16.39
N VAL A 83 1.53 21.33 16.19
CA VAL A 83 1.55 20.70 14.87
C VAL A 83 0.75 21.51 13.86
N HIS A 84 -0.40 22.03 14.27
CA HIS A 84 -1.14 22.92 13.37
C HIS A 84 -0.32 24.15 13.03
N PHE A 85 0.40 24.69 14.00
CA PHE A 85 1.19 25.88 13.74
C PHE A 85 2.40 25.59 12.87
N VAL A 86 3.02 24.43 13.00
CA VAL A 86 4.12 24.10 12.09
C VAL A 86 3.57 23.85 10.68
N PHE A 87 2.36 23.30 10.58
CA PHE A 87 1.70 23.19 9.27
C PHE A 87 1.54 24.55 8.63
N LEU A 88 0.97 25.51 9.37
CA LEU A 88 0.79 26.86 8.85
C LEU A 88 2.12 27.50 8.51
N SER A 89 3.12 27.35 9.38
CA SER A 89 4.42 27.97 9.16
C SER A 89 5.08 27.43 7.91
N THR A 90 5.03 26.12 7.70
CA THR A 90 5.71 25.56 6.53
C THR A 90 4.97 25.89 5.24
N VAL A 91 3.65 25.93 5.26
CA VAL A 91 2.93 26.38 4.08
C VAL A 91 3.26 27.84 3.78
N LEU A 92 3.29 28.67 4.82
CA LEU A 92 3.63 30.08 4.64
C LEU A 92 5.04 30.25 4.10
N GLY A 93 5.98 29.45 4.59
CA GLY A 93 7.35 29.52 4.09
C GLY A 93 7.46 29.07 2.65
N ILE A 94 6.76 27.99 2.30
CA ILE A 94 6.76 27.54 0.91
C ILE A 94 6.27 28.65 -0.01
N PHE A 95 5.13 29.24 0.35
CA PHE A 95 4.56 30.27 -0.51
C PHE A 95 5.36 31.55 -0.48
N ALA A 96 6.05 31.84 0.63
CA ALA A 96 6.87 33.04 0.71
C ALA A 96 8.09 32.93 -0.18
N CYS A 97 8.82 31.81 -0.10
CA CYS A 97 9.96 31.63 -0.99
C CYS A 97 9.53 31.56 -2.44
N SER A 98 8.43 30.84 -2.71
CA SER A 98 7.93 30.75 -4.08
C SER A 98 7.54 32.12 -4.61
N SER A 99 6.89 32.95 -3.79
CA SER A 99 6.57 34.29 -4.25
C SER A 99 7.85 35.08 -4.51
N LEU A 100 8.80 35.00 -3.58
CA LEU A 100 10.04 35.75 -3.70
C LEU A 100 10.72 35.49 -5.04
N LEU A 101 10.71 34.24 -5.51
CA LEU A 101 11.36 33.98 -6.79
C LEU A 101 10.39 34.14 -7.97
N LEU A 102 9.25 33.44 -7.93
CA LEU A 102 8.20 33.52 -8.92
C LEU A 102 7.83 34.93 -9.35
N LEU A 103 7.33 35.74 -8.40
CA LEU A 103 6.63 36.97 -8.77
C LEU A 103 7.49 37.95 -9.57
N PRO A 104 8.69 38.33 -9.12
CA PRO A 104 9.45 39.35 -9.87
C PRO A 104 9.84 38.91 -11.27
N THR A 105 9.83 37.61 -11.58
CA THR A 105 10.22 37.14 -12.89
C THR A 105 9.07 36.53 -13.69
N LEU A 106 7.93 36.25 -13.06
CA LEU A 106 6.77 35.76 -13.81
C LEU A 106 5.70 36.81 -14.03
N LEU A 107 5.58 37.81 -13.15
CA LEU A 107 4.60 38.86 -13.41
C LEU A 107 5.02 39.77 -14.56
N PRO A 108 6.26 40.26 -14.63
CA PRO A 108 6.65 41.05 -15.81
C PRO A 108 6.54 40.28 -17.13
N LEU A 109 6.86 38.99 -17.14
CA LEU A 109 6.79 38.23 -18.37
C LEU A 109 5.35 38.11 -18.85
N ALA A 110 4.42 37.84 -17.95
CA ALA A 110 3.01 37.77 -18.34
C ALA A 110 2.48 39.14 -18.74
N ALA A 111 2.86 40.19 -18.00
CA ALA A 111 2.34 41.52 -18.29
C ALA A 111 2.81 42.04 -19.64
N THR A 112 4.09 41.80 -19.97
CA THR A 112 4.67 42.37 -21.18
C THR A 112 4.33 41.58 -22.44
N ASP A 113 3.82 40.37 -22.32
CA ASP A 113 3.41 39.60 -23.49
C ASP A 113 1.98 39.99 -23.89
N ASN A 114 1.59 39.59 -25.10
CA ASN A 114 0.34 40.04 -25.68
C ASN A 114 -0.41 38.90 -26.37
N ASN A 115 -0.51 37.74 -25.72
CA ASN A 115 -1.38 36.69 -26.24
C ASN A 115 -2.83 37.16 -26.21
N ILE A 116 -3.29 37.67 -25.07
CA ILE A 116 -4.52 38.44 -25.05
C ILE A 116 -4.29 39.74 -25.83
N LYS A 117 -5.32 40.20 -26.53
CA LYS A 117 -5.32 41.22 -27.56
C LYS A 117 -4.78 40.65 -28.87
N ASN A 118 -4.27 39.42 -28.89
CA ASN A 118 -4.01 38.68 -30.11
C ASN A 118 -4.90 37.47 -30.25
N THR A 119 -5.66 37.12 -29.21
CA THR A 119 -6.69 36.10 -29.30
C THR A 119 -8.08 36.70 -29.41
N LYS A 120 -8.24 38.00 -29.17
CA LYS A 120 -9.49 38.69 -29.43
C LYS A 120 -9.60 39.21 -30.87
N ASN A 121 -8.47 39.30 -31.57
CA ASN A 121 -8.45 39.68 -32.98
C ASN A 121 -8.53 38.48 -33.91
N ALA A 122 -7.86 37.38 -33.56
CA ALA A 122 -7.94 36.18 -34.39
C ALA A 122 -9.31 35.52 -34.30
N THR A 123 -9.84 35.35 -33.09
CA THR A 123 -11.15 34.75 -32.93
C THR A 123 -12.28 35.72 -33.24
N ASP A 124 -12.01 37.03 -33.21
CA ASP A 124 -12.98 38.06 -33.57
C ASP A 124 -14.28 37.91 -32.76
N THR A 125 -14.15 38.06 -31.44
CA THR A 125 -15.31 37.96 -30.57
C THR A 125 -16.34 39.03 -30.89
N THR A 126 -15.89 40.28 -31.00
CA THR A 126 -16.72 41.40 -31.47
C THR A 126 -18.03 41.52 -30.67
N SER A 127 -17.89 41.90 -29.41
CA SER A 127 -16.62 42.34 -28.82
C SER A 127 -16.22 41.41 -27.69
N LYS A 128 -17.17 41.14 -26.79
CA LYS A 128 -17.00 40.20 -25.69
C LYS A 128 -15.74 40.52 -24.87
N GLY A 129 -15.76 41.68 -24.22
CA GLY A 129 -14.67 42.09 -23.38
C GLY A 129 -14.61 41.30 -22.09
N THR A 130 -14.38 39.99 -22.21
CA THR A 130 -14.35 39.12 -21.04
C THR A 130 -13.07 39.27 -20.24
N PHE A 131 -11.95 39.54 -20.91
CA PHE A 131 -10.66 39.62 -20.23
C PHE A 131 -10.57 40.91 -19.42
N SER A 132 -10.18 40.78 -18.15
CA SER A 132 -10.03 41.91 -17.28
C SER A 132 -8.56 42.34 -17.22
N GLN A 133 -8.32 43.48 -16.59
CA GLN A 133 -6.95 43.96 -16.39
C GLN A 133 -6.16 43.02 -15.49
N LEU A 134 -6.85 42.18 -14.70
CA LEU A 134 -6.21 41.25 -13.79
C LEU A 134 -5.78 39.95 -14.49
N ASP A 135 -6.29 39.67 -15.67
CA ASP A 135 -5.93 38.46 -16.40
C ASP A 135 -4.64 38.61 -17.21
N ASN A 136 -4.15 39.83 -17.40
CA ASN A 136 -2.88 40.02 -18.07
C ASN A 136 -1.72 39.47 -17.24
N LEU A 137 -1.86 39.44 -15.92
CA LEU A 137 -0.81 38.95 -15.02
C LEU A 137 -1.03 37.48 -14.73
N SER A 138 -1.14 36.68 -15.79
CA SER A 138 -1.40 35.26 -15.65
C SER A 138 -0.80 34.54 -16.85
N MET A 139 -0.78 33.21 -16.78
CA MET A 139 -0.25 32.41 -17.88
C MET A 139 -1.37 32.20 -18.90
N ALA A 140 -2.02 33.31 -19.28
CA ALA A 140 -2.88 33.37 -20.45
C ALA A 140 -2.52 34.49 -21.38
N ASN A 141 -1.73 35.46 -20.93
CA ASN A 141 -1.14 36.48 -21.78
C ASN A 141 0.14 35.99 -22.45
N ILE A 142 0.55 34.75 -22.19
CA ILE A 142 1.75 34.17 -22.77
C ILE A 142 1.37 33.50 -24.08
N THR A 143 2.06 33.88 -25.16
CA THR A 143 1.76 33.37 -26.48
C THR A 143 2.21 31.91 -26.60
N LYS A 144 1.68 31.24 -27.63
CA LYS A 144 2.11 29.88 -27.94
C LYS A 144 3.58 29.86 -28.38
N LYS A 145 4.28 28.80 -27.98
CA LYS A 145 5.65 28.55 -28.41
C LYS A 145 6.54 29.77 -28.12
N SER A 146 6.55 30.17 -26.85
CA SER A 146 7.30 31.34 -26.41
C SER A 146 8.38 30.92 -25.43
N SER A 147 9.48 31.67 -25.42
CA SER A 147 10.59 31.39 -24.52
C SER A 147 10.25 31.67 -23.06
N ARG A 148 9.21 32.46 -22.80
CA ARG A 148 8.80 32.72 -21.42
C ARG A 148 8.27 31.45 -20.75
N LEU A 149 7.77 30.50 -21.55
CA LEU A 149 7.36 29.22 -20.99
C LEU A 149 8.54 28.49 -20.36
N TRP A 150 9.77 28.80 -20.78
CA TRP A 150 10.94 28.26 -20.10
C TRP A 150 11.03 28.79 -18.68
N ALA A 151 10.79 30.08 -18.48
CA ALA A 151 10.78 30.63 -17.14
C ALA A 151 9.65 30.04 -16.31
N PHE A 152 8.50 29.81 -16.94
CA PHE A 152 7.38 29.20 -16.21
C PHE A 152 7.70 27.76 -15.79
N LEU A 153 8.38 27.01 -16.66
CA LEU A 153 8.81 25.65 -16.31
C LEU A 153 9.85 25.68 -15.20
N GLY A 154 10.81 26.60 -15.27
CA GLY A 154 11.74 26.75 -14.16
C GLY A 154 11.04 27.11 -12.87
N ALA A 155 9.95 27.89 -12.99
CA ALA A 155 9.17 28.28 -11.82
C ALA A 155 8.50 27.08 -11.16
N VAL A 156 7.86 26.23 -11.95
CA VAL A 156 7.24 25.03 -11.36
C VAL A 156 8.31 24.11 -10.79
N TYR A 157 9.45 24.02 -11.47
CA TYR A 157 10.57 23.23 -10.95
C TYR A 157 11.01 23.74 -9.59
N TRP A 158 11.15 25.06 -9.44
CA TRP A 158 11.60 25.62 -8.17
C TRP A 158 10.55 25.49 -7.09
N ILE A 159 9.27 25.62 -7.43
CA ILE A 159 8.22 25.40 -6.44
C ILE A 159 8.27 23.97 -5.93
N SER A 160 8.50 23.01 -6.83
CA SER A 160 8.62 21.62 -6.39
C SER A 160 9.82 21.44 -5.46
N LEU A 161 10.96 22.04 -5.80
CA LEU A 161 12.14 21.93 -4.94
C LEU A 161 11.88 22.52 -3.56
N VAL A 162 11.29 23.72 -3.51
CA VAL A 162 11.02 24.37 -2.23
C VAL A 162 10.05 23.55 -1.40
N THR A 163 9.01 23.01 -2.05
CA THR A 163 8.04 22.19 -1.32
C THR A 163 8.70 20.94 -0.75
N TYR A 164 9.57 20.29 -1.53
CA TYR A 164 10.28 19.11 -1.02
C TYR A 164 11.12 19.47 0.19
N PHE A 165 11.89 20.55 0.09
CA PHE A 165 12.76 20.95 1.18
C PHE A 165 11.96 21.25 2.45
N PHE A 166 10.89 22.03 2.32
CA PHE A 166 10.13 22.42 3.49
C PHE A 166 9.36 21.23 4.07
N LEU A 167 8.87 20.33 3.23
CA LEU A 167 8.21 19.13 3.74
C LEU A 167 9.18 18.27 4.53
N TRP A 168 10.40 18.08 4.01
CA TRP A 168 11.39 17.29 4.74
C TRP A 168 11.72 17.92 6.08
N LYS A 169 12.00 19.23 6.08
CA LYS A 169 12.35 19.90 7.33
C LYS A 169 11.20 19.84 8.33
N ALA A 170 9.98 20.09 7.85
CA ALA A 170 8.81 20.06 8.74
C ALA A 170 8.60 18.67 9.31
N TYR A 171 8.84 17.64 8.51
CA TYR A 171 8.48 16.30 8.93
C TYR A 171 9.52 15.78 9.92
N LYS A 172 10.78 16.18 9.74
CA LYS A 172 11.78 16.02 10.78
C LYS A 172 11.37 16.73 12.06
N HIS A 173 10.95 17.99 11.94
CA HIS A 173 10.64 18.78 13.13
C HIS A 173 9.46 18.22 13.90
N VAL A 174 8.43 17.75 13.18
CA VAL A 174 7.27 17.17 13.84
C VAL A 174 7.63 15.85 14.50
N SER A 175 8.50 15.06 13.86
CA SER A 175 9.00 13.86 14.53
C SER A 175 9.71 14.22 15.82
N SER A 176 10.53 15.27 15.81
CA SER A 176 11.23 15.70 17.02
C SER A 176 10.25 16.15 18.09
N LEU A 177 9.22 16.91 17.71
CA LEU A 177 8.21 17.37 18.67
C LEU A 177 7.49 16.19 19.30
N ARG A 178 7.10 15.20 18.49
CA ARG A 178 6.40 14.04 19.02
C ARG A 178 7.30 13.25 19.95
N ALA A 179 8.58 13.06 19.57
CA ALA A 179 9.49 12.32 20.41
C ALA A 179 9.73 13.05 21.73
N GLN A 180 9.75 14.38 21.71
CA GLN A 180 9.92 15.14 22.95
C GLN A 180 8.68 15.05 23.83
N ALA A 181 7.49 15.12 23.22
CA ALA A 181 6.27 15.13 24.02
C ALA A 181 5.99 13.75 24.62
N LEU A 182 6.24 12.69 23.85
CA LEU A 182 6.03 11.35 24.36
C LEU A 182 7.00 11.01 25.49
N MET A 183 8.26 11.44 25.37
CA MET A 183 9.28 11.06 26.34
C MET A 183 9.05 11.73 27.69
N SER A 184 8.45 12.91 27.70
CA SER A 184 8.23 13.66 28.93
C SER A 184 6.80 13.54 29.44
N ALA A 185 6.00 12.66 28.85
CA ALA A 185 4.61 12.51 29.26
C ALA A 185 4.53 11.92 30.67
N ASP A 186 3.45 12.26 31.37
CA ASP A 186 3.22 11.75 32.71
C ASP A 186 2.55 10.38 32.63
N VAL A 187 2.09 9.87 33.76
CA VAL A 187 1.40 8.59 33.80
C VAL A 187 -0.02 8.80 33.29
N LYS A 188 -0.30 8.32 32.09
CA LYS A 188 -1.62 8.46 31.50
C LYS A 188 -2.26 7.10 31.30
N PRO A 189 -3.59 7.00 31.43
CA PRO A 189 -4.24 5.69 31.33
C PRO A 189 -4.10 5.03 29.98
N GLU A 190 -3.87 5.78 28.90
CA GLU A 190 -3.82 5.19 27.57
C GLU A 190 -2.47 4.57 27.25
N GLN A 191 -1.47 4.72 28.11
CA GLN A 191 -0.17 4.11 27.90
C GLN A 191 -0.10 2.69 28.43
N PHE A 192 -1.09 2.26 29.21
CA PHE A 192 -1.08 0.93 29.82
C PHE A 192 -2.15 0.02 29.25
N ALA A 193 -2.87 0.45 28.21
CA ALA A 193 -4.03 -0.27 27.71
C ALA A 193 -3.88 -0.54 26.22
N ILE A 194 -4.56 -1.60 25.77
CA ILE A 194 -4.67 -1.94 24.36
C ILE A 194 -6.14 -2.17 24.06
N LEU A 195 -6.50 -2.05 22.78
CA LEU A 195 -7.88 -2.19 22.34
C LEU A 195 -8.04 -3.54 21.66
N VAL A 196 -8.38 -4.56 22.44
CA VAL A 196 -8.68 -5.87 21.88
C VAL A 196 -10.05 -5.81 21.23
N ARG A 197 -10.13 -6.23 19.98
CA ARG A 197 -11.35 -6.06 19.20
C ARG A 197 -11.49 -7.24 18.25
N ASP A 198 -12.73 -7.49 17.84
CA ASP A 198 -13.07 -8.58 16.93
C ASP A 198 -12.67 -9.93 17.56
N MET A 199 -13.30 -10.22 18.68
CA MET A 199 -13.08 -11.44 19.43
C MET A 199 -14.14 -12.48 19.08
N PRO A 200 -13.82 -13.75 19.23
CA PRO A 200 -14.82 -14.80 19.05
C PRO A 200 -15.73 -14.89 20.27
N ALA A 201 -16.68 -15.81 20.20
CA ALA A 201 -17.58 -16.04 21.32
C ALA A 201 -17.21 -17.33 22.04
N PRO A 202 -17.44 -17.40 23.35
CA PRO A 202 -17.12 -18.63 24.09
C PRO A 202 -18.12 -19.72 23.76
N PRO A 203 -17.70 -20.77 23.03
CA PRO A 203 -18.62 -21.83 22.59
C PRO A 203 -18.90 -22.86 23.67
N ASP A 204 -19.24 -22.39 24.86
CA ASP A 204 -19.44 -23.22 26.04
C ASP A 204 -20.12 -22.36 27.09
N GLY A 205 -20.20 -22.86 28.32
CA GLY A 205 -20.72 -22.04 29.40
C GLY A 205 -19.63 -21.21 30.02
N GLN A 206 -19.52 -19.96 29.57
CA GLN A 206 -18.43 -19.08 29.98
C GLN A 206 -18.72 -17.65 29.55
N THR A 207 -18.65 -16.71 30.49
CA THR A 207 -18.87 -15.31 30.15
C THR A 207 -17.71 -14.79 29.30
N GLN A 208 -17.97 -13.67 28.61
CA GLN A 208 -16.95 -13.09 27.74
C GLN A 208 -15.75 -12.61 28.55
N LYS A 209 -15.98 -12.06 29.74
CA LYS A 209 -14.86 -11.63 30.56
C LYS A 209 -13.99 -12.80 30.98
N GLU A 210 -14.62 -13.91 31.36
CA GLU A 210 -13.85 -15.11 31.70
C GLU A 210 -13.14 -15.70 30.51
N PHE A 211 -13.53 -15.30 29.29
CA PHE A 211 -12.84 -15.77 28.09
C PHE A 211 -11.67 -14.86 27.73
N ILE A 212 -11.83 -13.55 27.94
CA ILE A 212 -10.72 -12.62 27.71
C ILE A 212 -9.60 -12.89 28.71
N ASP A 213 -9.94 -12.96 29.99
CA ASP A 213 -9.02 -13.53 30.95
C ASP A 213 -8.87 -15.03 30.67
N SER A 214 -7.79 -15.60 31.18
CA SER A 214 -7.38 -16.98 30.89
C SER A 214 -7.01 -17.15 29.42
N TYR A 215 -7.12 -16.10 28.61
CA TYR A 215 -6.54 -16.06 27.28
C TYR A 215 -5.32 -15.15 27.24
N PHE A 216 -5.46 -13.90 27.67
CA PHE A 216 -4.30 -13.04 27.87
C PHE A 216 -3.56 -13.38 29.14
N ARG A 217 -4.19 -14.11 30.06
CA ARG A 217 -3.52 -14.58 31.27
C ARG A 217 -2.58 -15.75 30.99
N GLU A 218 -2.67 -16.35 29.80
CA GLU A 218 -1.71 -17.38 29.40
C GLU A 218 -0.65 -16.86 28.43
N ILE A 219 -0.98 -15.85 27.63
CA ILE A 219 0.04 -15.20 26.82
C ILE A 219 0.91 -14.30 27.68
N TYR A 220 0.29 -13.56 28.61
CA TYR A 220 0.99 -12.57 29.43
C TYR A 220 0.74 -12.85 30.90
N PRO A 221 1.36 -13.89 31.45
CA PRO A 221 1.34 -14.06 32.90
C PRO A 221 2.16 -12.98 33.57
N GLU A 222 1.76 -12.64 34.80
CA GLU A 222 2.43 -11.67 35.68
C GLU A 222 2.72 -10.33 34.98
N THR A 223 2.10 -10.08 33.83
CA THR A 223 2.20 -8.76 33.20
C THR A 223 0.89 -8.34 32.56
N PHE A 224 -0.23 -8.96 32.94
CA PHE A 224 -1.56 -8.59 32.49
C PHE A 224 -2.43 -8.35 33.71
N TYR A 225 -3.22 -7.28 33.69
CA TYR A 225 -3.86 -6.81 34.91
C TYR A 225 -5.38 -7.03 34.92
N ARG A 226 -6.11 -6.45 33.98
CA ARG A 226 -7.57 -6.55 33.96
C ARG A 226 -8.05 -6.29 32.54
N SER A 227 -9.37 -6.19 32.37
CA SER A 227 -9.96 -5.97 31.06
C SER A 227 -11.38 -5.46 31.21
N LEU A 228 -11.70 -4.37 30.50
CA LEU A 228 -13.08 -3.91 30.34
C LEU A 228 -13.67 -4.52 29.08
N VAL A 229 -14.69 -5.38 29.25
CA VAL A 229 -15.45 -5.85 28.11
C VAL A 229 -16.34 -4.72 27.61
N ALA A 230 -16.28 -4.45 26.31
CA ALA A 230 -17.01 -3.34 25.72
C ALA A 230 -18.50 -3.69 25.68
N THR A 231 -19.15 -3.57 26.83
CA THR A 231 -20.57 -3.87 26.93
C THR A 231 -21.38 -2.83 26.15
N GLU A 232 -22.39 -3.33 25.44
CA GLU A 232 -23.29 -2.46 24.68
C GLU A 232 -24.20 -1.71 25.64
N ASN A 233 -23.98 -0.42 25.79
CA ASN A 233 -24.65 0.40 26.80
C ASN A 233 -25.22 1.67 26.18
N SER A 234 -25.88 1.53 25.04
CA SER A 234 -26.52 2.68 24.40
C SER A 234 -27.68 3.20 25.25
N LYS A 235 -28.58 2.31 25.66
CA LYS A 235 -29.71 2.73 26.46
C LYS A 235 -29.28 3.15 27.86
N VAL A 236 -28.19 2.57 28.38
CA VAL A 236 -27.63 3.02 29.65
C VAL A 236 -27.16 4.46 29.54
N ASN A 237 -26.46 4.78 28.46
CA ASN A 237 -26.01 6.14 28.24
C ASN A 237 -27.20 7.09 28.09
N LYS A 238 -28.23 6.65 27.37
CA LYS A 238 -29.42 7.48 27.19
C LYS A 238 -30.08 7.80 28.52
N ILE A 239 -30.27 6.77 29.36
CA ILE A 239 -30.93 6.97 30.64
C ILE A 239 -30.07 7.83 31.57
N TRP A 240 -28.74 7.67 31.52
CA TRP A 240 -27.89 8.46 32.39
C TRP A 240 -27.88 9.93 31.97
N GLU A 241 -27.84 10.20 30.67
CA GLU A 241 -27.87 11.60 30.24
C GLU A 241 -29.24 12.23 30.50
N LYS A 242 -30.32 11.43 30.43
CA LYS A 242 -31.64 11.94 30.79
C LYS A 242 -31.68 12.29 32.28
N LEU A 243 -31.08 11.43 33.11
CA LEU A 243 -31.00 11.71 34.54
C LEU A 243 -30.21 12.99 34.81
N GLU A 244 -29.09 13.16 34.10
CA GLU A 244 -28.30 14.39 34.23
C GLU A 244 -29.08 15.61 33.77
N GLY A 245 -29.92 15.44 32.74
CA GLY A 245 -30.77 16.54 32.30
C GLY A 245 -31.74 16.99 33.37
N TYR A 246 -32.41 16.05 34.03
CA TYR A 246 -33.29 16.45 35.14
C TYR A 246 -32.50 16.94 36.35
N LYS A 247 -31.28 16.44 36.58
CA LYS A 247 -30.47 17.01 37.66
C LYS A 247 -30.20 18.49 37.40
N LYS A 248 -29.80 18.82 36.17
CA LYS A 248 -29.55 20.22 35.83
C LYS A 248 -30.82 21.05 35.89
N LYS A 249 -31.96 20.48 35.44
CA LYS A 249 -33.22 21.21 35.50
C LYS A 249 -33.65 21.49 36.93
N LEU A 250 -33.46 20.52 37.83
CA LEU A 250 -33.77 20.75 39.25
C LEU A 250 -32.83 21.78 39.86
N ALA A 251 -31.55 21.77 39.46
CA ALA A 251 -30.63 22.81 39.95
C ALA A 251 -31.09 24.18 39.48
N ARG A 252 -31.54 24.28 38.22
CA ARG A 252 -32.07 25.54 37.71
C ARG A 252 -33.31 25.97 38.47
N ALA A 253 -34.21 25.03 38.78
CA ALA A 253 -35.41 25.35 39.54
C ALA A 253 -35.08 25.82 40.95
N GLU A 254 -34.11 25.17 41.59
CA GLU A 254 -33.68 25.61 42.91
C GLU A 254 -33.07 27.01 42.87
N ALA A 255 -32.26 27.30 41.85
CA ALA A 255 -31.71 28.64 41.71
C ALA A 255 -32.81 29.67 41.52
N ILE A 256 -33.81 29.35 40.69
CA ILE A 256 -34.91 30.28 40.47
C ILE A 256 -35.69 30.51 41.76
N LEU A 257 -35.95 29.44 42.51
CA LEU A 257 -36.66 29.58 43.78
C LEU A 257 -35.88 30.44 44.76
N ALA A 258 -34.56 30.24 44.84
CA ALA A 258 -33.74 31.06 45.72
C ALA A 258 -33.74 32.51 45.29
N ALA A 259 -33.74 32.76 43.97
CA ALA A 259 -33.66 34.13 43.48
C ALA A 259 -34.98 34.88 43.71
N THR A 260 -36.11 34.26 43.38
CA THR A 260 -37.38 34.96 43.38
C THR A 260 -38.28 34.60 44.57
N ASN A 261 -37.84 33.70 45.44
CA ASN A 261 -38.60 33.27 46.62
C ASN A 261 -39.97 32.72 46.24
N ASN A 262 -40.12 32.18 45.03
CA ASN A 262 -41.36 31.61 44.55
C ASN A 262 -41.09 30.26 43.89
N ARG A 263 -42.05 29.36 43.97
CA ARG A 263 -41.89 28.03 43.39
C ARG A 263 -42.08 28.09 41.88
N PRO A 264 -41.12 27.65 41.08
CA PRO A 264 -41.29 27.66 39.63
C PRO A 264 -42.30 26.61 39.19
N THR A 265 -42.89 26.86 38.03
CA THR A 265 -43.90 25.98 37.45
C THR A 265 -43.39 25.38 36.14
N ASN A 266 -43.81 24.15 35.86
CA ASN A 266 -43.38 23.44 34.68
C ASN A 266 -44.58 22.81 33.99
N LYS A 267 -44.45 22.59 32.68
CA LYS A 267 -45.48 21.95 31.89
C LYS A 267 -45.06 20.53 31.55
N THR A 268 -45.99 19.59 31.70
CA THR A 268 -45.72 18.18 31.44
C THR A 268 -45.76 17.82 29.96
N GLY A 269 -46.10 18.77 29.09
CA GLY A 269 -46.20 18.53 27.67
C GLY A 269 -44.86 18.56 26.97
N PHE A 270 -44.91 18.64 25.64
CA PHE A 270 -43.69 18.61 24.84
C PHE A 270 -42.96 19.94 24.95
N CYS A 271 -41.70 19.89 25.38
CA CYS A 271 -40.82 21.04 25.50
C CYS A 271 -41.37 22.11 26.46
N GLY A 272 -42.34 21.75 27.30
CA GLY A 272 -42.87 22.67 28.28
C GLY A 272 -43.59 23.86 27.71
N LEU A 273 -44.07 23.77 26.47
CA LEU A 273 -44.80 24.87 25.83
C LEU A 273 -46.31 24.71 25.96
N VAL A 274 -46.84 23.56 25.56
CA VAL A 274 -48.27 23.26 25.67
C VAL A 274 -48.40 21.98 26.49
N GLY A 275 -49.20 22.03 27.54
CA GLY A 275 -49.41 20.86 28.37
C GLY A 275 -49.86 21.18 29.79
N LYS A 276 -50.06 20.14 30.60
CA LYS A 276 -50.53 20.33 31.97
C LYS A 276 -49.43 20.92 32.83
N GLN A 277 -49.81 21.82 33.72
CA GLN A 277 -48.86 22.54 34.56
C GLN A 277 -48.63 21.79 35.86
N VAL A 278 -47.36 21.63 36.24
CA VAL A 278 -46.97 20.95 37.47
C VAL A 278 -45.86 21.75 38.14
N ASP A 279 -45.74 21.59 39.45
CA ASP A 279 -44.66 22.23 40.19
C ASP A 279 -43.32 21.64 39.76
N SER A 280 -42.34 22.52 39.53
CA SER A 280 -41.06 22.09 38.99
C SER A 280 -40.28 21.25 40.00
N ILE A 281 -40.16 21.73 41.24
CA ILE A 281 -39.23 21.13 42.19
C ILE A 281 -39.66 19.71 42.55
N GLU A 282 -40.94 19.54 42.93
CA GLU A 282 -41.40 18.23 43.38
C GLU A 282 -41.36 17.21 42.24
N TYR A 283 -41.86 17.60 41.07
CA TYR A 283 -41.87 16.70 39.93
C TYR A 283 -40.44 16.31 39.54
N TYR A 284 -39.54 17.29 39.47
CA TYR A 284 -38.16 16.98 39.09
C TYR A 284 -37.48 16.10 40.14
N THR A 285 -37.75 16.33 41.42
CA THR A 285 -37.14 15.50 42.47
C THR A 285 -37.61 14.05 42.37
N GLU A 286 -38.92 13.84 42.25
CA GLU A 286 -39.42 12.46 42.21
C GLU A 286 -38.99 11.77 40.91
N LEU A 287 -38.96 12.52 39.79
CA LEU A 287 -38.47 11.92 38.55
C LEU A 287 -36.98 11.61 38.63
N ILE A 288 -36.21 12.45 39.32
CA ILE A 288 -34.79 12.18 39.50
C ILE A 288 -34.58 10.91 40.31
N ASN A 289 -35.34 10.73 41.39
CA ASN A 289 -35.13 9.54 42.22
C ASN A 289 -35.56 8.27 41.49
N GLU A 290 -36.70 8.32 40.77
CA GLU A 290 -37.09 7.13 40.01
C GLU A 290 -36.06 6.82 38.94
N SER A 291 -35.52 7.85 38.29
CA SER A 291 -34.48 7.63 37.28
C SER A 291 -33.22 7.07 37.90
N VAL A 292 -32.87 7.48 39.12
CA VAL A 292 -31.71 6.92 39.80
C VAL A 292 -31.91 5.43 40.05
N ALA A 293 -33.09 5.06 40.55
CA ALA A 293 -33.36 3.65 40.80
C ALA A 293 -33.35 2.84 39.49
N LYS A 294 -33.96 3.38 38.45
CA LYS A 294 -34.02 2.66 37.18
C LYS A 294 -32.65 2.56 36.53
N LEU A 295 -31.81 3.60 36.68
CA LEU A 295 -30.45 3.54 36.19
C LEU A 295 -29.62 2.51 36.94
N GLU A 296 -29.80 2.42 38.27
CA GLU A 296 -29.11 1.38 39.03
C GLU A 296 -29.52 -0.01 38.54
N THR A 297 -30.82 -0.22 38.33
CA THR A 297 -31.27 -1.52 37.83
C THR A 297 -30.67 -1.83 36.47
N GLU A 298 -30.66 -0.84 35.57
CA GLU A 298 -30.10 -1.05 34.24
C GLU A 298 -28.60 -1.35 34.30
N GLN A 299 -27.86 -0.60 35.13
CA GLN A 299 -26.43 -0.85 35.26
C GLN A 299 -26.17 -2.25 35.78
N LYS A 300 -26.96 -2.70 36.75
CA LYS A 300 -26.83 -4.08 37.21
C LYS A 300 -27.13 -5.07 36.09
N ALA A 301 -28.14 -4.79 35.29
CA ALA A 301 -28.60 -5.72 34.26
C ALA A 301 -27.80 -5.63 32.96
N VAL A 302 -26.81 -4.75 32.88
CA VAL A 302 -26.00 -4.64 31.66
C VAL A 302 -25.33 -5.97 31.36
N LEU A 303 -24.72 -6.59 32.37
CA LEU A 303 -24.04 -7.86 32.18
C LEU A 303 -25.07 -8.95 31.90
N ALA A 304 -25.22 -9.32 30.63
CA ALA A 304 -26.28 -10.21 30.20
C ALA A 304 -25.69 -11.37 29.42
N GLU A 305 -26.58 -12.26 28.96
CA GLU A 305 -26.15 -13.45 28.24
C GLU A 305 -25.56 -13.13 26.88
N LYS A 306 -25.96 -12.01 26.28
CA LYS A 306 -25.39 -11.61 25.00
C LYS A 306 -23.90 -11.35 25.14
N GLN A 307 -23.15 -11.68 24.09
CA GLN A 307 -21.69 -11.68 24.13
C GLN A 307 -21.16 -10.51 23.31
N GLN A 308 -20.33 -9.68 23.94
CA GLN A 308 -19.73 -8.53 23.29
C GLN A 308 -18.33 -8.88 22.80
N THR A 309 -17.96 -8.36 21.64
CA THR A 309 -16.74 -8.76 20.95
C THR A 309 -15.72 -7.62 20.85
N ALA A 310 -15.54 -6.88 21.94
CA ALA A 310 -14.50 -5.86 22.01
C ALA A 310 -14.15 -5.64 23.47
N ALA A 311 -12.92 -5.18 23.70
CA ALA A 311 -12.45 -5.02 25.07
C ALA A 311 -11.28 -4.04 25.10
N VAL A 312 -10.99 -3.57 26.32
CA VAL A 312 -9.79 -2.80 26.61
C VAL A 312 -9.01 -3.57 27.66
N VAL A 313 -7.75 -3.90 27.36
CA VAL A 313 -6.94 -4.76 28.20
C VAL A 313 -5.79 -3.95 28.76
N PHE A 314 -5.62 -4.01 30.08
CA PHE A 314 -4.64 -3.20 30.79
C PHE A 314 -3.47 -4.07 31.24
N PHE A 315 -2.25 -3.59 31.00
CA PHE A 315 -1.03 -4.26 31.44
C PHE A 315 -0.38 -3.47 32.57
N THR A 316 0.53 -4.13 33.27
CA THR A 316 1.16 -3.53 34.43
C THR A 316 2.37 -2.66 34.08
N THR A 317 2.81 -2.67 32.83
CA THR A 317 3.96 -1.86 32.42
C THR A 317 3.66 -1.18 31.10
N ARG A 318 4.35 -0.06 30.87
CA ARG A 318 4.23 0.63 29.59
C ARG A 318 4.82 -0.22 28.46
N VAL A 319 5.89 -0.96 28.75
CA VAL A 319 6.56 -1.75 27.72
C VAL A 319 5.65 -2.86 27.22
N ALA A 320 5.02 -3.58 28.15
CA ALA A 320 4.12 -4.67 27.75
C ALA A 320 2.93 -4.14 26.98
N ALA A 321 2.36 -3.02 27.41
CA ALA A 321 1.20 -2.47 26.71
C ALA A 321 1.57 -1.81 25.40
N ALA A 322 2.85 -1.52 25.18
CA ALA A 322 3.30 -0.97 23.90
C ALA A 322 3.77 -2.06 22.96
N SER A 323 4.41 -3.11 23.48
CA SER A 323 4.80 -4.24 22.65
C SER A 323 3.61 -5.13 22.33
N ALA A 324 2.68 -5.31 23.27
CA ALA A 324 1.48 -6.10 23.01
C ALA A 324 0.35 -5.24 22.49
N ALA A 325 0.68 -4.39 21.52
CA ALA A 325 -0.29 -3.68 20.71
C ALA A 325 0.11 -3.68 19.25
N GLN A 326 1.36 -4.03 18.94
CA GLN A 326 1.85 -4.16 17.58
C GLN A 326 2.09 -5.62 17.21
N SER A 327 1.87 -6.54 18.15
CA SER A 327 2.06 -7.96 17.93
C SER A 327 0.78 -8.61 17.40
N LEU A 328 0.93 -9.82 16.89
CA LEU A 328 -0.19 -10.63 16.41
C LEU A 328 -0.51 -11.68 17.46
N HIS A 329 -1.78 -11.72 17.89
CA HIS A 329 -2.15 -12.53 19.03
C HIS A 329 -2.80 -13.86 18.68
N CYS A 330 -3.43 -13.96 17.51
CA CYS A 330 -3.99 -15.21 17.04
C CYS A 330 -3.56 -15.43 15.59
N GLN A 331 -3.36 -16.69 15.22
CA GLN A 331 -2.92 -16.96 13.85
C GLN A 331 -4.07 -16.94 12.87
N MET A 332 -4.94 -15.94 13.02
CA MET A 332 -6.07 -15.66 12.14
C MET A 332 -6.36 -14.18 12.36
N VAL A 333 -5.93 -13.33 11.44
CA VAL A 333 -5.96 -11.88 11.70
C VAL A 333 -7.39 -11.36 11.78
N ASP A 334 -8.37 -12.25 11.58
CA ASP A 334 -9.74 -11.92 11.96
C ASP A 334 -9.84 -11.70 13.46
N LYS A 335 -9.53 -12.73 14.24
CA LYS A 335 -9.84 -12.79 15.66
C LYS A 335 -8.75 -12.11 16.49
N TRP A 336 -9.19 -11.46 17.57
CA TRP A 336 -8.30 -10.78 18.51
C TRP A 336 -7.43 -9.73 17.80
N THR A 337 -8.08 -8.86 17.03
CA THR A 337 -7.40 -7.74 16.40
C THR A 337 -7.08 -6.70 17.47
N VAL A 338 -5.79 -6.44 17.67
CA VAL A 338 -5.31 -5.61 18.77
C VAL A 338 -4.60 -4.38 18.21
N THR A 339 -4.99 -3.21 18.70
CA THR A 339 -4.30 -1.96 18.40
C THR A 339 -4.10 -1.20 19.71
N GLU A 340 -3.37 -0.09 19.63
CA GLU A 340 -3.18 0.76 20.79
C GLU A 340 -4.52 1.34 21.23
N ALA A 341 -4.78 1.29 22.53
CA ALA A 341 -6.03 1.81 23.06
C ALA A 341 -6.02 3.33 22.97
N PRO A 342 -7.04 3.95 22.39
CA PRO A 342 -7.12 5.42 22.37
C PRO A 342 -7.35 5.96 23.77
N GLU A 343 -7.29 7.29 23.87
CA GLU A 343 -7.56 7.95 25.13
C GLU A 343 -8.99 7.65 25.58
N PRO A 344 -9.25 7.66 26.89
CA PRO A 344 -10.65 7.58 27.34
C PRO A 344 -11.51 8.70 26.79
N ARG A 345 -10.92 9.87 26.56
CA ARG A 345 -11.60 10.98 25.89
C ARG A 345 -11.81 10.73 24.41
N GLN A 346 -11.16 9.72 23.83
CA GLN A 346 -11.19 9.51 22.39
C GLN A 346 -11.91 8.26 21.95
N LEU A 347 -12.17 7.31 22.86
CA LEU A 347 -12.85 6.08 22.46
C LEU A 347 -14.25 6.37 21.93
N LEU A 348 -14.58 5.76 20.80
CA LEU A 348 -15.93 5.71 20.29
C LEU A 348 -16.49 4.35 20.73
N TRP A 349 -17.05 4.32 21.94
CA TRP A 349 -17.52 3.07 22.52
C TRP A 349 -18.59 2.40 21.67
N GLN A 350 -19.31 3.17 20.85
CA GLN A 350 -20.32 2.59 19.98
C GLN A 350 -19.71 1.89 18.77
N ASN A 351 -18.54 2.34 18.32
CA ASN A 351 -17.92 1.78 17.12
C ASN A 351 -17.16 0.50 17.41
N LEU A 352 -16.99 0.12 18.67
CA LEU A 352 -16.48 -1.20 19.00
C LEU A 352 -17.54 -2.25 18.71
N ASN A 353 -17.23 -3.51 19.01
CA ASN A 353 -18.14 -4.63 18.79
C ASN A 353 -18.53 -4.76 17.32
N ILE A 354 -17.65 -4.36 16.42
CA ILE A 354 -17.86 -4.47 14.98
C ILE A 354 -16.74 -5.32 14.39
N LYS A 355 -17.11 -6.36 13.67
CA LYS A 355 -16.16 -7.34 13.18
C LYS A 355 -15.57 -6.91 11.84
N LEU A 356 -14.66 -7.73 11.31
CA LEU A 356 -13.82 -7.31 10.19
C LEU A 356 -14.60 -7.21 8.89
N PHE A 357 -15.42 -8.22 8.57
CA PHE A 357 -16.27 -8.13 7.39
C PHE A 357 -17.24 -6.96 7.49
N SER A 358 -17.82 -6.75 8.68
CA SER A 358 -18.72 -5.63 8.85
C SER A 358 -17.99 -4.31 8.59
N ARG A 359 -16.79 -4.15 9.13
CA ARG A 359 -16.02 -2.94 8.92
C ARG A 359 -15.69 -2.73 7.45
N ILE A 360 -15.29 -3.80 6.76
CA ILE A 360 -14.91 -3.69 5.35
C ILE A 360 -16.11 -3.31 4.50
N ILE A 361 -17.26 -3.94 4.75
CA ILE A 361 -18.47 -3.61 4.00
C ILE A 361 -18.88 -2.16 4.25
N ARG A 362 -18.84 -1.73 5.50
CA ARG A 362 -19.19 -0.35 5.82
C ARG A 362 -18.23 0.63 5.15
N GLN A 363 -16.93 0.32 5.14
CA GLN A 363 -15.96 1.18 4.49
C GLN A 363 -16.25 1.30 3.00
N TYR A 364 -16.47 0.17 2.34
CA TYR A 364 -16.69 0.21 0.89
C TYR A 364 -17.96 0.97 0.54
N PHE A 365 -19.06 0.71 1.27
CA PHE A 365 -20.30 1.40 0.98
C PHE A 365 -20.19 2.89 1.27
N ILE A 366 -19.47 3.26 2.34
CA ILE A 366 -19.31 4.67 2.67
C ILE A 366 -18.46 5.37 1.60
N TYR A 367 -17.42 4.69 1.09
CA TYR A 367 -16.62 5.29 0.02
C TYR A 367 -17.45 5.48 -1.25
N PHE A 368 -18.28 4.49 -1.59
CA PHE A 368 -19.14 4.63 -2.75
C PHE A 368 -20.12 5.80 -2.58
N PHE A 369 -20.71 5.91 -1.39
CA PHE A 369 -21.60 7.03 -1.12
C PHE A 369 -20.87 8.36 -1.18
N VAL A 370 -19.61 8.39 -0.75
CA VAL A 370 -18.83 9.62 -0.82
C VAL A 370 -18.62 10.02 -2.28
N ALA A 371 -18.33 9.05 -3.15
CA ALA A 371 -18.20 9.38 -4.57
C ALA A 371 -19.53 9.89 -5.15
N VAL A 372 -20.64 9.26 -4.75
CA VAL A 372 -21.95 9.68 -5.25
C VAL A 372 -22.23 11.12 -4.84
N THR A 373 -21.97 11.46 -3.59
CA THR A 373 -22.18 12.85 -3.17
C THR A 373 -21.11 13.78 -3.71
N ILE A 374 -19.95 13.26 -4.12
CA ILE A 374 -19.00 14.06 -4.88
C ILE A 374 -19.66 14.58 -6.16
N LEU A 375 -20.32 13.68 -6.89
CA LEU A 375 -21.04 14.12 -8.08
C LEU A 375 -22.21 15.06 -7.72
N PHE A 376 -22.95 14.71 -6.66
CA PHE A 376 -24.14 15.48 -6.30
C PHE A 376 -23.79 16.88 -5.84
N TYR A 377 -22.58 17.10 -5.33
CA TYR A 377 -22.06 18.45 -5.11
C TYR A 377 -21.29 19.00 -6.29
N MET A 378 -20.92 18.16 -7.27
CA MET A 378 -20.38 18.68 -8.52
C MET A 378 -21.45 19.47 -9.27
N ILE A 379 -22.72 19.13 -9.06
CA ILE A 379 -23.79 19.91 -9.70
C ILE A 379 -23.81 21.36 -9.18
N PRO A 380 -23.93 21.61 -7.86
CA PRO A 380 -23.89 23.01 -7.40
C PRO A 380 -22.56 23.69 -7.62
N ILE A 381 -21.47 22.94 -7.75
CA ILE A 381 -20.20 23.54 -8.17
C ILE A 381 -20.34 24.14 -9.56
N ALA A 382 -21.01 23.42 -10.46
CA ALA A 382 -21.30 23.96 -11.78
C ALA A 382 -22.18 25.20 -11.67
N PHE A 383 -23.18 25.18 -10.77
CA PHE A 383 -24.00 26.37 -10.59
C PHE A 383 -23.17 27.57 -10.13
N VAL A 384 -22.28 27.35 -9.16
CA VAL A 384 -21.46 28.44 -8.63
C VAL A 384 -20.57 29.02 -9.71
N SER A 385 -19.85 28.15 -10.42
CA SER A 385 -18.97 28.63 -11.48
C SER A 385 -19.75 29.30 -12.60
N ALA A 386 -21.00 28.88 -12.82
CA ALA A 386 -21.86 29.56 -13.77
C ALA A 386 -22.19 30.98 -13.31
N ILE A 387 -22.48 31.13 -12.01
CA ILE A 387 -22.82 32.46 -11.49
C ILE A 387 -21.60 33.38 -11.51
N THR A 388 -20.39 32.85 -11.35
CA THR A 388 -19.19 33.69 -11.33
C THR A 388 -19.08 34.51 -12.61
N THR A 389 -19.20 33.85 -13.77
CA THR A 389 -19.09 34.53 -15.06
C THR A 389 -20.49 34.86 -15.58
N LEU A 390 -21.11 35.83 -14.91
CA LEU A 390 -22.50 36.16 -15.18
C LEU A 390 -22.67 36.80 -16.56
N LYS A 391 -21.71 37.62 -16.98
CA LYS A 391 -21.82 38.29 -18.28
C LYS A 391 -21.75 37.29 -19.43
N ASN A 392 -20.83 36.34 -19.36
CA ASN A 392 -20.74 35.32 -20.40
C ASN A 392 -21.93 34.37 -20.37
N LEU A 393 -22.63 34.29 -19.24
CA LEU A 393 -23.83 33.48 -19.14
C LEU A 393 -25.07 34.20 -19.63
N GLN A 394 -24.92 35.43 -20.12
CA GLN A 394 -26.04 36.08 -20.80
C GLN A 394 -26.25 35.51 -22.20
N ARG A 395 -25.16 35.11 -22.88
CA ARG A 395 -25.29 34.52 -24.20
C ARG A 395 -25.98 33.16 -24.14
N ILE A 396 -25.53 32.28 -23.25
CA ILE A 396 -26.29 31.10 -22.92
C ILE A 396 -27.54 31.52 -22.15
N ILE A 397 -28.60 30.75 -22.28
CA ILE A 397 -29.90 30.99 -21.62
C ILE A 397 -30.21 32.48 -21.55
N PRO A 398 -30.47 33.14 -22.69
CA PRO A 398 -30.57 34.61 -22.69
C PRO A 398 -31.78 35.15 -21.96
N PHE A 399 -32.49 34.29 -21.25
CA PHE A 399 -33.63 34.74 -20.45
C PHE A 399 -33.20 35.68 -19.33
N ILE A 400 -31.93 35.63 -18.93
CA ILE A 400 -31.43 36.43 -17.82
C ILE A 400 -31.00 37.81 -18.32
N LYS A 401 -31.32 38.13 -19.56
CA LYS A 401 -30.99 39.46 -20.10
C LYS A 401 -31.58 40.60 -19.28
N PRO A 402 -32.87 40.59 -18.92
CA PRO A 402 -33.41 41.76 -18.20
C PRO A 402 -32.71 42.05 -16.88
N VAL A 403 -32.35 41.02 -16.11
CA VAL A 403 -31.68 41.28 -14.84
C VAL A 403 -30.25 41.77 -15.06
N VAL A 404 -29.52 41.16 -15.99
CA VAL A 404 -28.15 41.59 -16.30
C VAL A 404 -28.27 42.62 -17.41
N GLU A 405 -28.63 43.84 -17.03
CA GLU A 405 -28.52 45.00 -17.92
C GLU A 405 -27.78 46.12 -17.19
N ILE A 406 -28.11 46.31 -15.92
CA ILE A 406 -27.53 47.36 -15.11
C ILE A 406 -26.34 46.81 -14.35
N THR A 407 -25.28 47.62 -14.24
CA THR A 407 -24.03 47.14 -13.68
C THR A 407 -24.16 46.77 -12.21
N ALA A 408 -25.03 47.48 -11.47
CA ALA A 408 -25.10 47.29 -10.02
C ALA A 408 -25.49 45.86 -9.66
N ILE A 409 -26.58 45.36 -10.25
CA ILE A 409 -27.07 44.03 -9.89
C ILE A 409 -26.05 42.97 -10.31
N ARG A 410 -25.52 43.08 -11.53
CA ARG A 410 -24.54 42.11 -11.99
C ARG A 410 -23.29 42.15 -11.10
N THR A 411 -22.83 43.35 -10.76
CA THR A 411 -21.63 43.46 -9.93
C THR A 411 -21.84 42.83 -8.57
N VAL A 412 -22.95 43.15 -7.90
CA VAL A 412 -23.15 42.61 -6.56
C VAL A 412 -23.34 41.10 -6.61
N LEU A 413 -24.08 40.60 -7.61
CA LEU A 413 -24.25 39.15 -7.72
C LEU A 413 -22.91 38.46 -7.93
N GLU A 414 -22.12 38.92 -8.91
CA GLU A 414 -20.84 38.28 -9.18
C GLU A 414 -19.92 38.36 -7.97
N SER A 415 -19.93 39.48 -7.26
CA SER A 415 -18.98 39.67 -6.17
C SER A 415 -19.40 39.02 -4.87
N PHE A 416 -20.67 38.64 -4.72
CA PHE A 416 -21.10 38.05 -3.45
C PHE A 416 -21.67 36.65 -3.58
N LEU A 417 -22.60 36.43 -4.51
CA LEU A 417 -23.40 35.20 -4.48
C LEU A 417 -22.59 33.91 -4.62
N PRO A 418 -21.68 33.77 -5.61
CA PRO A 418 -20.96 32.48 -5.72
C PRO A 418 -20.17 32.13 -4.48
N GLN A 419 -19.54 33.12 -3.85
CA GLN A 419 -18.76 32.85 -2.64
C GLN A 419 -19.66 32.38 -1.50
N ILE A 420 -20.82 33.01 -1.34
CA ILE A 420 -21.75 32.61 -0.29
C ILE A 420 -22.25 31.19 -0.53
N ALA A 421 -22.59 30.88 -1.79
CA ALA A 421 -23.07 29.53 -2.09
C ALA A 421 -21.99 28.49 -1.83
N LEU A 422 -20.76 28.76 -2.26
CA LEU A 422 -19.66 27.84 -2.02
C LEU A 422 -19.42 27.64 -0.54
N ILE A 423 -19.47 28.72 0.24
CA ILE A 423 -19.29 28.61 1.68
C ILE A 423 -20.39 27.76 2.30
N VAL A 424 -21.63 27.97 1.86
CA VAL A 424 -22.75 27.21 2.43
C VAL A 424 -22.57 25.72 2.16
N PHE A 425 -22.23 25.36 0.93
CA PHE A 425 -22.08 23.94 0.60
C PHE A 425 -20.90 23.32 1.33
N LEU A 426 -19.74 23.97 1.27
CA LEU A 426 -18.54 23.45 1.93
C LEU A 426 -18.64 23.53 3.44
N ALA A 427 -19.64 24.23 3.99
CA ALA A 427 -19.89 24.21 5.42
C ALA A 427 -20.86 23.11 5.81
N MET A 428 -21.81 22.77 4.94
CA MET A 428 -22.63 21.59 5.20
C MET A 428 -21.80 20.31 5.10
N LEU A 429 -20.72 20.33 4.32
CA LEU A 429 -19.91 19.12 4.15
C LEU A 429 -19.34 18.54 5.45
N PRO A 430 -18.67 19.32 6.33
CA PRO A 430 -17.92 18.68 7.43
C PRO A 430 -18.73 17.77 8.33
N LYS A 431 -19.96 18.16 8.68
CA LYS A 431 -20.75 17.34 9.60
C LYS A 431 -21.10 16.00 8.97
N LEU A 432 -21.53 16.01 7.72
CA LEU A 432 -21.83 14.76 7.02
C LEU A 432 -20.59 13.89 6.91
N LEU A 433 -19.44 14.50 6.59
CA LEU A 433 -18.23 13.70 6.43
C LEU A 433 -17.77 13.10 7.75
N LEU A 434 -17.91 13.84 8.86
CA LEU A 434 -17.54 13.31 10.15
C LEU A 434 -18.49 12.20 10.59
N PHE A 435 -19.78 12.35 10.28
CA PHE A 435 -20.73 11.28 10.58
C PHE A 435 -20.42 10.02 9.77
N LEU A 436 -20.10 10.18 8.50
CA LEU A 436 -19.76 9.03 7.66
C LEU A 436 -18.49 8.35 8.15
N SER A 437 -17.47 9.14 8.52
CA SER A 437 -16.22 8.56 8.97
C SER A 437 -16.41 7.74 10.25
N LYS A 438 -17.24 8.23 11.17
CA LYS A 438 -17.51 7.49 12.40
C LYS A 438 -18.32 6.23 12.15
N ALA A 439 -18.93 6.10 10.98
CA ALA A 439 -19.75 4.94 10.65
C ALA A 439 -18.97 3.80 10.03
N GLU A 440 -17.65 3.94 9.90
CA GLU A 440 -16.81 2.87 9.38
C GLU A 440 -16.31 1.92 10.45
N GLY A 441 -16.72 2.12 11.70
CA GLY A 441 -16.18 1.35 12.79
C GLY A 441 -14.89 1.88 13.35
N ILE A 442 -14.52 3.11 13.00
CA ILE A 442 -13.28 3.72 13.52
C ILE A 442 -13.42 3.89 15.03
N PRO A 443 -12.44 3.44 15.82
CA PRO A 443 -12.60 3.41 17.28
C PRO A 443 -12.06 4.62 18.03
N SER A 444 -11.65 5.68 17.36
CA SER A 444 -11.13 6.85 18.05
C SER A 444 -11.62 8.13 17.37
N GLN A 445 -11.67 9.21 18.15
CA GLN A 445 -12.13 10.49 17.61
C GLN A 445 -11.10 11.10 16.68
N SER A 446 -9.82 10.99 17.02
CA SER A 446 -8.78 11.58 16.18
C SER A 446 -8.75 10.93 14.80
N HIS A 447 -8.83 9.60 14.77
CA HIS A 447 -8.84 8.90 13.48
C HIS A 447 -10.07 9.25 12.66
N ALA A 448 -11.23 9.35 13.32
CA ALA A 448 -12.44 9.74 12.62
C ALA A 448 -12.33 11.15 12.06
N ILE A 449 -11.76 12.07 12.84
CA ILE A 449 -11.59 13.45 12.38
C ILE A 449 -10.65 13.51 11.18
N ARG A 450 -9.54 12.78 11.23
CA ARG A 450 -8.60 12.86 10.11
C ARG A 450 -9.12 12.10 8.89
N ALA A 451 -9.95 11.08 9.07
CA ALA A 451 -10.59 10.44 7.93
C ALA A 451 -11.63 11.38 7.30
N ALA A 452 -12.37 12.12 8.12
CA ALA A 452 -13.26 13.13 7.59
C ALA A 452 -12.48 14.21 6.84
N SER A 453 -11.31 14.56 7.35
CA SER A 453 -10.45 15.51 6.65
C SER A 453 -10.00 14.97 5.30
N GLY A 454 -9.68 13.68 5.24
CA GLY A 454 -9.31 13.09 3.96
C GLY A 454 -10.45 13.09 2.96
N LYS A 455 -11.66 12.73 3.41
CA LYS A 455 -12.82 12.78 2.52
C LYS A 455 -13.10 14.21 2.06
N TYR A 456 -12.98 15.18 2.97
CA TYR A 456 -13.15 16.56 2.58
C TYR A 456 -12.07 17.02 1.61
N PHE A 457 -10.86 16.45 1.72
CA PHE A 457 -9.82 16.78 0.75
C PHE A 457 -10.16 16.26 -0.63
N TYR A 458 -10.73 15.05 -0.69
CA TYR A 458 -11.22 14.55 -1.98
C TYR A 458 -12.28 15.48 -2.54
N PHE A 459 -13.23 15.91 -1.69
CA PHE A 459 -14.22 16.89 -2.10
C PHE A 459 -13.57 18.16 -2.62
N SER A 460 -12.68 18.75 -1.82
CA SER A 460 -11.98 19.97 -2.18
C SER A 460 -11.35 19.83 -3.56
N VAL A 461 -10.42 18.89 -3.70
CA VAL A 461 -9.69 18.72 -4.94
C VAL A 461 -10.68 18.56 -6.09
N PHE A 462 -11.42 17.46 -6.10
CA PHE A 462 -12.23 17.16 -7.29
C PHE A 462 -13.27 18.25 -7.49
N ASN A 463 -14.23 18.34 -6.58
CA ASN A 463 -15.33 19.29 -6.78
C ASN A 463 -14.78 20.70 -6.94
N VAL A 464 -14.18 21.28 -5.89
CA VAL A 464 -13.83 22.69 -5.95
C VAL A 464 -12.92 22.94 -7.14
N PHE A 465 -11.70 22.39 -7.14
CA PHE A 465 -10.78 22.75 -8.21
C PHE A 465 -11.31 22.31 -9.57
N ILE A 466 -11.45 21.00 -9.78
CA ILE A 466 -11.70 20.52 -11.13
C ILE A 466 -13.07 21.02 -11.63
N GLY A 467 -14.11 20.89 -10.81
CA GLY A 467 -15.42 21.34 -11.23
C GLY A 467 -15.47 22.82 -11.51
N VAL A 468 -14.96 23.66 -10.59
CA VAL A 468 -15.05 25.10 -10.81
C VAL A 468 -14.21 25.50 -12.02
N THR A 469 -13.00 24.96 -12.15
CA THR A 469 -12.13 25.33 -13.27
C THR A 469 -12.74 24.88 -14.59
N LEU A 470 -13.16 23.62 -14.69
CA LEU A 470 -13.72 23.12 -15.92
C LEU A 470 -15.02 23.84 -16.29
N ALA A 471 -15.87 24.13 -15.30
CA ALA A 471 -17.09 24.86 -15.58
C ALA A 471 -16.78 26.27 -16.05
N GLY A 472 -15.79 26.93 -15.44
CA GLY A 472 -15.39 28.23 -15.94
C GLY A 472 -14.91 28.16 -17.38
N THR A 473 -14.12 27.14 -17.70
CA THR A 473 -13.67 26.95 -19.07
C THR A 473 -14.84 26.79 -20.02
N LEU A 474 -15.80 25.94 -19.66
CA LEU A 474 -16.90 25.65 -20.57
C LEU A 474 -17.83 26.85 -20.73
N PHE A 475 -18.26 27.45 -19.62
CA PHE A 475 -19.12 28.63 -19.73
C PHE A 475 -18.40 29.81 -20.38
N ASN A 476 -17.06 29.80 -20.40
CA ASN A 476 -16.32 30.86 -21.07
C ASN A 476 -15.97 30.55 -22.51
N THR A 477 -16.16 29.32 -22.98
CA THR A 477 -15.67 28.94 -24.30
C THR A 477 -16.66 28.19 -25.18
N VAL A 478 -17.68 27.53 -24.63
CA VAL A 478 -18.52 26.65 -25.45
C VAL A 478 -19.23 27.47 -26.53
N LYS A 479 -19.80 28.61 -26.16
CA LYS A 479 -20.49 29.43 -27.16
C LYS A 479 -19.54 30.02 -28.18
N ASP A 480 -18.26 30.16 -27.85
CA ASP A 480 -17.27 30.63 -28.81
C ASP A 480 -16.63 29.51 -29.61
N ILE A 481 -16.92 28.26 -29.28
CA ILE A 481 -16.45 27.11 -30.08
C ILE A 481 -17.53 26.84 -31.12
N ALA A 482 -17.46 27.59 -32.22
CA ALA A 482 -18.31 27.33 -33.38
C ALA A 482 -17.59 26.43 -34.38
N LYS A 483 -16.37 26.79 -34.75
CA LYS A 483 -15.50 25.91 -35.49
C LYS A 483 -14.92 24.85 -34.56
N ASN A 484 -14.52 23.73 -35.14
CA ASN A 484 -13.88 22.65 -34.39
C ASN A 484 -12.57 22.19 -35.03
N PRO A 485 -11.57 23.07 -35.18
CA PRO A 485 -10.20 22.58 -35.36
C PRO A 485 -9.54 22.27 -34.04
N LYS A 486 -8.78 21.18 -33.95
CA LYS A 486 -8.03 20.90 -32.74
C LYS A 486 -6.90 21.90 -32.53
N LEU A 487 -6.41 22.52 -33.61
CA LEU A 487 -5.34 23.50 -33.49
C LEU A 487 -5.80 24.80 -32.84
N ASP A 488 -7.08 25.14 -32.94
CA ASP A 488 -7.61 26.38 -32.39
C ASP A 488 -8.48 26.19 -31.17
N MET A 489 -9.11 25.03 -31.00
CA MET A 489 -9.94 24.79 -29.82
C MET A 489 -9.09 24.73 -28.56
N ILE A 490 -7.91 24.12 -28.64
CA ILE A 490 -7.08 23.92 -27.45
C ILE A 490 -6.63 25.27 -26.89
N ILE A 491 -6.07 26.12 -27.75
CA ILE A 491 -5.53 27.40 -27.26
C ILE A 491 -6.64 28.31 -26.79
N ASN A 492 -7.74 28.37 -27.54
CA ASN A 492 -8.88 29.18 -27.12
C ASN A 492 -9.37 28.75 -25.74
N LEU A 493 -9.67 27.46 -25.60
CA LEU A 493 -10.08 26.90 -24.32
C LEU A 493 -9.13 27.33 -23.21
N LEU A 494 -7.87 26.91 -23.31
CA LEU A 494 -6.91 27.11 -22.25
C LEU A 494 -6.78 28.58 -21.88
N ALA A 495 -6.33 29.40 -22.84
CA ALA A 495 -6.00 30.79 -22.57
C ALA A 495 -7.22 31.57 -22.12
N THR A 496 -8.30 31.52 -22.92
CA THR A 496 -9.46 32.32 -22.54
C THR A 496 -10.25 31.70 -21.40
N SER A 497 -9.79 30.61 -20.80
CA SER A 497 -10.58 29.95 -19.76
C SER A 497 -9.96 29.97 -18.37
N LEU A 498 -8.74 29.43 -18.19
CA LEU A 498 -8.32 29.10 -16.82
C LEU A 498 -8.16 30.30 -15.89
N PRO A 499 -7.50 31.40 -16.28
CA PRO A 499 -7.35 32.52 -15.33
C PRO A 499 -8.65 33.14 -14.85
N LYS A 500 -9.78 32.91 -15.52
CA LYS A 500 -11.05 33.38 -14.98
C LYS A 500 -11.37 32.69 -13.67
N SER A 501 -11.27 31.36 -13.65
CA SER A 501 -11.41 30.61 -12.42
C SER A 501 -10.34 31.04 -11.42
N ALA A 502 -9.14 31.36 -11.91
CA ALA A 502 -8.10 31.87 -11.01
C ALA A 502 -8.57 33.12 -10.28
N THR A 503 -9.15 34.07 -11.02
CA THR A 503 -9.62 35.32 -10.41
C THR A 503 -10.74 35.06 -9.40
N PHE A 504 -11.67 34.17 -9.75
CA PHE A 504 -12.71 33.83 -8.78
C PHE A 504 -12.09 33.27 -7.51
N PHE A 505 -11.03 32.47 -7.64
CA PHE A 505 -10.39 31.91 -6.46
C PHE A 505 -9.66 32.99 -5.65
N LEU A 506 -9.07 33.99 -6.32
CA LEU A 506 -8.55 35.14 -5.58
C LEU A 506 -9.63 35.74 -4.72
N THR A 507 -10.81 35.99 -5.31
CA THR A 507 -11.90 36.60 -4.56
C THR A 507 -12.33 35.72 -3.38
N TYR A 508 -12.46 34.42 -3.62
CA TYR A 508 -12.91 33.52 -2.56
C TYR A 508 -11.91 33.45 -1.41
N VAL A 509 -10.62 33.37 -1.73
CA VAL A 509 -9.60 33.28 -0.68
C VAL A 509 -9.54 34.58 0.11
N ALA A 510 -9.66 35.72 -0.58
CA ALA A 510 -9.66 37.00 0.13
C ALA A 510 -10.85 37.10 1.06
N LEU A 511 -12.04 36.73 0.57
CA LEU A 511 -13.21 36.67 1.43
C LEU A 511 -12.94 35.81 2.65
N LYS A 512 -12.37 34.62 2.43
CA LYS A 512 -12.06 33.71 3.52
C LYS A 512 -11.20 34.40 4.57
N PHE A 513 -9.98 34.78 4.21
CA PHE A 513 -9.10 35.24 5.29
C PHE A 513 -9.59 36.55 5.90
N PHE A 514 -9.97 37.55 5.09
CA PHE A 514 -10.54 38.76 5.70
C PHE A 514 -11.73 38.50 6.62
N ILE A 515 -12.87 38.05 6.08
CA ILE A 515 -14.06 38.02 6.90
C ILE A 515 -14.02 36.90 7.92
N GLY A 516 -13.49 35.73 7.55
CA GLY A 516 -13.37 34.65 8.52
C GLY A 516 -12.48 35.01 9.70
N TYR A 517 -11.31 35.60 9.45
CA TYR A 517 -10.45 35.94 10.56
C TYR A 517 -10.98 37.14 11.34
N GLY A 518 -11.73 38.03 10.69
CA GLY A 518 -12.41 39.08 11.43
C GLY A 518 -13.46 38.52 12.36
N LEU A 519 -14.26 37.56 11.88
CA LEU A 519 -15.29 36.96 12.71
C LEU A 519 -14.69 36.03 13.76
N GLU A 520 -13.44 35.60 13.56
CA GLU A 520 -12.82 34.71 14.53
C GLU A 520 -12.14 35.49 15.65
N LEU A 521 -11.35 36.51 15.30
CA LEU A 521 -10.76 37.35 16.33
C LEU A 521 -11.83 38.13 17.08
N SER A 522 -12.69 38.85 16.35
CA SER A 522 -13.73 39.64 17.00
C SER A 522 -14.67 38.75 17.80
N ARG A 523 -14.94 37.55 17.30
CA ARG A 523 -15.67 36.53 18.03
C ARG A 523 -17.06 37.04 18.43
N ILE A 524 -17.64 37.87 17.57
CA ILE A 524 -18.92 38.52 17.90
C ILE A 524 -20.05 37.50 17.91
N ILE A 525 -20.02 36.52 16.99
CA ILE A 525 -21.07 35.51 16.96
C ILE A 525 -21.14 34.72 18.26
N PRO A 526 -20.04 34.22 18.83
CA PRO A 526 -20.10 33.68 20.19
C PRO A 526 -20.30 34.74 21.25
N LEU A 527 -20.05 36.02 20.95
CA LEU A 527 -20.27 37.10 21.91
C LEU A 527 -21.69 37.64 21.84
N ILE A 528 -22.34 37.58 20.68
CA ILE A 528 -23.76 37.91 20.61
C ILE A 528 -24.59 36.83 21.28
N ILE A 529 -24.24 35.56 21.07
CA ILE A 529 -24.94 34.46 21.74
C ILE A 529 -24.75 34.57 23.24
N PHE A 530 -23.51 34.78 23.68
CA PHE A 530 -23.27 35.15 25.07
C PHE A 530 -23.79 36.56 25.32
N HIS A 531 -23.89 36.93 26.59
CA HIS A 531 -24.41 38.23 27.00
C HIS A 531 -25.89 38.35 26.65
N LEU A 532 -26.41 37.35 25.96
CA LEU A 532 -27.81 37.19 25.60
C LEU A 532 -28.38 35.89 26.13
N LYS A 533 -27.58 34.83 26.15
CA LYS A 533 -27.90 33.62 26.90
C LYS A 533 -27.64 33.80 28.39
N LYS A 534 -27.05 34.91 28.80
CA LYS A 534 -26.78 35.20 30.20
C LYS A 534 -27.75 36.18 30.82
N LYS A 535 -28.05 37.30 30.14
CA LYS A 535 -28.89 38.33 30.73
C LYS A 535 -30.37 38.04 30.52
N TYR A 536 -30.73 37.33 29.46
CA TYR A 536 -32.11 36.89 29.27
C TYR A 536 -32.39 35.63 30.09
N LEU A 537 -33.50 34.96 29.78
CA LEU A 537 -34.05 33.91 30.64
C LEU A 537 -33.05 32.78 30.89
N CYS A 538 -32.13 32.53 29.97
CA CYS A 538 -31.16 31.47 30.17
C CYS A 538 -30.10 31.90 31.19
N LYS A 539 -29.35 30.92 31.68
CA LYS A 539 -28.30 31.13 32.67
C LYS A 539 -28.87 31.77 33.94
N THR A 540 -29.71 31.01 34.62
CA THR A 540 -30.25 31.43 35.91
C THR A 540 -29.23 31.17 37.02
N GLU A 541 -28.79 29.92 37.16
CA GLU A 541 -27.77 29.57 38.14
C GLU A 541 -26.39 29.97 37.61
N ALA A 542 -25.35 29.71 38.42
CA ALA A 542 -24.01 30.11 38.04
C ALA A 542 -23.54 29.41 36.78
N GLU A 543 -23.30 28.10 36.85
CA GLU A 543 -22.95 27.24 35.72
C GLU A 543 -22.07 27.97 34.70
N VAL A 544 -20.98 28.56 35.18
CA VAL A 544 -20.20 29.50 34.36
C VAL A 544 -19.64 28.82 33.12
N LYS A 545 -19.10 27.61 33.27
CA LYS A 545 -18.37 26.98 32.17
C LYS A 545 -19.28 26.69 30.98
N GLU A 546 -20.50 26.22 31.24
CA GLU A 546 -21.36 25.75 30.17
C GLU A 546 -21.74 26.85 29.18
N ALA A 547 -21.86 28.09 29.65
CA ALA A 547 -22.30 29.18 28.79
C ALA A 547 -21.23 29.62 27.80
N TRP A 548 -19.97 29.72 28.24
CA TRP A 548 -18.91 30.27 27.40
C TRP A 548 -17.75 29.31 27.21
N TYR A 549 -18.02 28.00 27.27
CA TYR A 549 -16.95 27.04 27.06
C TYR A 549 -16.41 27.17 25.64
N PRO A 550 -15.12 27.38 25.45
CA PRO A 550 -14.62 27.67 24.10
C PRO A 550 -14.69 26.47 23.15
N GLY A 551 -14.25 25.31 23.61
CA GLY A 551 -14.28 24.13 22.77
C GLY A 551 -12.97 23.87 22.05
N ASP A 552 -12.97 22.78 21.29
CA ASP A 552 -11.80 22.34 20.55
C ASP A 552 -11.50 23.31 19.40
N LEU A 553 -10.29 23.19 18.85
CA LEU A 553 -9.94 23.94 17.65
C LEU A 553 -10.69 23.45 16.42
N SER A 554 -11.34 22.28 16.51
CA SER A 554 -12.15 21.72 15.43
C SER A 554 -11.30 21.51 14.17
N TYR A 555 -10.32 20.61 14.29
CA TYR A 555 -9.50 20.24 13.16
C TYR A 555 -10.31 19.58 12.05
N ALA A 556 -11.50 19.07 12.36
CA ALA A 556 -12.35 18.49 11.34
C ALA A 556 -12.91 19.52 10.38
N THR A 557 -12.89 20.79 10.74
CA THR A 557 -13.32 21.88 9.88
C THR A 557 -12.22 22.87 9.54
N ARG A 558 -11.26 23.07 10.45
CA ARG A 558 -10.18 24.01 10.20
C ARG A 558 -9.21 23.46 9.16
N VAL A 559 -8.56 22.34 9.46
CA VAL A 559 -7.55 21.78 8.57
C VAL A 559 -8.10 21.54 7.17
N PRO A 560 -9.30 21.01 6.98
CA PRO A 560 -9.85 20.93 5.61
C PRO A 560 -9.91 22.26 4.89
N GLY A 561 -10.29 23.35 5.58
CA GLY A 561 -10.32 24.65 4.93
C GLY A 561 -8.93 25.16 4.58
N ASP A 562 -7.99 25.05 5.52
CA ASP A 562 -6.62 25.45 5.23
C ASP A 562 -6.06 24.67 4.06
N MET A 563 -6.39 23.38 3.98
CA MET A 563 -5.88 22.53 2.91
C MET A 563 -6.58 22.80 1.58
N LEU A 564 -7.84 23.23 1.62
CA LEU A 564 -8.48 23.71 0.39
C LEU A 564 -7.78 24.94 -0.15
N ILE A 565 -7.47 25.89 0.73
CA ILE A 565 -6.76 27.09 0.30
C ILE A 565 -5.35 26.73 -0.18
N LEU A 566 -4.72 25.76 0.48
CA LEU A 566 -3.46 25.20 0.02
C LEU A 566 -3.57 24.69 -1.41
N THR A 567 -4.59 23.87 -1.68
CA THR A 567 -4.76 23.31 -3.00
C THR A 567 -4.95 24.41 -4.03
N ILE A 568 -5.75 25.43 -3.70
CA ILE A 568 -5.97 26.54 -4.63
C ILE A 568 -4.66 27.29 -4.92
N THR A 569 -3.89 27.57 -3.87
CA THR A 569 -2.65 28.31 -4.06
C THR A 569 -1.63 27.51 -4.85
N PHE A 570 -1.63 26.18 -4.71
CA PHE A 570 -0.84 25.38 -5.62
C PHE A 570 -1.45 25.32 -7.02
N CYS A 571 -2.76 25.55 -7.13
CA CYS A 571 -3.35 25.65 -8.47
C CYS A 571 -2.71 26.78 -9.23
N TYR A 572 -2.95 28.00 -8.78
CA TYR A 572 -2.61 29.15 -9.59
C TYR A 572 -1.37 29.87 -9.08
N SER A 573 -0.39 29.09 -8.63
CA SER A 573 0.92 29.65 -8.31
C SER A 573 1.69 29.99 -9.59
N VAL A 574 1.39 29.30 -10.69
CA VAL A 574 2.07 29.52 -11.96
C VAL A 574 1.11 29.98 -13.05
N ILE A 575 -0.10 29.42 -13.10
CA ILE A 575 -1.06 29.84 -14.13
C ILE A 575 -1.42 31.31 -13.95
N ALA A 576 -1.70 31.72 -12.72
CA ALA A 576 -1.99 33.11 -12.40
C ALA A 576 -1.23 33.47 -11.13
N PRO A 577 0.06 33.77 -11.24
CA PRO A 577 0.89 33.90 -10.03
C PRO A 577 0.61 35.16 -9.24
N LEU A 578 -0.68 35.45 -9.05
CA LEU A 578 -1.14 36.41 -8.06
C LEU A 578 -1.85 35.73 -6.90
N ILE A 579 -2.23 34.46 -7.06
CA ILE A 579 -2.74 33.67 -5.95
C ILE A 579 -1.68 33.51 -4.87
N LEU A 580 -0.40 33.62 -5.23
CA LEU A 580 0.65 33.45 -4.23
C LEU A 580 0.56 34.52 -3.14
N ILE A 581 0.28 35.76 -3.52
CA ILE A 581 0.13 36.83 -2.53
C ILE A 581 -1.03 36.53 -1.61
N PHE A 582 -2.16 36.10 -2.18
CA PHE A 582 -3.34 35.84 -1.36
C PHE A 582 -3.14 34.64 -0.44
N GLY A 583 -2.42 33.62 -0.92
CA GLY A 583 -2.11 32.48 -0.06
C GLY A 583 -1.16 32.86 1.06
N ILE A 584 -0.15 33.69 0.76
CA ILE A 584 0.75 34.15 1.80
C ILE A 584 -0.01 34.94 2.85
N THR A 585 -0.90 35.85 2.41
CA THR A 585 -1.68 36.63 3.34
C THR A 585 -2.60 35.75 4.16
N TYR A 586 -3.26 34.78 3.52
CA TYR A 586 -4.15 33.87 4.22
C TYR A 586 -3.41 33.12 5.31
N PHE A 587 -2.26 32.55 4.98
CA PHE A 587 -1.57 31.71 5.95
C PHE A 587 -0.84 32.54 7.02
N GLY A 588 -0.35 33.72 6.68
CA GLY A 588 0.22 34.59 7.71
C GLY A 588 -0.82 35.09 8.69
N LEU A 589 -1.96 35.55 8.18
CA LEU A 589 -3.04 35.98 9.05
C LEU A 589 -3.59 34.80 9.84
N GLY A 590 -3.59 33.61 9.24
CA GLY A 590 -3.98 32.42 10.00
C GLY A 590 -3.02 32.13 11.13
N TRP A 591 -1.71 32.22 10.86
CA TRP A 591 -0.72 32.13 11.93
C TRP A 591 -1.05 33.08 13.06
N LEU A 592 -1.18 34.38 12.75
CA LEU A 592 -1.39 35.36 13.81
C LEU A 592 -2.68 35.10 14.58
N VAL A 593 -3.79 34.96 13.85
CA VAL A 593 -5.10 34.84 14.49
C VAL A 593 -5.17 33.55 15.30
N LEU A 594 -4.79 32.42 14.70
CA LEU A 594 -4.87 31.15 15.41
C LEU A 594 -3.87 31.07 16.55
N ARG A 595 -2.73 31.77 16.45
CA ARG A 595 -1.83 31.85 17.59
C ARG A 595 -2.49 32.57 18.75
N ASN A 596 -3.15 33.70 18.46
CA ASN A 596 -3.86 34.40 19.52
C ASN A 596 -4.97 33.53 20.12
N GLN A 597 -5.70 32.80 19.26
CA GLN A 597 -6.80 31.97 19.75
C GLN A 597 -6.30 30.79 20.57
N ALA A 598 -5.25 30.11 20.10
CA ALA A 598 -4.72 28.97 20.83
C ALA A 598 -4.07 29.39 22.14
N LEU A 599 -3.44 30.56 22.18
CA LEU A 599 -2.83 31.02 23.41
C LEU A 599 -3.87 31.45 24.44
N LYS A 600 -5.04 31.91 23.99
CA LYS A 600 -5.98 32.56 24.88
C LYS A 600 -7.41 32.03 24.83
N VAL A 601 -7.85 31.39 23.75
CA VAL A 601 -9.26 31.10 23.61
C VAL A 601 -9.56 29.60 23.65
N TYR A 602 -9.08 28.86 22.66
CA TYR A 602 -9.51 27.48 22.49
C TYR A 602 -8.77 26.55 23.45
N VAL A 603 -9.49 25.56 23.95
CA VAL A 603 -8.95 24.53 24.82
C VAL A 603 -9.13 23.18 24.11
N PRO A 604 -8.09 22.37 23.97
CA PRO A 604 -8.24 21.10 23.26
C PRO A 604 -9.09 20.11 24.03
N SER A 605 -9.76 19.23 23.28
CA SER A 605 -10.59 18.19 23.86
C SER A 605 -9.91 16.82 23.87
N TYR A 606 -8.87 16.63 23.07
CA TYR A 606 -8.13 15.39 23.03
C TYR A 606 -6.68 15.70 22.65
N GLU A 607 -5.81 14.73 22.87
CA GLU A 607 -4.39 14.86 22.53
C GLU A 607 -3.95 13.64 21.74
N SER A 608 -3.69 13.82 20.46
CA SER A 608 -3.20 12.76 19.60
C SER A 608 -1.68 12.75 19.48
N TYR A 609 -0.99 13.69 20.14
CA TYR A 609 0.47 13.77 20.12
C TYR A 609 1.00 13.91 18.69
N GLY A 610 0.41 14.85 17.94
CA GLY A 610 0.87 15.12 16.60
C GLY A 610 0.63 14.01 15.61
N ARG A 611 -0.26 13.07 15.93
CA ARG A 611 -0.55 11.96 15.03
C ARG A 611 -1.18 12.42 13.73
N MET A 612 -1.88 13.55 13.73
CA MET A 612 -2.57 14.02 12.54
C MET A 612 -1.62 14.42 11.42
N TRP A 613 -0.39 14.80 11.75
CA TRP A 613 0.34 15.63 10.79
C TRP A 613 0.82 14.81 9.59
N PRO A 614 1.16 13.51 9.73
CA PRO A 614 1.46 12.72 8.52
C PRO A 614 0.35 12.75 7.50
N HIS A 615 -0.91 12.80 7.93
CA HIS A 615 -2.01 13.00 6.99
C HIS A 615 -1.87 14.35 6.28
N ILE A 616 -1.45 15.38 7.01
CA ILE A 616 -1.26 16.70 6.41
C ILE A 616 -0.14 16.67 5.37
N HIS A 617 0.97 16.02 5.70
CA HIS A 617 2.08 15.90 4.75
C HIS A 617 1.64 15.12 3.52
N GLN A 618 0.92 14.02 3.73
CA GLN A 618 0.38 13.23 2.63
C GLN A 618 -0.46 14.10 1.71
N ARG A 619 -1.32 14.95 2.29
CA ARG A 619 -2.23 15.75 1.46
C ARG A 619 -1.51 16.90 0.77
N ILE A 620 -0.52 17.51 1.43
CA ILE A 620 0.27 18.56 0.79
C ILE A 620 1.02 17.98 -0.41
N LEU A 621 1.63 16.81 -0.23
CA LEU A 621 2.33 16.19 -1.34
C LEU A 621 1.36 15.67 -2.39
N ALA A 622 0.12 15.36 -2.01
CA ALA A 622 -0.89 15.02 -3.00
C ALA A 622 -1.26 16.23 -3.85
N ALA A 623 -1.33 17.41 -3.22
CA ALA A 623 -1.51 18.63 -3.99
C ALA A 623 -0.34 18.85 -4.93
N LEU A 624 0.88 18.59 -4.47
CA LEU A 624 2.04 18.72 -5.36
C LEU A 624 1.95 17.73 -6.52
N PHE A 625 1.56 16.48 -6.25
CA PHE A 625 1.25 15.53 -7.32
C PHE A 625 0.30 16.16 -8.32
N LEU A 626 -0.88 16.57 -7.83
CA LEU A 626 -1.95 17.03 -8.71
C LEU A 626 -1.48 18.20 -9.56
N PHE A 627 -0.63 19.06 -9.03
CA PHE A 627 -0.40 20.26 -9.82
C PHE A 627 0.92 20.25 -10.56
N GLN A 628 1.83 19.33 -10.24
CA GLN A 628 2.81 18.93 -11.23
C GLN A 628 2.09 18.31 -12.44
N VAL A 629 1.03 17.54 -12.20
CA VAL A 629 0.23 17.02 -13.30
C VAL A 629 -0.46 18.14 -14.07
N VAL A 630 -1.01 19.12 -13.35
CA VAL A 630 -1.71 20.23 -14.00
C VAL A 630 -0.73 21.05 -14.84
N MET A 631 0.47 21.32 -14.31
CA MET A 631 1.50 21.97 -15.10
C MET A 631 1.91 21.12 -16.30
N PHE A 632 1.99 19.80 -16.12
CA PHE A 632 2.26 18.90 -17.23
C PHE A 632 1.25 19.09 -18.34
N GLY A 633 -0.03 19.16 -17.99
CA GLY A 633 -1.07 19.37 -19.00
C GLY A 633 -1.01 20.75 -19.63
N TYR A 634 -0.87 21.79 -18.81
CA TYR A 634 -0.92 23.16 -19.31
C TYR A 634 0.27 23.46 -20.20
N LEU A 635 1.48 23.18 -19.73
CA LEU A 635 2.69 23.29 -20.54
C LEU A 635 2.67 22.12 -21.52
N GLY A 636 2.06 22.36 -22.67
CA GLY A 636 1.78 21.30 -23.62
C GLY A 636 0.41 21.53 -24.23
N ALA A 637 -0.50 22.11 -23.45
CA ALA A 637 -1.66 22.75 -24.03
C ALA A 637 -1.34 24.13 -24.56
N LYS A 638 -0.17 24.67 -24.24
CA LYS A 638 0.41 25.82 -24.90
C LYS A 638 1.20 25.44 -26.14
N THR A 639 1.19 24.16 -26.50
CA THR A 639 1.70 23.65 -27.78
C THR A 639 3.20 23.87 -27.92
N PHE A 640 3.95 23.55 -26.87
CA PHE A 640 5.39 23.38 -27.01
C PHE A 640 5.85 22.37 -25.96
N PHE A 641 6.93 21.66 -26.28
CA PHE A 641 7.29 20.42 -25.60
C PHE A 641 8.09 20.68 -24.33
N TYR A 642 7.41 21.31 -23.37
CA TYR A 642 7.85 21.33 -21.98
C TYR A 642 7.20 20.21 -21.18
N THR A 643 6.39 19.37 -21.84
CA THR A 643 5.73 18.27 -21.16
C THR A 643 6.74 17.30 -20.56
N ALA A 644 7.79 16.99 -21.31
CA ALA A 644 8.70 15.92 -20.90
C ALA A 644 9.41 16.25 -19.59
N LEU A 645 9.81 17.52 -19.41
CA LEU A 645 10.63 17.89 -18.26
C LEU A 645 9.86 17.91 -16.95
N VAL A 646 8.55 17.75 -16.97
CA VAL A 646 7.76 17.64 -15.74
C VAL A 646 7.59 16.18 -15.30
N ILE A 647 7.77 15.23 -16.21
CA ILE A 647 7.69 13.81 -15.83
C ILE A 647 8.72 13.47 -14.75
N PRO A 648 9.98 13.92 -14.83
CA PRO A 648 10.89 13.69 -13.70
C PRO A 648 10.39 14.31 -12.41
N LEU A 649 9.70 15.46 -12.48
CA LEU A 649 9.16 16.05 -11.26
C LEU A 649 8.06 15.17 -10.65
N ILE A 650 7.17 14.64 -11.49
CA ILE A 650 6.13 13.76 -10.96
C ILE A 650 6.76 12.50 -10.36
N ILE A 651 7.73 11.93 -11.07
CA ILE A 651 8.38 10.70 -10.58
C ILE A 651 9.09 10.96 -9.26
N THR A 652 9.82 12.07 -9.17
CA THR A 652 10.52 12.37 -7.92
C THR A 652 9.56 12.77 -6.81
N SER A 653 8.38 13.28 -7.14
CA SER A 653 7.39 13.52 -6.09
C SER A 653 6.88 12.21 -5.52
N LEU A 654 6.61 11.23 -6.38
CA LEU A 654 6.22 9.91 -5.89
C LEU A 654 7.34 9.27 -5.06
N ILE A 655 8.58 9.39 -5.55
CA ILE A 655 9.72 8.83 -4.83
C ILE A 655 9.90 9.52 -3.47
N PHE A 656 9.73 10.84 -3.43
CA PHE A 656 9.82 11.58 -2.19
C PHE A 656 8.73 11.14 -1.21
N GLY A 657 7.53 10.90 -1.72
CA GLY A 657 6.48 10.37 -0.86
C GLY A 657 6.84 9.03 -0.26
N TYR A 658 7.36 8.12 -1.08
CA TYR A 658 7.75 6.81 -0.57
C TYR A 658 8.88 6.94 0.45
N VAL A 659 9.86 7.79 0.19
CA VAL A 659 11.00 7.92 1.08
C VAL A 659 10.57 8.52 2.41
N CYS A 660 9.73 9.56 2.38
CA CYS A 660 9.23 10.15 3.62
C CYS A 660 8.37 9.16 4.39
N ARG A 661 7.57 8.36 3.70
CA ARG A 661 6.81 7.31 4.37
C ARG A 661 7.74 6.31 5.02
N GLN A 662 8.86 6.01 4.38
CA GLN A 662 9.79 5.02 4.92
C GLN A 662 10.59 5.55 6.10
N LYS A 663 10.93 6.84 6.12
CA LYS A 663 11.89 7.34 7.09
C LYS A 663 11.27 7.90 8.37
N PHE A 664 10.05 8.43 8.32
CA PHE A 664 9.43 9.01 9.52
C PHE A 664 8.04 8.48 9.85
N TYR A 665 7.31 7.90 8.91
CA TYR A 665 5.89 7.61 9.16
C TYR A 665 5.72 6.59 10.27
N GLY A 666 6.54 5.54 10.29
CA GLY A 666 6.34 4.47 11.26
C GLY A 666 6.47 4.92 12.69
N GLY A 667 7.19 6.02 12.93
CA GLY A 667 7.33 6.55 14.26
C GLY A 667 6.14 7.32 14.78
N PHE A 668 5.15 7.57 13.93
CA PHE A 668 3.93 8.26 14.34
C PHE A 668 2.84 7.30 14.80
N GLU A 669 2.81 6.10 14.22
CA GLU A 669 1.75 5.14 14.56
C GLU A 669 1.86 4.68 16.00
N HIS A 670 3.07 4.35 16.45
CA HIS A 670 3.30 3.72 17.74
C HIS A 670 4.21 4.58 18.59
N THR A 671 4.33 4.19 19.87
CA THR A 671 5.33 4.75 20.76
C THR A 671 6.46 3.74 20.90
N ALA A 672 7.68 4.18 20.64
CA ALA A 672 8.82 3.28 20.66
C ALA A 672 9.05 2.70 22.04
N LEU A 673 9.82 1.62 22.09
CA LEU A 673 10.21 1.04 23.38
C LEU A 673 11.50 1.68 23.88
N GLU A 674 11.55 2.99 23.80
CA GLU A 674 12.50 3.88 24.47
C GLU A 674 11.78 4.93 25.28
N VAL A 675 10.67 5.47 24.76
CA VAL A 675 9.81 6.37 25.52
C VAL A 675 8.88 5.61 26.45
N ALA A 676 8.87 4.28 26.37
CA ALA A 676 8.03 3.45 27.22
C ALA A 676 8.80 2.76 28.33
N CYS A 677 10.02 2.30 28.03
CA CYS A 677 10.81 1.61 29.05
C CYS A 677 11.55 2.60 29.94
N ARG A 678 12.40 3.44 29.34
CA ARG A 678 13.24 4.37 30.09
C ARG A 678 12.55 5.68 30.40
N GLU A 679 11.22 5.70 30.45
CA GLU A 679 10.52 6.90 30.88
C GLU A 679 10.42 6.98 32.40
N LEU A 680 10.77 5.91 33.11
CA LEU A 680 10.92 5.90 34.57
C LEU A 680 9.63 6.33 35.27
N LYS A 681 8.63 5.47 35.16
CA LYS A 681 7.38 5.66 35.89
C LYS A 681 7.64 5.59 37.40
N GLN A 682 6.62 5.92 38.18
CA GLN A 682 6.75 6.01 39.63
C GLN A 682 5.75 5.10 40.33
N SER A 683 5.70 3.83 39.92
CA SER A 683 4.77 2.85 40.46
C SER A 683 3.34 3.32 40.23
N PRO A 684 2.85 3.27 39.00
CA PRO A 684 1.51 3.77 38.71
C PRO A 684 0.45 3.03 39.51
N ASP A 685 -0.63 3.75 39.83
CA ASP A 685 -1.69 3.18 40.66
C ASP A 685 -2.30 1.94 40.02
N LEU A 686 -2.50 1.98 38.70
CA LEU A 686 -3.14 0.93 37.91
C LEU A 686 -4.60 0.73 38.28
N GLU A 687 -5.13 1.48 39.25
CA GLU A 687 -6.51 1.39 39.65
C GLU A 687 -7.35 2.56 39.14
N GLU A 688 -6.79 3.77 39.14
CA GLU A 688 -7.39 4.88 38.43
C GLU A 688 -6.94 4.98 36.99
N ILE A 689 -5.93 4.19 36.58
CA ILE A 689 -5.72 3.95 35.16
C ILE A 689 -6.88 3.13 34.61
N PHE A 690 -7.24 2.07 35.31
CA PHE A 690 -8.55 1.47 35.14
C PHE A 690 -9.62 2.46 35.58
N ARG A 691 -10.86 2.23 35.14
CA ARG A 691 -12.02 3.03 35.50
C ARG A 691 -11.83 4.51 35.19
N ALA A 692 -10.71 4.86 34.56
CA ALA A 692 -10.66 6.09 33.78
C ALA A 692 -11.25 5.86 32.40
N TYR A 693 -11.41 4.60 32.01
CA TYR A 693 -12.04 4.20 30.77
C TYR A 693 -13.52 3.87 30.95
N ILE A 694 -13.98 3.69 32.18
CA ILE A 694 -15.38 3.30 32.41
C ILE A 694 -16.29 4.47 32.04
N PRO A 695 -17.31 4.25 31.22
CA PRO A 695 -18.19 5.37 30.84
C PRO A 695 -18.90 6.02 32.02
N HIS A 696 -19.23 5.25 33.05
CA HIS A 696 -19.94 5.78 34.22
C HIS A 696 -19.08 5.70 35.47
N MET B 1 1.75 -20.10 -36.36
CA MET B 1 2.20 -21.46 -36.63
C MET B 1 1.15 -22.22 -37.41
N GLU B 2 1.60 -22.97 -38.43
CA GLU B 2 0.68 -23.77 -39.22
C GLU B 2 0.26 -25.01 -38.44
N PHE B 3 -0.58 -25.84 -39.06
CA PHE B 3 -0.96 -27.10 -38.44
C PHE B 3 0.14 -28.15 -38.55
N GLY B 4 0.90 -28.14 -39.65
CA GLY B 4 1.96 -29.12 -39.80
C GLY B 4 3.04 -28.97 -38.75
N SER B 5 3.48 -27.73 -38.50
CA SER B 5 4.49 -27.49 -37.48
C SER B 5 3.98 -27.87 -36.10
N PHE B 6 2.71 -27.55 -35.81
CA PHE B 6 2.12 -27.90 -34.52
C PHE B 6 2.11 -29.42 -34.33
N LEU B 7 1.68 -30.16 -35.37
CA LEU B 7 1.66 -31.61 -35.27
C LEU B 7 3.06 -32.19 -35.13
N VAL B 8 4.03 -31.65 -35.86
CA VAL B 8 5.40 -32.15 -35.78
C VAL B 8 5.95 -31.93 -34.38
N SER B 9 5.73 -30.74 -33.81
CA SER B 9 6.21 -30.46 -32.47
C SER B 9 5.55 -31.38 -31.44
N LEU B 10 4.23 -31.59 -31.56
CA LEU B 10 3.56 -32.50 -30.63
C LEU B 10 4.09 -33.92 -30.76
N GLY B 11 4.29 -34.39 -32.00
CA GLY B 11 4.79 -35.74 -32.17
C GLY B 11 6.18 -35.92 -31.61
N THR B 12 7.07 -34.96 -31.88
CA THR B 12 8.43 -35.05 -31.34
C THR B 12 8.43 -35.01 -29.83
N SER B 13 7.65 -34.10 -29.23
CA SER B 13 7.60 -34.00 -27.78
C SER B 13 7.04 -35.28 -27.16
N PHE B 14 5.99 -35.84 -27.75
CA PHE B 14 5.40 -37.06 -27.21
C PHE B 14 6.33 -38.25 -27.36
N VAL B 15 7.04 -38.35 -28.49
CA VAL B 15 7.98 -39.45 -28.68
C VAL B 15 9.12 -39.36 -27.68
N ILE B 16 9.65 -38.15 -27.47
CA ILE B 16 10.73 -37.98 -26.49
C ILE B 16 10.22 -38.29 -25.09
N PHE B 17 8.98 -37.88 -24.77
CA PHE B 17 8.40 -38.17 -23.48
C PHE B 17 8.26 -39.67 -23.26
N VAL B 18 7.81 -40.40 -24.29
CA VAL B 18 7.67 -41.85 -24.17
C VAL B 18 9.03 -42.51 -23.98
N ILE B 19 10.04 -42.04 -24.73
CA ILE B 19 11.38 -42.60 -24.60
C ILE B 19 11.91 -42.38 -23.18
N LEU B 20 11.72 -41.17 -22.65
CA LEU B 20 12.22 -40.87 -21.31
C LEU B 20 11.45 -41.64 -20.24
N MET B 21 10.15 -41.85 -20.45
CA MET B 21 9.39 -42.67 -19.51
C MET B 21 9.86 -44.12 -19.53
N LEU B 22 10.18 -44.65 -20.71
CA LEU B 22 10.71 -46.00 -20.79
C LEU B 22 12.09 -46.10 -20.14
N LEU B 23 12.92 -45.07 -20.31
CA LEU B 23 14.23 -45.04 -19.64
C LEU B 23 14.07 -45.00 -18.13
N PHE B 24 13.16 -44.17 -17.64
CA PHE B 24 12.90 -44.06 -16.21
C PHE B 24 12.38 -45.37 -15.65
N THR B 25 11.44 -45.99 -16.35
CA THR B 25 10.87 -47.26 -15.91
C THR B 25 11.90 -48.38 -15.84
N TRP B 26 12.95 -48.32 -16.66
CA TRP B 26 14.01 -49.33 -16.68
C TRP B 26 15.12 -49.00 -15.68
N LEU B 27 15.62 -47.76 -15.72
CA LEU B 27 16.76 -47.40 -14.90
C LEU B 27 16.40 -47.31 -13.42
N SER B 28 15.23 -46.75 -13.11
CA SER B 28 14.89 -46.46 -11.72
C SER B 28 14.74 -47.71 -10.85
N ARG B 29 14.51 -48.88 -11.44
CA ARG B 29 14.36 -50.12 -10.67
C ARG B 29 15.64 -50.93 -10.64
N LYS B 30 16.75 -50.31 -11.03
CA LYS B 30 18.06 -50.95 -10.97
C LYS B 30 18.72 -50.50 -9.68
N SER B 31 19.27 -51.45 -8.94
CA SER B 31 19.88 -51.15 -7.64
C SER B 31 21.03 -50.15 -7.81
N GLY B 32 21.66 -50.15 -8.98
CA GLY B 32 22.77 -49.24 -9.22
C GLY B 32 22.37 -47.78 -9.13
N ASN B 33 21.25 -47.43 -9.76
CA ASN B 33 20.80 -46.04 -9.76
C ASN B 33 19.85 -45.77 -8.59
N ALA B 34 20.23 -46.20 -7.40
CA ALA B 34 19.49 -45.88 -6.18
C ALA B 34 19.86 -44.50 -5.65
N PRO B 35 21.17 -44.13 -5.59
CA PRO B 35 21.51 -42.79 -5.09
C PRO B 35 20.92 -41.66 -5.91
N ILE B 36 20.69 -41.90 -7.21
CA ILE B 36 20.24 -40.85 -8.11
C ILE B 36 18.72 -40.82 -8.26
N TYR B 37 18.01 -41.92 -7.98
CA TYR B 37 16.56 -41.94 -8.09
C TYR B 37 15.84 -41.92 -6.75
N TYR B 38 16.50 -42.30 -5.66
CA TYR B 38 15.91 -42.22 -4.33
C TYR B 38 16.90 -41.57 -3.35
N PRO B 39 17.28 -40.32 -3.59
CA PRO B 39 18.22 -39.65 -2.68
C PRO B 39 17.58 -39.15 -1.40
N ASN B 40 16.30 -38.76 -1.42
CA ASN B 40 15.59 -38.32 -0.23
C ASN B 40 15.13 -39.48 0.62
N ARG B 41 15.29 -40.71 0.13
CA ARG B 41 14.98 -41.90 0.90
C ARG B 41 16.21 -42.72 1.25
N ILE B 42 17.38 -42.39 0.70
CA ILE B 42 18.61 -43.04 1.12
C ILE B 42 19.46 -42.15 2.02
N LEU B 43 19.27 -40.83 1.99
CA LEU B 43 19.91 -39.91 2.92
C LEU B 43 19.26 -39.92 4.29
N LYS B 44 18.13 -40.62 4.43
CA LYS B 44 17.36 -40.65 5.67
C LYS B 44 17.29 -42.05 6.25
N GLY B 45 18.06 -42.99 5.68
CA GLY B 45 17.99 -44.38 6.07
C GLY B 45 16.59 -44.94 5.98
N LEU B 46 16.05 -44.99 4.77
CA LEU B 46 14.63 -45.29 4.63
C LEU B 46 14.30 -46.39 3.63
N GLU B 47 15.26 -47.20 3.17
CA GLU B 47 14.95 -48.37 2.36
C GLU B 47 14.21 -47.95 1.09
N PRO B 48 14.94 -47.46 0.06
CA PRO B 48 14.33 -46.66 -1.02
C PRO B 48 12.93 -47.08 -1.46
N TRP B 49 12.73 -48.33 -1.89
CA TRP B 49 11.37 -48.80 -2.08
C TRP B 49 11.07 -49.88 -1.04
N GLU B 50 9.88 -50.47 -1.10
CA GLU B 50 9.40 -51.29 0.02
C GLU B 50 10.29 -52.51 0.23
N GLY B 51 10.19 -53.11 1.41
CA GLY B 51 11.15 -54.09 1.89
C GLY B 51 11.24 -55.42 1.15
N THR B 52 10.15 -55.82 0.49
CA THR B 52 10.05 -57.16 -0.08
C THR B 52 11.05 -57.43 -1.20
N SER B 53 11.01 -58.64 -1.73
CA SER B 53 11.94 -59.12 -2.75
C SER B 53 11.54 -58.53 -4.09
N LEU B 54 12.02 -59.15 -5.17
CA LEU B 54 11.81 -58.66 -6.53
C LEU B 54 10.36 -58.24 -6.76
N THR B 55 10.20 -56.94 -7.03
CA THR B 55 8.96 -56.18 -7.00
C THR B 55 9.18 -54.93 -7.84
N ARG B 56 8.47 -53.85 -7.51
CA ARG B 56 8.62 -52.58 -8.21
C ARG B 56 8.02 -52.70 -9.60
N ASN B 57 6.74 -53.08 -9.65
CA ASN B 57 5.86 -53.03 -10.80
C ASN B 57 6.08 -51.73 -11.52
N PRO B 58 6.38 -51.76 -12.84
CA PRO B 58 6.67 -50.52 -13.58
C PRO B 58 5.81 -49.32 -13.20
N PHE B 59 4.50 -49.53 -13.05
CA PHE B 59 3.60 -48.46 -12.63
C PHE B 59 3.35 -48.52 -11.12
N ALA B 60 4.44 -48.55 -10.35
CA ALA B 60 4.32 -48.46 -8.89
C ALA B 60 4.63 -47.06 -8.38
N TRP B 61 5.45 -46.30 -9.11
CA TRP B 61 5.70 -44.91 -8.72
C TRP B 61 4.46 -44.05 -8.83
N MET B 62 3.46 -44.48 -9.59
CA MET B 62 2.19 -43.79 -9.67
C MET B 62 1.22 -44.18 -8.56
N ARG B 63 1.40 -45.36 -7.94
CA ARG B 63 0.56 -45.76 -6.82
C ARG B 63 0.98 -45.11 -5.52
N GLU B 64 2.27 -44.87 -5.31
CA GLU B 64 2.76 -44.23 -4.10
C GLU B 64 2.68 -42.71 -4.17
N ALA B 65 2.58 -42.14 -5.36
CA ALA B 65 2.43 -40.70 -5.52
C ALA B 65 0.97 -40.25 -5.55
N LEU B 66 0.06 -41.10 -6.01
CA LEU B 66 -1.36 -40.79 -6.04
C LEU B 66 -2.07 -41.11 -4.74
N THR B 67 -1.44 -41.89 -3.86
CA THR B 67 -2.06 -42.29 -2.59
C THR B 67 -1.23 -41.81 -1.41
N SER B 68 -0.61 -40.64 -1.54
CA SER B 68 0.18 -40.04 -0.47
C SER B 68 -0.57 -38.82 0.06
N SER B 69 -0.86 -38.84 1.35
CA SER B 69 -1.61 -37.75 1.97
C SER B 69 -0.74 -36.50 2.02
N GLU B 70 -1.37 -35.36 2.31
CA GLU B 70 -0.66 -34.10 2.44
C GLU B 70 0.08 -33.99 3.77
N GLN B 71 -0.28 -34.82 4.74
CA GLN B 71 0.50 -34.94 5.97
C GLN B 71 1.76 -35.76 5.77
N ASP B 72 1.73 -36.76 4.89
CA ASP B 72 2.94 -37.51 4.57
C ASP B 72 3.99 -36.61 3.93
N VAL B 73 3.57 -35.70 3.06
CA VAL B 73 4.51 -34.78 2.42
C VAL B 73 5.11 -33.83 3.46
N VAL B 74 4.29 -33.31 4.37
CA VAL B 74 4.79 -32.41 5.41
C VAL B 74 5.77 -33.14 6.31
N ASN B 75 5.43 -34.36 6.71
CA ASN B 75 6.32 -35.13 7.59
C ASN B 75 7.63 -35.46 6.88
N LEU B 76 7.57 -35.82 5.60
CA LEU B 76 8.76 -36.31 4.92
C LEU B 76 9.57 -35.18 4.28
N SER B 77 8.89 -34.18 3.71
CA SER B 77 9.57 -33.10 3.02
C SER B 77 9.47 -31.77 3.76
N GLY B 78 8.27 -31.32 4.07
CA GLY B 78 8.09 -30.07 4.79
C GLY B 78 6.78 -29.42 4.40
N VAL B 79 6.38 -28.45 5.22
CA VAL B 79 5.12 -27.74 5.00
C VAL B 79 5.32 -26.70 3.90
N ASP B 80 6.55 -26.59 3.40
CA ASP B 80 6.84 -25.68 2.31
C ASP B 80 6.67 -26.30 0.94
N THR B 81 6.75 -27.63 0.84
CA THR B 81 6.47 -28.29 -0.44
C THR B 81 5.00 -28.65 -0.56
N ALA B 82 4.33 -28.93 0.56
CA ALA B 82 2.88 -29.10 0.54
C ALA B 82 2.19 -27.83 0.06
N VAL B 83 2.80 -26.67 0.28
CA VAL B 83 2.28 -25.43 -0.28
C VAL B 83 2.42 -25.43 -1.80
N HIS B 84 3.55 -25.91 -2.32
CA HIS B 84 3.67 -26.04 -3.76
C HIS B 84 2.61 -26.97 -4.32
N PHE B 85 2.33 -28.06 -3.60
CA PHE B 85 1.35 -29.02 -4.10
C PHE B 85 -0.07 -28.48 -4.01
N VAL B 86 -0.38 -27.67 -3.00
CA VAL B 86 -1.72 -27.06 -2.97
C VAL B 86 -1.83 -26.00 -4.06
N PHE B 87 -0.73 -25.31 -4.38
CA PHE B 87 -0.72 -24.40 -5.52
C PHE B 87 -1.06 -25.15 -6.80
N LEU B 88 -0.36 -26.25 -7.06
CA LEU B 88 -0.63 -27.05 -8.26
C LEU B 88 -2.05 -27.59 -8.26
N SER B 89 -2.52 -28.08 -7.10
CA SER B 89 -3.85 -28.66 -7.02
C SER B 89 -4.92 -27.63 -7.30
N THR B 90 -4.79 -26.42 -6.76
CA THR B 90 -5.82 -25.41 -6.97
C THR B 90 -5.80 -24.87 -8.38
N VAL B 91 -4.62 -24.72 -8.99
CA VAL B 91 -4.59 -24.33 -10.39
C VAL B 91 -5.22 -25.41 -11.26
N LEU B 92 -4.91 -26.68 -10.98
CA LEU B 92 -5.49 -27.78 -11.73
C LEU B 92 -7.00 -27.82 -11.57
N GLY B 93 -7.49 -27.58 -10.35
CA GLY B 93 -8.94 -27.56 -10.14
C GLY B 93 -9.62 -26.41 -10.85
N ILE B 94 -9.01 -25.23 -10.82
CA ILE B 94 -9.56 -24.09 -11.55
C ILE B 94 -9.70 -24.42 -13.02
N PHE B 95 -8.61 -24.94 -13.61
CA PHE B 95 -8.65 -25.22 -15.04
C PHE B 95 -9.53 -26.42 -15.36
N ALA B 96 -9.67 -27.36 -14.43
CA ALA B 96 -10.54 -28.52 -14.67
C ALA B 96 -12.00 -28.11 -14.70
N CYS B 97 -12.45 -27.34 -13.69
CA CYS B 97 -13.82 -26.87 -13.70
C CYS B 97 -14.08 -25.94 -14.89
N SER B 98 -13.13 -25.04 -15.16
CA SER B 98 -13.29 -24.15 -16.30
C SER B 98 -13.37 -24.92 -17.60
N SER B 99 -12.56 -25.95 -17.78
CA SER B 99 -12.68 -26.75 -18.99
C SER B 99 -14.03 -27.45 -19.04
N LEU B 100 -14.45 -28.03 -17.91
CA LEU B 100 -15.72 -28.75 -17.86
C LEU B 100 -16.87 -27.90 -18.34
N LEU B 101 -16.88 -26.62 -18.00
CA LEU B 101 -18.00 -25.79 -18.47
C LEU B 101 -17.69 -25.13 -19.81
N LEU B 102 -16.57 -24.41 -19.89
CA LEU B 102 -16.09 -23.78 -21.12
C LEU B 102 -16.16 -24.66 -22.36
N LEU B 103 -15.41 -25.76 -22.37
CA LEU B 103 -15.14 -26.46 -23.63
C LEU B 103 -16.40 -26.96 -24.34
N PRO B 104 -17.31 -27.68 -23.70
CA PRO B 104 -18.47 -28.22 -24.44
C PRO B 104 -19.38 -27.15 -25.02
N THR B 105 -19.32 -25.91 -24.51
CA THR B 105 -20.18 -24.85 -25.00
C THR B 105 -19.44 -23.74 -25.74
N LEU B 106 -18.10 -23.69 -25.65
CA LEU B 106 -17.35 -22.71 -26.42
C LEU B 106 -16.65 -23.30 -27.64
N LEU B 107 -16.30 -24.58 -27.63
CA LEU B 107 -15.70 -25.17 -28.83
C LEU B 107 -16.72 -25.34 -29.95
N PRO B 108 -17.93 -25.88 -29.72
CA PRO B 108 -18.91 -25.93 -30.81
C PRO B 108 -19.29 -24.57 -31.36
N LEU B 109 -19.39 -23.54 -30.51
CA LEU B 109 -19.77 -22.22 -31.00
C LEU B 109 -18.70 -21.64 -31.92
N ALA B 110 -17.43 -21.80 -31.55
CA ALA B 110 -16.35 -21.32 -32.40
C ALA B 110 -16.26 -22.14 -33.69
N ALA B 111 -16.42 -23.46 -33.57
CA ALA B 111 -16.28 -24.32 -34.74
C ALA B 111 -17.39 -24.07 -35.77
N THR B 112 -18.62 -23.88 -35.30
CA THR B 112 -19.75 -23.77 -36.20
C THR B 112 -19.91 -22.37 -36.81
N ASP B 113 -19.23 -21.36 -36.28
CA ASP B 113 -19.28 -20.04 -36.86
C ASP B 113 -18.26 -19.92 -38.00
N ASN B 114 -18.39 -18.87 -38.80
CA ASN B 114 -17.61 -18.74 -40.03
C ASN B 114 -17.10 -17.31 -40.22
N ASN B 115 -16.55 -16.70 -39.16
CA ASN B 115 -15.86 -15.43 -39.33
C ASN B 115 -14.64 -15.61 -40.23
N ILE B 116 -13.80 -16.59 -39.91
CA ILE B 116 -12.82 -17.07 -40.87
C ILE B 116 -13.55 -17.73 -42.02
N LYS B 117 -13.02 -17.58 -43.24
CA LYS B 117 -13.64 -17.84 -44.53
C LYS B 117 -14.61 -16.72 -44.90
N ASN B 118 -14.89 -15.78 -43.99
CA ASN B 118 -15.57 -14.54 -44.34
C ASN B 118 -14.66 -13.34 -44.16
N THR B 119 -13.48 -13.51 -43.57
CA THR B 119 -12.46 -12.49 -43.54
C THR B 119 -11.37 -12.71 -44.57
N LYS B 120 -11.30 -13.89 -45.19
CA LYS B 120 -10.42 -14.12 -46.31
C LYS B 120 -11.05 -13.74 -47.65
N ASN B 121 -12.37 -13.59 -47.70
CA ASN B 121 -13.07 -13.13 -48.88
C ASN B 121 -13.24 -11.62 -48.92
N ALA B 122 -13.52 -11.01 -47.76
CA ALA B 122 -13.65 -9.55 -47.72
C ALA B 122 -12.31 -8.87 -47.92
N THR B 123 -11.27 -9.31 -47.20
CA THR B 123 -9.96 -8.72 -47.34
C THR B 123 -9.23 -9.18 -48.60
N ASP B 124 -9.65 -10.31 -49.18
CA ASP B 124 -9.10 -10.81 -50.43
C ASP B 124 -7.57 -10.95 -50.37
N THR B 125 -7.13 -11.83 -49.46
CA THR B 125 -5.70 -12.04 -49.31
C THR B 125 -5.08 -12.60 -50.59
N THR B 126 -5.71 -13.64 -51.16
CA THR B 126 -5.36 -14.17 -52.48
C THR B 126 -3.87 -14.52 -52.57
N SER B 127 -3.47 -15.56 -51.83
CA SER B 127 -4.39 -16.42 -51.10
C SER B 127 -4.10 -16.34 -49.60
N LYS B 128 -2.82 -16.48 -49.25
CA LYS B 128 -2.34 -16.34 -47.87
C LYS B 128 -3.14 -17.23 -46.92
N GLY B 129 -2.99 -18.55 -47.11
CA GLY B 129 -3.65 -19.49 -46.25
C GLY B 129 -3.00 -19.57 -44.88
N THR B 130 -3.07 -18.47 -44.14
CA THR B 130 -2.44 -18.41 -42.83
C THR B 130 -3.24 -19.15 -41.76
N PHE B 131 -4.56 -19.18 -41.89
CA PHE B 131 -5.40 -19.80 -40.88
C PHE B 131 -5.31 -21.31 -40.98
N SER B 132 -5.06 -21.96 -39.84
CA SER B 132 -4.98 -23.42 -39.79
C SER B 132 -6.30 -24.00 -39.32
N GLN B 133 -6.40 -25.33 -39.40
CA GLN B 133 -7.59 -26.02 -38.91
C GLN B 133 -7.74 -25.86 -37.40
N LEU B 134 -6.66 -25.52 -36.70
CA LEU B 134 -6.69 -25.34 -35.26
C LEU B 134 -7.19 -23.96 -34.84
N ASP B 135 -7.23 -22.99 -35.75
CA ASP B 135 -7.71 -21.65 -35.43
C ASP B 135 -9.21 -21.51 -35.50
N ASN B 136 -9.91 -22.48 -36.09
CA ASN B 136 -11.37 -22.45 -36.09
C ASN B 136 -11.93 -22.63 -34.69
N LEU B 137 -11.21 -23.32 -33.82
CA LEU B 137 -11.67 -23.56 -32.45
C LEU B 137 -11.13 -22.48 -31.51
N SER B 138 -11.40 -21.22 -31.87
CA SER B 138 -10.90 -20.10 -31.10
C SER B 138 -11.86 -18.92 -31.29
N MET B 139 -11.65 -17.88 -30.49
CA MET B 139 -12.49 -16.69 -30.59
C MET B 139 -11.93 -15.79 -31.69
N ALA B 140 -11.69 -16.40 -32.86
CA ALA B 140 -11.46 -15.67 -34.10
C ALA B 140 -12.36 -16.14 -35.22
N ASN B 141 -13.00 -17.30 -35.07
CA ASN B 141 -14.04 -17.74 -35.97
C ASN B 141 -15.40 -17.16 -35.60
N ILE B 142 -15.46 -16.35 -34.54
CA ILE B 142 -16.70 -15.73 -34.10
C ILE B 142 -16.86 -14.39 -34.83
N THR B 143 -18.01 -14.23 -35.48
CA THR B 143 -18.25 -13.01 -36.26
C THR B 143 -18.50 -11.82 -35.34
N LYS B 144 -18.40 -10.63 -35.93
CA LYS B 144 -18.72 -9.40 -35.20
C LYS B 144 -20.20 -9.36 -34.84
N LYS B 145 -20.49 -8.81 -33.66
CA LYS B 145 -21.86 -8.58 -33.21
C LYS B 145 -22.69 -9.85 -33.28
N SER B 146 -22.20 -10.89 -32.60
CA SER B 146 -22.82 -12.20 -32.61
C SER B 146 -23.27 -12.56 -31.20
N SER B 147 -24.35 -13.35 -31.12
CA SER B 147 -24.89 -13.77 -29.84
C SER B 147 -23.97 -14.76 -29.12
N ARG B 148 -23.05 -15.39 -29.83
CA ARG B 148 -22.11 -16.30 -29.19
C ARG B 148 -21.16 -15.56 -28.25
N LEU B 149 -20.94 -14.27 -28.51
CA LEU B 149 -20.14 -13.47 -27.60
C LEU B 149 -20.79 -13.39 -26.23
N TRP B 150 -22.11 -13.59 -26.14
CA TRP B 150 -22.76 -13.69 -24.84
C TRP B 150 -22.27 -14.92 -24.09
N ALA B 151 -22.16 -16.06 -24.78
CA ALA B 151 -21.63 -17.25 -24.14
C ALA B 151 -20.18 -17.06 -23.74
N PHE B 152 -19.41 -16.36 -24.57
CA PHE B 152 -18.01 -16.09 -24.21
C PHE B 152 -17.90 -15.19 -22.98
N LEU B 153 -18.77 -14.19 -22.88
CA LEU B 153 -18.80 -13.33 -21.69
C LEU B 153 -19.22 -14.11 -20.46
N GLY B 154 -20.23 -14.97 -20.59
CA GLY B 154 -20.59 -15.84 -19.47
C GLY B 154 -19.43 -16.75 -19.09
N ALA B 155 -18.64 -17.17 -20.08
CA ALA B 155 -17.50 -18.02 -19.82
C ALA B 155 -16.43 -17.31 -19.00
N VAL B 156 -16.09 -16.07 -19.37
CA VAL B 156 -15.11 -15.33 -18.57
C VAL B 156 -15.66 -15.03 -17.18
N TYR B 157 -16.97 -14.75 -17.10
CA TYR B 157 -17.60 -14.56 -15.80
C TYR B 157 -17.45 -15.80 -14.92
N TRP B 158 -17.70 -16.98 -15.49
CA TRP B 158 -17.61 -18.20 -14.70
C TRP B 158 -16.18 -18.55 -14.34
N ILE B 159 -15.23 -18.28 -15.23
CA ILE B 159 -13.82 -18.49 -14.88
C ILE B 159 -13.43 -17.61 -13.70
N SER B 160 -13.89 -16.35 -13.70
CA SER B 160 -13.61 -15.47 -12.57
C SER B 160 -14.22 -16.01 -11.29
N LEU B 161 -15.48 -16.48 -11.34
CA LEU B 161 -16.10 -17.04 -10.15
C LEU B 161 -15.34 -18.25 -9.62
N VAL B 162 -14.98 -19.17 -10.51
CA VAL B 162 -14.26 -20.38 -10.09
C VAL B 162 -12.91 -20.02 -9.49
N THR B 163 -12.20 -19.07 -10.11
CA THR B 163 -10.91 -18.66 -9.58
C THR B 163 -11.05 -18.04 -8.19
N TYR B 164 -12.08 -17.20 -7.99
CA TYR B 164 -12.30 -16.61 -6.68
C TYR B 164 -12.55 -17.71 -5.64
N PHE B 165 -13.43 -18.65 -5.97
CA PHE B 165 -13.78 -19.72 -5.03
C PHE B 165 -12.55 -20.54 -4.66
N PHE B 166 -11.78 -20.95 -5.66
CA PHE B 166 -10.62 -21.80 -5.39
C PHE B 166 -9.53 -21.04 -4.67
N LEU B 167 -9.33 -19.75 -4.99
CA LEU B 167 -8.35 -18.97 -4.27
C LEU B 167 -8.72 -18.82 -2.79
N TRP B 168 -10.00 -18.57 -2.52
CA TRP B 168 -10.43 -18.46 -1.12
C TRP B 168 -10.22 -19.77 -0.38
N LYS B 169 -10.65 -20.89 -0.97
CA LYS B 169 -10.51 -22.17 -0.30
C LYS B 169 -9.04 -22.51 -0.09
N ALA B 170 -8.20 -22.29 -1.10
CA ALA B 170 -6.78 -22.57 -0.99
C ALA B 170 -6.13 -21.71 0.08
N TYR B 171 -6.55 -20.46 0.20
CA TYR B 171 -5.85 -19.55 1.08
C TYR B 171 -6.24 -19.82 2.53
N LYS B 172 -7.50 -20.22 2.74
CA LYS B 172 -7.89 -20.82 4.02
C LYS B 172 -7.06 -22.06 4.34
N HIS B 173 -6.93 -22.96 3.37
CA HIS B 173 -6.24 -24.22 3.62
C HIS B 173 -4.77 -24.01 3.94
N VAL B 174 -4.11 -23.08 3.24
CA VAL B 174 -2.71 -22.80 3.51
C VAL B 174 -2.54 -22.13 4.86
N SER B 175 -3.49 -21.26 5.23
CA SER B 175 -3.45 -20.71 6.58
C SER B 175 -3.55 -21.82 7.62
N SER B 176 -4.43 -22.79 7.40
CA SER B 176 -4.57 -23.91 8.32
C SER B 176 -3.28 -24.74 8.40
N LEU B 177 -2.66 -25.01 7.24
CA LEU B 177 -1.42 -25.76 7.21
C LEU B 177 -0.32 -25.04 7.99
N ARG B 178 -0.19 -23.72 7.78
CA ARG B 178 0.83 -22.96 8.49
C ARG B 178 0.57 -22.95 9.99
N ALA B 179 -0.70 -22.77 10.38
CA ALA B 179 -1.02 -22.78 11.80
C ALA B 179 -0.74 -24.13 12.44
N GLN B 180 -0.97 -25.22 11.69
CA GLN B 180 -0.67 -26.54 12.23
C GLN B 180 0.84 -26.78 12.33
N ALA B 181 1.59 -26.34 11.33
CA ALA B 181 3.04 -26.60 11.34
C ALA B 181 3.74 -25.76 12.40
N LEU B 182 3.33 -24.51 12.56
CA LEU B 182 3.95 -23.65 13.57
C LEU B 182 3.64 -24.14 14.98
N MET B 183 2.40 -24.60 15.22
CA MET B 183 2.01 -24.98 16.57
C MET B 183 2.71 -26.23 17.05
N SER B 184 3.07 -27.14 16.14
CA SER B 184 3.71 -28.39 16.49
C SER B 184 5.22 -28.36 16.26
N ALA B 185 5.79 -27.20 15.98
CA ALA B 185 7.22 -27.11 15.73
C ALA B 185 8.01 -27.39 17.01
N ASP B 186 9.23 -27.90 16.83
CA ASP B 186 10.11 -28.18 17.95
C ASP B 186 10.85 -26.91 18.34
N VAL B 187 11.84 -27.06 19.22
CA VAL B 187 12.66 -25.92 19.65
C VAL B 187 13.65 -25.62 18.54
N LYS B 188 13.43 -24.51 17.83
CA LYS B 188 14.31 -24.12 16.75
C LYS B 188 14.98 -22.78 17.07
N PRO B 189 16.23 -22.59 16.63
CA PRO B 189 16.94 -21.36 16.99
C PRO B 189 16.31 -20.09 16.46
N GLU B 190 15.52 -20.15 15.40
CA GLU B 190 14.96 -18.94 14.80
C GLU B 190 13.71 -18.44 15.53
N GLN B 191 13.20 -19.19 16.50
CA GLN B 191 12.05 -18.76 17.28
C GLN B 191 12.42 -17.90 18.47
N PHE B 192 13.72 -17.83 18.82
CA PHE B 192 14.18 -17.08 19.97
C PHE B 192 15.00 -15.86 19.59
N ALA B 193 15.09 -15.54 18.30
CA ALA B 193 16.00 -14.50 17.83
C ALA B 193 15.25 -13.47 17.00
N ILE B 194 15.79 -12.25 16.97
CA ILE B 194 15.31 -11.19 16.10
C ILE B 194 16.51 -10.62 15.37
N LEU B 195 16.23 -9.96 14.25
CA LEU B 195 17.28 -9.40 13.39
C LEU B 195 17.31 -7.89 13.59
N VAL B 196 18.10 -7.44 14.55
CA VAL B 196 18.31 -6.01 14.74
C VAL B 196 19.22 -5.49 13.65
N ARG B 197 18.79 -4.45 12.96
CA ARG B 197 19.49 -3.98 11.78
C ARG B 197 19.35 -2.47 11.69
N ASP B 198 20.31 -1.86 10.99
CA ASP B 198 20.36 -0.40 10.79
C ASP B 198 20.47 0.29 12.16
N MET B 199 21.57 0.00 12.82
CA MET B 199 21.89 0.56 14.13
C MET B 199 22.82 1.75 13.99
N PRO B 200 22.80 2.68 14.93
CA PRO B 200 23.75 3.79 14.93
C PRO B 200 25.12 3.31 15.44
N ALA B 201 26.05 4.24 15.48
CA ALA B 201 27.38 3.93 15.98
C ALA B 201 27.57 4.55 17.36
N PRO B 202 28.36 3.92 18.23
CA PRO B 202 28.60 4.48 19.56
C PRO B 202 29.48 5.70 19.49
N PRO B 203 28.94 6.90 19.74
CA PRO B 203 29.71 8.15 19.61
C PRO B 203 30.60 8.44 20.81
N ASP B 204 31.35 7.44 21.24
CA ASP B 204 32.18 7.51 22.44
C ASP B 204 33.13 6.31 22.39
N GLY B 205 33.81 6.05 23.50
CA GLY B 205 34.65 4.87 23.57
C GLY B 205 33.84 3.68 24.03
N GLN B 206 33.35 2.89 23.08
CA GLN B 206 32.45 1.78 23.38
C GLN B 206 32.30 0.88 22.15
N THR B 207 32.53 -0.42 22.31
CA THR B 207 32.37 -1.34 21.21
C THR B 207 30.90 -1.48 20.84
N GLN B 208 30.64 -1.97 19.62
CA GLN B 208 29.28 -2.11 19.16
C GLN B 208 28.51 -3.13 19.99
N LYS B 209 29.16 -4.20 20.42
CA LYS B 209 28.48 -5.18 21.26
C LYS B 209 28.08 -4.57 22.59
N GLU B 210 28.97 -3.78 23.20
CA GLU B 210 28.60 -3.10 24.44
C GLU B 210 27.53 -2.06 24.23
N PHE B 211 27.27 -1.65 23.00
CA PHE B 211 26.19 -0.71 22.73
C PHE B 211 24.87 -1.43 22.48
N ILE B 212 24.92 -2.59 21.84
CA ILE B 212 23.70 -3.39 21.66
C ILE B 212 23.20 -3.88 23.00
N ASP B 213 24.09 -4.48 23.79
CA ASP B 213 23.78 -4.68 25.20
C ASP B 213 23.75 -3.32 25.90
N SER B 214 23.09 -3.28 27.06
CA SER B 214 22.80 -2.05 27.79
C SER B 214 21.84 -1.15 27.03
N TYR B 215 21.43 -1.55 25.83
CA TYR B 215 20.31 -0.94 25.13
C TYR B 215 19.08 -1.83 25.14
N PHE B 216 19.22 -3.08 24.69
CA PHE B 216 18.16 -4.06 24.88
C PHE B 216 18.13 -4.60 26.29
N ARG B 217 19.21 -4.42 27.06
CA ARG B 217 19.21 -4.79 28.47
C ARG B 217 18.44 -3.82 29.33
N GLU B 218 18.07 -2.66 28.80
CA GLU B 218 17.20 -1.72 29.51
C GLU B 218 15.76 -1.76 29.02
N ILE B 219 15.54 -2.11 27.75
CA ILE B 219 14.18 -2.34 27.27
C ILE B 219 13.67 -3.69 27.77
N TYR B 220 14.52 -4.71 27.74
CA TYR B 220 14.13 -6.08 28.07
C TYR B 220 15.05 -6.63 29.16
N PRO B 221 14.90 -6.16 30.39
CA PRO B 221 15.60 -6.83 31.50
C PRO B 221 15.01 -8.21 31.75
N GLU B 222 15.87 -9.10 32.24
CA GLU B 222 15.52 -10.48 32.62
C GLU B 222 14.77 -11.24 31.52
N THR B 223 14.76 -10.72 30.29
CA THR B 223 14.19 -11.46 29.17
C THR B 223 15.01 -11.28 27.89
N PHE B 224 16.25 -10.82 28.01
CA PHE B 224 17.17 -10.67 26.89
C PHE B 224 18.44 -11.42 27.23
N TYR B 225 18.99 -12.17 26.27
CA TYR B 225 20.03 -13.13 26.58
C TYR B 225 21.39 -12.73 26.03
N ARG B 226 21.54 -12.59 24.72
CA ARG B 226 22.84 -12.28 24.11
C ARG B 226 22.58 -11.64 22.75
N SER B 227 23.66 -11.44 21.99
CA SER B 227 23.56 -10.81 20.67
C SER B 227 24.81 -11.11 19.86
N LEU B 228 24.62 -11.55 18.62
CA LEU B 228 25.70 -11.65 17.63
C LEU B 228 25.74 -10.36 16.82
N VAL B 229 26.84 -9.62 16.97
CA VAL B 229 27.06 -8.48 16.09
C VAL B 229 27.46 -9.00 14.71
N ALA B 230 26.79 -8.51 13.67
CA ALA B 230 27.02 -9.01 12.31
C ALA B 230 28.36 -8.47 11.82
N THR B 231 29.43 -9.12 12.27
CA THR B 231 30.76 -8.72 11.86
C THR B 231 30.98 -9.00 10.38
N GLU B 232 31.63 -8.07 9.70
CA GLU B 232 31.95 -8.23 8.29
C GLU B 232 33.08 -9.24 8.14
N ASN B 233 32.77 -10.43 7.64
CA ASN B 233 33.69 -11.55 7.59
C ASN B 233 33.72 -12.18 6.20
N SER B 234 33.82 -11.33 5.17
CA SER B 234 33.93 -11.83 3.80
C SER B 234 35.26 -12.56 3.60
N LYS B 235 36.37 -11.91 3.97
CA LYS B 235 37.67 -12.55 3.80
C LYS B 235 37.85 -13.73 4.75
N VAL B 236 37.20 -13.68 5.91
CA VAL B 236 37.22 -14.84 6.81
C VAL B 236 36.54 -16.03 6.15
N ASN B 237 35.39 -15.79 5.52
CA ASN B 237 34.69 -16.86 4.81
C ASN B 237 35.54 -17.38 3.65
N LYS B 238 36.19 -16.48 2.93
CA LYS B 238 37.04 -16.89 1.81
C LYS B 238 38.18 -17.78 2.28
N ILE B 239 38.87 -17.38 3.35
CA ILE B 239 40.00 -18.16 3.84
C ILE B 239 39.53 -19.49 4.42
N TRP B 240 38.36 -19.52 5.05
CA TRP B 240 37.87 -20.78 5.61
C TRP B 240 37.46 -21.75 4.51
N GLU B 241 36.82 -21.27 3.46
CA GLU B 241 36.46 -22.17 2.37
C GLU B 241 37.69 -22.63 1.60
N LYS B 242 38.71 -21.79 1.51
CA LYS B 242 39.97 -22.21 0.89
C LYS B 242 40.63 -23.32 1.72
N LEU B 243 40.59 -23.16 3.05
CA LEU B 243 41.11 -24.19 3.94
C LEU B 243 40.35 -25.49 3.78
N GLU B 244 39.03 -25.42 3.68
CA GLU B 244 38.20 -26.61 3.44
C GLU B 244 38.52 -27.24 2.09
N GLY B 245 38.82 -26.41 1.10
CA GLY B 245 39.21 -26.95 -0.20
C GLY B 245 40.48 -27.77 -0.13
N TYR B 246 41.51 -27.25 0.55
CA TYR B 246 42.71 -28.08 0.72
C TYR B 246 42.50 -29.26 1.65
N LYS B 247 41.59 -29.16 2.63
CA LYS B 247 41.28 -30.34 3.44
C LYS B 247 40.70 -31.45 2.57
N LYS B 248 39.75 -31.10 1.70
CA LYS B 248 39.18 -32.10 0.79
C LYS B 248 40.22 -32.63 -0.20
N LYS B 249 41.09 -31.74 -0.70
CA LYS B 249 42.12 -32.19 -1.63
C LYS B 249 43.11 -33.14 -0.96
N LEU B 250 43.48 -32.88 0.29
CA LEU B 250 44.35 -33.80 1.01
C LEU B 250 43.65 -35.12 1.30
N ALA B 251 42.35 -35.09 1.60
CA ALA B 251 41.60 -36.33 1.77
C ALA B 251 41.60 -37.14 0.49
N ARG B 252 41.42 -36.46 -0.65
CA ARG B 252 41.47 -37.13 -1.95
C ARG B 252 42.85 -37.74 -2.20
N ALA B 253 43.91 -36.99 -1.87
CA ALA B 253 45.27 -37.50 -2.07
C ALA B 253 45.53 -38.71 -1.18
N GLU B 254 45.07 -38.68 0.07
CA GLU B 254 45.21 -39.83 0.95
C GLU B 254 44.46 -41.04 0.42
N ALA B 255 43.25 -40.83 -0.10
CA ALA B 255 42.50 -41.94 -0.68
C ALA B 255 43.23 -42.52 -1.90
N ILE B 256 43.79 -41.66 -2.74
CA ILE B 256 44.53 -42.13 -3.91
C ILE B 256 45.76 -42.93 -3.47
N LEU B 257 46.48 -42.43 -2.47
CA LEU B 257 47.65 -43.14 -1.97
C LEU B 257 47.28 -44.50 -1.41
N ALA B 258 46.18 -44.56 -0.65
CA ALA B 258 45.73 -45.84 -0.11
C ALA B 258 45.33 -46.80 -1.23
N ALA B 259 44.71 -46.28 -2.29
CA ALA B 259 44.22 -47.14 -3.36
C ALA B 259 45.37 -47.70 -4.20
N THR B 260 46.31 -46.84 -4.59
CA THR B 260 47.34 -47.23 -5.55
C THR B 260 48.71 -47.47 -4.92
N ASN B 261 48.84 -47.26 -3.61
CA ASN B 261 50.10 -47.45 -2.90
C ASN B 261 51.23 -46.59 -3.46
N ASN B 262 50.88 -45.46 -4.08
CA ASN B 262 51.86 -44.54 -4.65
C ASN B 262 51.51 -43.12 -4.26
N ARG B 263 52.53 -42.28 -4.13
CA ARG B 263 52.32 -40.90 -3.73
C ARG B 263 51.80 -40.08 -4.91
N PRO B 264 50.66 -39.42 -4.79
CA PRO B 264 50.16 -38.60 -5.90
C PRO B 264 50.99 -37.34 -6.08
N THR B 265 50.97 -36.82 -7.31
CA THR B 265 51.73 -35.63 -7.67
C THR B 265 50.78 -34.50 -8.03
N ASN B 266 51.21 -33.28 -7.74
CA ASN B 266 50.40 -32.08 -7.98
C ASN B 266 51.24 -31.02 -8.65
N LYS B 267 50.57 -30.14 -9.40
CA LYS B 267 51.22 -29.01 -10.07
C LYS B 267 50.89 -27.73 -9.33
N THR B 268 51.92 -26.91 -9.12
CA THR B 268 51.78 -25.64 -8.41
C THR B 268 51.19 -24.54 -9.27
N GLY B 269 50.98 -24.78 -10.55
CA GLY B 269 50.46 -23.78 -11.46
C GLY B 269 48.96 -23.60 -11.37
N PHE B 270 48.39 -22.93 -12.37
CA PHE B 270 46.97 -22.64 -12.38
C PHE B 270 46.18 -23.90 -12.71
N CYS B 271 45.26 -24.28 -11.81
CA CYS B 271 44.38 -25.43 -11.97
C CYS B 271 45.14 -26.75 -12.13
N GLY B 272 46.42 -26.77 -11.77
CA GLY B 272 47.19 -28.00 -11.83
C GLY B 272 47.41 -28.56 -13.22
N LEU B 273 47.29 -27.73 -14.25
CA LEU B 273 47.49 -28.17 -15.64
C LEU B 273 48.90 -27.90 -16.14
N VAL B 274 49.35 -26.65 -16.01
CA VAL B 274 50.71 -26.26 -16.40
C VAL B 274 51.37 -25.63 -15.19
N GLY B 275 52.55 -26.14 -14.82
CA GLY B 275 53.28 -25.62 -13.69
C GLY B 275 54.26 -26.59 -13.08
N LYS B 276 54.94 -26.16 -12.03
CA LYS B 276 55.94 -26.99 -11.37
C LYS B 276 55.27 -28.12 -10.61
N GLN B 277 55.88 -29.30 -10.65
CA GLN B 277 55.31 -30.50 -10.03
C GLN B 277 55.80 -30.63 -8.59
N VAL B 278 54.88 -30.89 -7.67
CA VAL B 278 55.18 -31.07 -6.27
C VAL B 278 54.38 -32.25 -5.74
N ASP B 279 54.89 -32.86 -4.67
CA ASP B 279 54.17 -33.95 -4.02
C ASP B 279 52.88 -33.42 -3.39
N SER B 280 51.80 -34.17 -3.60
CA SER B 280 50.49 -33.70 -3.17
C SER B 280 50.36 -33.68 -1.65
N ILE B 281 50.75 -34.78 -0.99
CA ILE B 281 50.44 -34.95 0.43
C ILE B 281 51.18 -33.92 1.27
N GLU B 282 52.50 -33.80 1.07
CA GLU B 282 53.30 -32.91 1.90
C GLU B 282 52.91 -31.45 1.67
N TYR B 283 52.77 -31.05 0.42
CA TYR B 283 52.39 -29.67 0.10
C TYR B 283 51.02 -29.35 0.68
N TYR B 284 50.05 -30.24 0.50
CA TYR B 284 48.71 -29.98 1.02
C TYR B 284 48.71 -29.93 2.55
N THR B 285 49.48 -30.81 3.21
CA THR B 285 49.54 -30.79 4.67
C THR B 285 50.11 -29.48 5.18
N GLU B 286 51.25 -29.04 4.64
CA GLU B 286 51.87 -27.82 5.14
C GLU B 286 51.02 -26.59 4.80
N LEU B 287 50.37 -26.59 3.63
CA LEU B 287 49.47 -25.50 3.30
C LEU B 287 48.24 -25.49 4.19
N ILE B 288 47.74 -26.68 4.56
CA ILE B 288 46.61 -26.76 5.47
C ILE B 288 46.98 -26.20 6.83
N ASN B 289 48.16 -26.54 7.36
CA ASN B 289 48.51 -26.04 8.68
C ASN B 289 48.76 -24.54 8.68
N GLU B 290 49.42 -24.02 7.64
CA GLU B 290 49.61 -22.57 7.59
C GLU B 290 48.26 -21.86 7.47
N SER B 291 47.34 -22.43 6.68
CA SER B 291 46.01 -21.85 6.56
C SER B 291 45.24 -21.91 7.87
N VAL B 292 45.43 -22.98 8.66
CA VAL B 292 44.79 -23.06 9.96
C VAL B 292 45.29 -21.94 10.87
N ALA B 293 46.61 -21.74 10.91
CA ALA B 293 47.18 -20.68 11.73
C ALA B 293 46.69 -19.30 11.27
N LYS B 294 46.69 -19.07 9.96
CA LYS B 294 46.28 -17.77 9.44
C LYS B 294 44.79 -17.53 9.66
N LEU B 295 43.98 -18.59 9.57
CA LEU B 295 42.55 -18.47 9.85
C LEU B 295 42.31 -18.17 11.33
N GLU B 296 43.08 -18.79 12.22
CA GLU B 296 42.96 -18.46 13.65
C GLU B 296 43.30 -16.99 13.90
N THR B 297 44.39 -16.52 13.28
CA THR B 297 44.75 -15.10 13.44
C THR B 297 43.65 -14.18 12.92
N GLU B 298 43.11 -14.50 11.75
CA GLU B 298 42.04 -13.67 11.18
C GLU B 298 40.80 -13.69 12.06
N GLN B 299 40.39 -14.86 12.55
CA GLN B 299 39.24 -14.95 13.43
C GLN B 299 39.44 -14.12 14.69
N LYS B 300 40.64 -14.16 15.26
CA LYS B 300 40.93 -13.31 16.41
C LYS B 300 40.82 -11.83 16.03
N ALA B 301 41.33 -11.46 14.86
CA ALA B 301 41.40 -10.08 14.44
C ALA B 301 40.11 -9.55 13.84
N VAL B 302 39.06 -10.38 13.74
CA VAL B 302 37.79 -9.90 13.19
C VAL B 302 37.25 -8.74 14.01
N LEU B 303 37.26 -8.88 15.33
CA LEU B 303 36.76 -7.82 16.20
C LEU B 303 37.70 -6.64 16.16
N ALA B 304 37.32 -5.60 15.41
CA ALA B 304 38.19 -4.49 15.11
C ALA B 304 37.50 -3.18 15.47
N GLU B 305 38.20 -2.08 15.23
CA GLU B 305 37.67 -0.76 15.58
C GLU B 305 36.49 -0.35 14.70
N LYS B 306 36.41 -0.89 13.49
CA LYS B 306 35.28 -0.60 12.62
C LYS B 306 33.99 -1.10 13.25
N GLN B 307 32.91 -0.35 13.03
CA GLN B 307 31.64 -0.59 13.70
C GLN B 307 30.64 -1.17 12.72
N GLN B 308 30.06 -2.32 13.08
CA GLN B 308 29.07 -3.00 12.25
C GLN B 308 27.67 -2.65 12.73
N THR B 309 26.75 -2.48 11.79
CA THR B 309 25.42 -1.96 12.07
C THR B 309 24.32 -2.98 11.83
N ALA B 310 24.53 -4.22 12.27
CA ALA B 310 23.49 -5.24 12.22
C ALA B 310 23.81 -6.28 13.28
N ALA B 311 22.76 -6.97 13.74
CA ALA B 311 22.94 -7.93 14.82
C ALA B 311 21.78 -8.92 14.83
N VAL B 312 21.99 -10.00 15.56
CA VAL B 312 20.95 -10.98 15.88
C VAL B 312 20.85 -11.04 17.40
N VAL B 313 19.66 -10.78 17.93
CA VAL B 313 19.43 -10.66 19.36
C VAL B 313 18.56 -11.80 19.83
N PHE B 314 19.00 -12.52 20.85
CA PHE B 314 18.34 -13.72 21.35
C PHE B 314 17.64 -13.42 22.66
N PHE B 315 16.39 -13.86 22.78
CA PHE B 315 15.61 -13.72 23.99
C PHE B 315 15.42 -15.08 24.64
N THR B 316 15.03 -15.07 25.91
CA THR B 316 14.90 -16.30 26.68
C THR B 316 13.56 -16.98 26.50
N THR B 317 12.60 -16.36 25.82
CA THR B 317 11.29 -16.95 25.60
C THR B 317 10.86 -16.75 24.16
N ARG B 318 10.00 -17.65 23.69
CA ARG B 318 9.42 -17.48 22.36
C ARG B 318 8.53 -16.25 22.29
N VAL B 319 7.82 -15.95 23.39
CA VAL B 319 6.88 -14.83 23.40
C VAL B 319 7.62 -13.52 23.25
N ALA B 320 8.70 -13.34 24.02
CA ALA B 320 9.47 -12.11 23.94
C ALA B 320 10.10 -11.93 22.56
N ALA B 321 10.64 -13.01 22.00
CA ALA B 321 11.26 -12.91 20.69
C ALA B 321 10.25 -12.77 19.56
N ALA B 322 8.98 -13.07 19.82
CA ALA B 322 7.93 -12.89 18.83
C ALA B 322 7.25 -11.54 18.97
N SER B 323 7.07 -11.07 20.20
CA SER B 323 6.52 -9.73 20.41
C SER B 323 7.57 -8.65 20.15
N ALA B 324 8.82 -8.90 20.49
CA ALA B 324 9.88 -7.92 20.22
C ALA B 324 10.53 -8.17 18.87
N ALA B 325 9.68 -8.40 17.86
CA ALA B 325 10.06 -8.38 16.46
C ALA B 325 9.05 -7.64 15.62
N GLN B 326 7.87 -7.36 16.15
CA GLN B 326 6.85 -6.57 15.50
C GLN B 326 6.68 -5.21 16.15
N SER B 327 7.43 -4.94 17.21
CA SER B 327 7.37 -3.67 17.92
C SER B 327 8.34 -2.66 17.33
N LEU B 328 8.17 -1.40 17.72
CA LEU B 328 9.05 -0.32 17.32
C LEU B 328 9.96 0.02 18.49
N HIS B 329 11.28 0.00 18.27
CA HIS B 329 12.24 0.09 19.34
C HIS B 329 12.84 1.47 19.54
N CYS B 330 12.89 2.28 18.50
CA CYS B 330 13.36 3.66 18.60
C CYS B 330 12.36 4.57 17.90
N GLN B 331 12.19 5.78 18.42
CA GLN B 331 11.23 6.70 17.80
C GLN B 331 11.82 7.39 16.58
N MET B 332 12.50 6.61 15.75
CA MET B 332 13.05 7.02 14.47
C MET B 332 13.20 5.73 13.68
N VAL B 333 12.29 5.47 12.75
CA VAL B 333 12.22 4.15 12.13
C VAL B 333 13.43 3.89 11.26
N ASP B 334 14.34 4.88 11.16
CA ASP B 334 15.67 4.59 10.63
C ASP B 334 16.40 3.60 11.53
N LYS B 335 16.63 3.96 12.78
CA LYS B 335 17.55 3.27 13.67
C LYS B 335 16.86 2.10 14.36
N TRP B 336 17.64 1.03 14.57
CA TRP B 336 17.17 -0.17 15.26
C TRP B 336 15.94 -0.77 14.57
N THR B 337 16.04 -0.96 13.26
CA THR B 337 14.99 -1.63 12.50
C THR B 337 15.03 -3.12 12.81
N VAL B 338 13.95 -3.64 13.39
CA VAL B 338 13.91 -4.99 13.92
C VAL B 338 12.85 -5.79 13.16
N THR B 339 13.25 -6.98 12.70
CA THR B 339 12.32 -7.93 12.11
C THR B 339 12.62 -9.31 12.68
N GLU B 340 11.77 -10.28 12.35
CA GLU B 340 12.00 -11.65 12.77
C GLU B 340 13.30 -12.17 12.17
N ALA B 341 14.12 -12.81 12.99
CA ALA B 341 15.37 -13.35 12.51
C ALA B 341 15.11 -14.56 11.62
N PRO B 342 15.67 -14.59 10.41
CA PRO B 342 15.51 -15.77 9.56
C PRO B 342 16.25 -16.97 10.14
N GLU B 343 16.07 -18.11 9.50
CA GLU B 343 16.78 -19.31 9.90
C GLU B 343 18.27 -19.10 9.73
N PRO B 344 19.10 -19.80 10.52
CA PRO B 344 20.54 -19.78 10.27
C PRO B 344 20.89 -20.27 8.87
N ARG B 345 20.09 -21.20 8.33
CA ARG B 345 20.24 -21.63 6.95
C ARG B 345 19.79 -20.58 5.94
N GLN B 346 19.11 -19.52 6.39
CA GLN B 346 18.52 -18.56 5.48
C GLN B 346 19.14 -17.17 5.54
N LEU B 347 19.91 -16.86 6.58
CA LEU B 347 20.51 -15.53 6.68
C LEU B 347 21.46 -15.28 5.52
N LEU B 348 21.33 -14.10 4.92
CA LEU B 348 22.32 -13.58 3.98
C LEU B 348 23.20 -12.63 4.79
N TRP B 349 24.25 -13.19 5.40
CA TRP B 349 25.10 -12.42 6.30
C TRP B 349 25.75 -11.24 5.59
N GLN B 350 25.91 -11.31 4.27
CA GLN B 350 26.50 -10.21 3.52
C GLN B 350 25.53 -9.06 3.34
N ASN B 351 24.22 -9.34 3.29
CA ASN B 351 23.22 -8.31 3.04
C ASN B 351 22.86 -7.53 4.29
N LEU B 352 23.33 -7.94 5.46
CA LEU B 352 23.21 -7.12 6.64
C LEU B 352 24.19 -5.95 6.55
N ASN B 353 24.22 -5.12 7.59
CA ASN B 353 25.09 -3.95 7.65
C ASN B 353 24.79 -2.97 6.51
N ILE B 354 23.54 -2.93 6.05
CA ILE B 354 23.11 -2.01 5.01
C ILE B 354 21.98 -1.15 5.56
N LYS B 355 22.14 0.16 5.46
CA LYS B 355 21.22 1.10 6.10
C LYS B 355 20.04 1.40 5.18
N LEU B 356 19.12 2.23 5.66
CA LEU B 356 17.82 2.38 5.02
C LEU B 356 17.92 3.12 3.69
N PHE B 357 18.63 4.25 3.67
CA PHE B 357 18.84 4.95 2.41
C PHE B 357 19.57 4.07 1.40
N SER B 358 20.59 3.34 1.86
CA SER B 358 21.30 2.45 0.95
C SER B 358 20.34 1.41 0.37
N ARG B 359 19.50 0.81 1.20
CA ARG B 359 18.56 -0.20 0.72
C ARG B 359 17.58 0.41 -0.28
N ILE B 360 17.06 1.61 0.02
CA ILE B 360 16.08 2.23 -0.88
C ILE B 360 16.71 2.57 -2.22
N ILE B 361 17.93 3.11 -2.21
CA ILE B 361 18.61 3.44 -3.46
C ILE B 361 18.87 2.17 -4.27
N ARG B 362 19.33 1.11 -3.60
CA ARG B 362 19.58 -0.14 -4.30
C ARG B 362 18.30 -0.71 -4.89
N GLN B 363 17.20 -0.65 -4.14
CA GLN B 363 15.92 -1.13 -4.64
C GLN B 363 15.48 -0.37 -5.88
N TYR B 364 15.54 0.96 -5.83
CA TYR B 364 15.09 1.75 -6.96
C TYR B 364 15.95 1.51 -8.20
N PHE B 365 17.27 1.49 -8.02
CA PHE B 365 18.14 1.26 -9.17
C PHE B 365 17.96 -0.14 -9.74
N ILE B 366 17.75 -1.13 -8.87
CA ILE B 366 17.55 -2.50 -9.35
C ILE B 366 16.23 -2.61 -10.10
N TYR B 367 15.18 -1.93 -9.62
CA TYR B 367 13.91 -1.94 -10.35
C TYR B 367 14.04 -1.28 -11.71
N PHE B 368 14.76 -0.15 -11.77
CA PHE B 368 14.98 0.49 -13.07
C PHE B 368 15.76 -0.41 -14.02
N PHE B 369 16.79 -1.09 -13.51
CA PHE B 369 17.54 -2.02 -14.34
C PHE B 369 16.67 -3.19 -14.79
N VAL B 370 15.75 -3.63 -13.94
CA VAL B 370 14.85 -4.71 -14.32
C VAL B 370 13.95 -4.26 -15.47
N ALA B 371 13.44 -3.03 -15.42
CA ALA B 371 12.66 -2.53 -16.55
C ALA B 371 13.50 -2.44 -17.82
N VAL B 372 14.74 -1.98 -17.70
CA VAL B 372 15.61 -1.86 -18.86
C VAL B 372 15.83 -3.23 -19.50
N THR B 373 16.11 -4.24 -18.68
CA THR B 373 16.28 -5.57 -19.25
C THR B 373 14.96 -6.20 -19.67
N ILE B 374 13.84 -5.71 -19.15
CA ILE B 374 12.53 -6.08 -19.70
C ILE B 374 12.47 -5.71 -21.17
N LEU B 375 12.85 -4.47 -21.49
CA LEU B 375 12.90 -4.08 -22.90
C LEU B 375 13.95 -4.87 -23.69
N PHE B 376 15.12 -5.06 -23.08
CA PHE B 376 16.22 -5.71 -23.78
C PHE B 376 15.92 -7.17 -24.08
N TYR B 377 15.05 -7.81 -23.30
CA TYR B 377 14.50 -9.12 -23.66
C TYR B 377 13.20 -9.02 -24.45
N MET B 378 12.56 -7.85 -24.50
CA MET B 378 11.46 -7.67 -25.43
C MET B 378 11.94 -7.75 -26.87
N ILE B 379 13.21 -7.40 -27.11
CA ILE B 379 13.75 -7.54 -28.46
C ILE B 379 13.80 -9.01 -28.91
N PRO B 380 14.46 -9.93 -28.18
CA PRO B 380 14.43 -11.34 -28.61
C PRO B 380 13.05 -11.96 -28.54
N ILE B 381 12.14 -11.43 -27.73
CA ILE B 381 10.75 -11.88 -27.79
C ILE B 381 10.16 -11.58 -29.17
N ALA B 382 10.45 -10.39 -29.69
CA ALA B 382 10.05 -10.07 -31.05
C ALA B 382 10.68 -11.02 -32.06
N PHE B 383 11.96 -11.35 -31.86
CA PHE B 383 12.61 -12.32 -32.76
C PHE B 383 11.90 -13.67 -32.73
N VAL B 384 11.58 -14.16 -31.53
CA VAL B 384 10.95 -15.46 -31.39
C VAL B 384 9.59 -15.47 -32.07
N SER B 385 8.75 -14.47 -31.76
CA SER B 385 7.44 -14.40 -32.38
C SER B 385 7.53 -14.22 -33.88
N ALA B 386 8.60 -13.57 -34.36
CA ALA B 386 8.83 -13.49 -35.80
C ALA B 386 9.12 -14.86 -36.40
N ILE B 387 9.93 -15.66 -35.70
CA ILE B 387 10.27 -16.98 -36.22
C ILE B 387 9.05 -17.91 -36.21
N THR B 388 8.14 -17.73 -35.24
CA THR B 388 6.97 -18.61 -35.17
C THR B 388 6.17 -18.59 -36.47
N THR B 389 5.86 -17.40 -36.96
CA THR B 389 5.09 -17.26 -38.21
C THR B 389 6.04 -17.04 -39.38
N LEU B 390 6.74 -18.12 -39.73
CA LEU B 390 7.80 -18.03 -40.73
C LEU B 390 7.24 -17.77 -42.12
N LYS B 391 6.08 -18.35 -42.44
CA LYS B 391 5.52 -18.17 -43.78
C LYS B 391 5.08 -16.72 -44.00
N ASN B 392 4.43 -16.10 -43.01
CA ASN B 392 4.04 -14.71 -43.13
C ASN B 392 5.23 -13.78 -43.12
N LEU B 393 6.37 -14.23 -42.61
CA LEU B 393 7.60 -13.44 -42.61
C LEU B 393 8.37 -13.59 -43.92
N GLN B 394 7.84 -14.34 -44.88
CA GLN B 394 8.41 -14.34 -46.22
C GLN B 394 8.06 -13.07 -46.97
N ARG B 395 6.86 -12.53 -46.75
CA ARG B 395 6.46 -11.30 -47.41
C ARG B 395 7.29 -10.12 -46.93
N ILE B 396 7.42 -9.96 -45.60
CA ILE B 396 8.42 -9.04 -45.07
C ILE B 396 9.79 -9.64 -45.31
N ILE B 397 10.80 -8.78 -45.46
CA ILE B 397 12.20 -9.15 -45.71
C ILE B 397 12.28 -10.37 -46.62
N PRO B 398 11.90 -10.25 -47.90
CA PRO B 398 11.77 -11.43 -48.75
C PRO B 398 13.10 -12.11 -49.09
N PHE B 399 14.18 -11.68 -48.43
CA PHE B 399 15.47 -12.33 -48.62
C PHE B 399 15.45 -13.79 -48.17
N ILE B 400 14.52 -14.16 -47.28
CA ILE B 400 14.47 -15.50 -46.73
C ILE B 400 13.67 -16.42 -47.64
N LYS B 401 13.35 -15.94 -48.84
CA LYS B 401 12.61 -16.78 -49.79
C LYS B 401 13.34 -18.08 -50.12
N PRO B 402 14.64 -18.10 -50.45
CA PRO B 402 15.27 -19.37 -50.82
C PRO B 402 15.20 -20.45 -49.74
N VAL B 403 15.37 -20.07 -48.47
CA VAL B 403 15.31 -21.09 -47.42
C VAL B 403 13.88 -21.57 -47.21
N VAL B 404 12.91 -20.66 -47.19
CA VAL B 404 11.50 -21.05 -47.04
C VAL B 404 10.95 -21.26 -48.44
N GLU B 405 11.27 -22.43 -49.00
CA GLU B 405 10.60 -22.90 -50.22
C GLU B 405 10.12 -24.32 -50.01
N ILE B 406 10.94 -25.13 -49.35
CA ILE B 406 10.65 -26.54 -49.11
C ILE B 406 10.02 -26.67 -47.73
N THR B 407 9.02 -27.56 -47.64
CA THR B 407 8.23 -27.65 -46.42
C THR B 407 9.06 -28.14 -45.23
N ALA B 408 10.05 -28.99 -45.50
CA ALA B 408 10.79 -29.63 -44.41
C ALA B 408 11.50 -28.61 -43.54
N ILE B 409 12.28 -27.72 -44.16
CA ILE B 409 13.05 -26.74 -43.40
C ILE B 409 12.13 -25.79 -42.64
N ARG B 410 11.10 -25.28 -43.33
CA ARG B 410 10.16 -24.38 -42.67
C ARG B 410 9.45 -25.08 -41.51
N THR B 411 9.03 -26.33 -41.73
CA THR B 411 8.33 -27.05 -40.68
C THR B 411 9.21 -27.26 -39.46
N VAL B 412 10.45 -27.72 -39.66
CA VAL B 412 11.31 -28.00 -38.52
C VAL B 412 11.67 -26.70 -37.80
N LEU B 413 11.94 -25.63 -38.56
CA LEU B 413 12.25 -24.35 -37.92
C LEU B 413 11.08 -23.85 -37.08
N GLU B 414 9.88 -23.81 -37.66
CA GLU B 414 8.71 -23.32 -36.93
C GLU B 414 8.43 -24.19 -35.71
N SER B 415 8.60 -25.51 -35.84
CA SER B 415 8.23 -26.40 -34.75
C SER B 415 9.27 -26.52 -33.66
N PHE B 416 10.52 -26.11 -33.91
CA PHE B 416 11.54 -26.26 -32.89
C PHE B 416 12.20 -24.95 -32.46
N LEU B 417 12.64 -24.13 -33.41
CA LEU B 417 13.53 -23.01 -33.08
C LEU B 417 12.93 -22.00 -32.10
N PRO B 418 11.72 -21.47 -32.30
CA PRO B 418 11.22 -20.46 -31.35
C PRO B 418 11.12 -20.97 -29.92
N GLN B 419 10.70 -22.22 -29.74
CA GLN B 419 10.60 -22.78 -28.40
C GLN B 419 11.97 -22.89 -27.74
N ILE B 420 12.98 -23.34 -28.50
CA ILE B 420 14.33 -23.45 -27.94
C ILE B 420 14.86 -22.08 -27.56
N ALA B 421 14.65 -21.08 -28.42
CA ALA B 421 15.13 -19.73 -28.11
C ALA B 421 14.44 -19.18 -26.87
N LEU B 422 13.12 -19.35 -26.77
CA LEU B 422 12.39 -18.88 -25.61
C LEU B 422 12.88 -19.57 -24.34
N ILE B 423 13.12 -20.87 -24.41
CA ILE B 423 13.62 -21.61 -23.25
C ILE B 423 14.99 -21.09 -22.85
N VAL B 424 15.86 -20.84 -23.82
CA VAL B 424 17.21 -20.37 -23.51
C VAL B 424 17.15 -19.03 -22.79
N PHE B 425 16.34 -18.09 -23.31
CA PHE B 425 16.27 -16.77 -22.69
C PHE B 425 15.65 -16.84 -21.30
N LEU B 426 14.50 -17.51 -21.19
CA LEU B 426 13.82 -17.62 -19.91
C LEU B 426 14.56 -18.52 -18.92
N ALA B 427 15.59 -19.24 -19.37
CA ALA B 427 16.46 -19.98 -18.48
C ALA B 427 17.65 -19.15 -18.02
N MET B 428 18.15 -18.25 -18.87
CA MET B 428 19.16 -17.31 -18.40
C MET B 428 18.57 -16.33 -17.39
N LEU B 429 17.26 -16.07 -17.48
CA LEU B 429 16.64 -15.10 -16.56
C LEU B 429 16.81 -15.42 -15.07
N PRO B 430 16.50 -16.63 -14.58
CA PRO B 430 16.43 -16.83 -13.12
C PRO B 430 17.68 -16.47 -12.34
N LYS B 431 18.86 -16.81 -12.86
CA LYS B 431 20.09 -16.52 -12.12
C LYS B 431 20.31 -15.03 -11.97
N LEU B 432 20.12 -14.27 -13.06
CA LEU B 432 20.25 -12.82 -12.98
C LEU B 432 19.23 -12.23 -12.02
N LEU B 433 18.00 -12.71 -12.08
CA LEU B 433 16.97 -12.16 -11.20
C LEU B 433 17.25 -12.45 -9.74
N LEU B 434 17.75 -13.65 -9.44
CA LEU B 434 18.09 -13.98 -8.06
C LEU B 434 19.28 -13.18 -7.58
N PHE B 435 20.27 -12.95 -8.45
CA PHE B 435 21.39 -12.09 -8.07
C PHE B 435 20.93 -10.66 -7.80
N LEU B 436 20.06 -10.14 -8.65
CA LEU B 436 19.55 -8.78 -8.45
C LEU B 436 18.75 -8.68 -7.16
N SER B 437 17.91 -9.67 -6.87
CA SER B 437 17.09 -9.63 -5.68
C SER B 437 17.94 -9.64 -4.42
N LYS B 438 19.02 -10.43 -4.41
CA LYS B 438 19.91 -10.46 -3.26
C LYS B 438 20.70 -9.16 -3.10
N ALA B 439 20.74 -8.32 -4.12
CA ALA B 439 21.48 -7.07 -4.09
C ALA B 439 20.68 -5.90 -3.54
N GLU B 440 19.43 -6.14 -3.12
CA GLU B 440 18.61 -5.10 -2.52
C GLU B 440 18.78 -4.99 -1.02
N GLY B 441 19.69 -5.78 -0.43
CA GLY B 441 19.81 -5.82 1.01
C GLY B 441 18.83 -6.76 1.68
N ILE B 442 18.17 -7.63 0.93
CA ILE B 442 17.24 -8.59 1.51
C ILE B 442 18.00 -9.54 2.41
N PRO B 443 17.56 -9.75 3.66
CA PRO B 443 18.37 -10.51 4.63
C PRO B 443 18.05 -11.99 4.73
N SER B 444 17.23 -12.56 3.85
CA SER B 444 16.90 -13.98 3.93
C SER B 444 16.85 -14.58 2.52
N GLN B 445 17.09 -15.89 2.44
CA GLN B 445 17.07 -16.57 1.15
C GLN B 445 15.65 -16.73 0.62
N SER B 446 14.69 -17.01 1.50
CA SER B 446 13.31 -17.17 1.05
C SER B 446 12.76 -15.87 0.46
N HIS B 447 13.01 -14.75 1.13
CA HIS B 447 12.54 -13.47 0.61
C HIS B 447 13.22 -13.13 -0.71
N ALA B 448 14.52 -13.41 -0.83
CA ALA B 448 15.21 -13.16 -2.08
C ALA B 448 14.65 -14.02 -3.20
N ILE B 449 14.36 -15.29 -2.90
CA ILE B 449 13.82 -16.19 -3.91
C ILE B 449 12.45 -15.72 -4.38
N ARG B 450 11.59 -15.31 -3.43
CA ARG B 450 10.26 -14.88 -3.84
C ARG B 450 10.27 -13.52 -4.52
N ALA B 451 11.23 -12.67 -4.19
CA ALA B 451 11.38 -11.42 -4.93
C ALA B 451 11.87 -11.68 -6.36
N ALA B 452 12.78 -12.64 -6.52
CA ALA B 452 13.19 -13.04 -7.86
C ALA B 452 12.01 -13.63 -8.62
N SER B 453 11.15 -14.37 -7.94
CA SER B 453 9.95 -14.90 -8.57
C SER B 453 9.03 -13.76 -9.02
N GLY B 454 8.90 -12.72 -8.20
CA GLY B 454 8.09 -11.58 -8.62
C GLY B 454 8.65 -10.87 -9.83
N LYS B 455 9.96 -10.64 -9.86
CA LYS B 455 10.58 -10.03 -11.02
C LYS B 455 10.42 -10.90 -12.26
N TYR B 456 10.57 -12.22 -12.10
CA TYR B 456 10.35 -13.11 -13.23
C TYR B 456 8.90 -13.10 -13.66
N PHE B 457 7.96 -12.87 -12.74
CA PHE B 457 6.56 -12.77 -13.13
C PHE B 457 6.33 -11.52 -13.98
N TYR B 458 6.97 -10.41 -13.60
CA TYR B 458 6.90 -9.23 -14.45
C TYR B 458 7.45 -9.52 -15.84
N PHE B 459 8.60 -10.20 -15.90
CA PHE B 459 9.15 -10.64 -17.18
C PHE B 459 8.15 -11.49 -17.95
N SER B 460 7.65 -12.54 -17.30
CA SER B 460 6.69 -13.45 -17.92
C SER B 460 5.54 -12.67 -18.54
N VAL B 461 4.80 -11.95 -17.70
CA VAL B 461 3.62 -11.22 -18.15
C VAL B 461 4.00 -10.33 -19.32
N PHE B 462 4.81 -9.30 -19.05
CA PHE B 462 5.03 -8.30 -20.08
C PHE B 462 5.70 -8.91 -21.29
N ASN B 463 6.94 -9.36 -21.14
CA ASN B 463 7.68 -9.87 -22.28
C ASN B 463 6.93 -11.01 -22.94
N VAL B 464 6.78 -12.16 -22.25
CA VAL B 464 6.24 -13.33 -22.91
C VAL B 464 4.87 -13.00 -23.48
N PHE B 465 3.87 -12.74 -22.62
CA PHE B 465 2.53 -12.57 -23.17
C PHE B 465 2.44 -11.38 -24.12
N ILE B 466 2.67 -10.18 -23.61
CA ILE B 466 2.37 -9.00 -24.41
C ILE B 466 3.27 -8.93 -25.63
N GLY B 467 4.58 -9.13 -25.45
CA GLY B 467 5.47 -9.08 -26.59
C GLY B 467 5.17 -10.13 -27.63
N VAL B 468 5.02 -11.40 -27.22
CA VAL B 468 4.79 -12.45 -28.20
C VAL B 468 3.46 -12.23 -28.91
N THR B 469 2.40 -11.90 -28.15
CA THR B 469 1.09 -11.70 -28.76
C THR B 469 1.09 -10.52 -29.71
N LEU B 470 1.61 -9.37 -29.26
CA LEU B 470 1.62 -8.18 -30.11
C LEU B 470 2.49 -8.39 -31.35
N ALA B 471 3.64 -9.05 -31.18
CA ALA B 471 4.48 -9.32 -32.33
C ALA B 471 3.80 -10.27 -33.31
N GLY B 472 3.11 -11.29 -32.81
CA GLY B 472 2.34 -12.14 -33.69
C GLY B 472 1.29 -11.35 -34.44
N THR B 473 0.59 -10.45 -33.75
CA THR B 473 -0.40 -9.60 -34.42
C THR B 473 0.24 -8.78 -35.52
N LEU B 474 1.37 -8.13 -35.23
CA LEU B 474 1.97 -7.23 -36.19
C LEU B 474 2.55 -7.99 -37.39
N PHE B 475 3.33 -9.04 -37.14
CA PHE B 475 3.87 -9.83 -38.24
C PHE B 475 2.77 -10.54 -39.03
N ASN B 476 1.59 -10.71 -38.45
CA ASN B 476 0.49 -11.33 -39.16
C ASN B 476 -0.43 -10.32 -39.85
N THR B 477 -0.29 -9.03 -39.58
CA THR B 477 -1.26 -8.05 -40.09
C THR B 477 -0.67 -6.81 -40.73
N VAL B 478 0.57 -6.42 -40.43
CA VAL B 478 1.07 -5.13 -40.91
C VAL B 478 1.10 -5.10 -42.44
N LYS B 479 1.61 -6.16 -43.06
CA LYS B 479 1.64 -6.18 -44.52
C LYS B 479 0.26 -6.24 -45.14
N ASP B 480 -0.74 -6.72 -44.42
CA ASP B 480 -2.12 -6.72 -44.90
C ASP B 480 -2.87 -5.45 -44.56
N ILE B 481 -2.28 -4.56 -43.77
CA ILE B 481 -2.90 -3.25 -43.48
C ILE B 481 -2.36 -2.30 -44.55
N ALA B 482 -3.03 -2.31 -45.71
CA ALA B 482 -2.76 -1.34 -46.76
C ALA B 482 -3.72 -0.15 -46.64
N LYS B 483 -5.01 -0.43 -46.56
CA LYS B 483 -5.99 0.59 -46.20
C LYS B 483 -5.92 0.85 -44.71
N ASN B 484 -6.38 2.04 -44.31
CA ASN B 484 -6.45 2.42 -42.90
C ASN B 484 -7.82 2.97 -42.52
N PRO B 485 -8.90 2.16 -42.65
CA PRO B 485 -10.12 2.49 -41.90
C PRO B 485 -10.06 1.90 -40.51
N LYS B 486 -10.54 2.64 -39.50
CA LYS B 486 -10.62 2.09 -38.16
C LYS B 486 -11.67 1.00 -38.06
N LEU B 487 -12.67 1.00 -38.94
CA LEU B 487 -13.71 -0.02 -38.92
C LEU B 487 -13.19 -1.37 -39.38
N ASP B 488 -12.15 -1.41 -40.21
CA ASP B 488 -11.63 -2.66 -40.75
C ASP B 488 -10.28 -3.04 -40.18
N MET B 489 -9.48 -2.09 -39.70
CA MET B 489 -8.19 -2.43 -39.10
C MET B 489 -8.36 -3.21 -37.82
N ILE B 490 -9.35 -2.83 -37.00
CA ILE B 490 -9.52 -3.44 -35.68
C ILE B 490 -9.86 -4.92 -35.83
N ILE B 491 -10.86 -5.25 -36.65
CA ILE B 491 -11.31 -6.63 -36.77
C ILE B 491 -10.25 -7.47 -37.45
N ASN B 492 -9.62 -6.96 -38.50
CA ASN B 492 -8.54 -7.68 -39.16
C ASN B 492 -7.44 -8.01 -38.17
N LEU B 493 -6.92 -6.99 -37.49
CA LEU B 493 -5.90 -7.19 -36.47
C LEU B 493 -6.31 -8.28 -35.50
N LEU B 494 -7.40 -8.06 -34.78
CA LEU B 494 -7.81 -8.96 -33.71
C LEU B 494 -7.97 -10.39 -34.20
N ALA B 495 -8.92 -10.59 -35.13
CA ALA B 495 -9.28 -11.94 -35.55
C ALA B 495 -8.12 -12.65 -36.23
N THR B 496 -7.52 -12.02 -37.24
CA THR B 496 -6.44 -12.71 -37.93
C THR B 496 -5.13 -12.71 -37.15
N SER B 497 -5.12 -12.22 -35.91
CA SER B 497 -3.87 -12.14 -35.18
C SER B 497 -3.79 -13.01 -33.93
N LEU B 498 -4.70 -12.84 -32.96
CA LEU B 498 -4.41 -13.39 -31.63
C LEU B 498 -4.32 -14.92 -31.56
N PRO B 499 -5.23 -15.70 -32.15
CA PRO B 499 -5.11 -17.16 -32.03
C PRO B 499 -3.83 -17.75 -32.62
N LYS B 500 -3.10 -17.02 -33.47
CA LYS B 500 -1.80 -17.52 -33.92
C LYS B 500 -0.83 -17.63 -32.75
N SER B 501 -0.72 -16.56 -31.97
CA SER B 501 0.06 -16.62 -30.74
C SER B 501 -0.49 -17.67 -29.80
N ALA B 502 -1.82 -17.83 -29.79
CA ALA B 502 -2.40 -18.90 -28.97
C ALA B 502 -1.85 -20.27 -29.36
N THR B 503 -1.81 -20.55 -30.67
CA THR B 503 -1.30 -21.84 -31.13
C THR B 503 0.17 -22.02 -30.78
N PHE B 504 0.97 -20.97 -30.95
CA PHE B 504 2.37 -21.07 -30.55
C PHE B 504 2.48 -21.40 -29.07
N PHE B 505 1.60 -20.83 -28.25
CA PHE B 505 1.64 -21.12 -26.82
C PHE B 505 1.20 -22.56 -26.53
N LEU B 506 0.23 -23.09 -27.27
CA LEU B 506 -0.06 -24.51 -27.16
C LEU B 506 1.20 -25.34 -27.37
N THR B 507 1.93 -25.04 -28.45
CA THR B 507 3.14 -25.80 -28.75
C THR B 507 4.18 -25.67 -27.64
N TYR B 508 4.37 -24.44 -27.13
CA TYR B 508 5.38 -24.23 -26.09
C TYR B 508 5.02 -24.95 -24.81
N VAL B 509 3.75 -24.89 -24.40
CA VAL B 509 3.34 -25.55 -23.16
C VAL B 509 3.44 -27.06 -23.29
N ALA B 510 3.07 -27.60 -24.45
CA ALA B 510 3.21 -29.04 -24.66
C ALA B 510 4.67 -29.47 -24.60
N LEU B 511 5.54 -28.72 -25.28
CA LEU B 511 6.97 -28.97 -25.17
C LEU B 511 7.40 -28.99 -23.71
N LYS B 512 6.97 -27.97 -22.95
CA LYS B 512 7.33 -27.86 -21.54
C LYS B 512 6.93 -29.13 -20.80
N PHE B 513 5.64 -29.43 -20.72
CA PHE B 513 5.28 -30.53 -19.83
C PHE B 513 5.80 -31.88 -20.33
N PHE B 514 5.62 -32.19 -21.62
CA PHE B 514 6.23 -33.43 -22.12
C PHE B 514 7.72 -33.56 -21.86
N ILE B 515 8.55 -32.72 -22.50
CA ILE B 515 9.99 -32.98 -22.45
C ILE B 515 10.56 -32.63 -21.09
N GLY B 516 10.10 -31.54 -20.46
CA GLY B 516 10.58 -31.21 -19.13
C GLY B 516 10.27 -32.29 -18.10
N TYR B 517 9.04 -32.79 -18.08
CA TYR B 517 8.73 -33.82 -17.10
C TYR B 517 9.37 -35.15 -17.46
N GLY B 518 9.61 -35.42 -18.75
CA GLY B 518 10.39 -36.59 -19.10
C GLY B 518 11.83 -36.49 -18.61
N LEU B 519 12.45 -35.33 -18.78
CA LEU B 519 13.82 -35.14 -18.31
C LEU B 519 13.89 -35.06 -16.80
N GLU B 520 12.77 -34.76 -16.15
CA GLU B 520 12.77 -34.65 -14.69
C GLU B 520 12.57 -36.02 -14.04
N LEU B 521 11.56 -36.76 -14.49
CA LEU B 521 11.38 -38.12 -13.97
C LEU B 521 12.56 -39.02 -14.36
N SER B 522 12.88 -39.08 -15.65
CA SER B 522 13.97 -39.94 -16.09
C SER B 522 15.28 -39.51 -15.46
N ARG B 523 15.47 -38.21 -15.26
CA ARG B 523 16.60 -37.66 -14.52
C ARG B 523 17.93 -38.10 -15.14
N ILE B 524 17.93 -38.23 -16.47
CA ILE B 524 19.11 -38.75 -17.16
C ILE B 524 20.26 -37.75 -17.09
N ILE B 525 19.97 -36.46 -17.19
CA ILE B 525 21.04 -35.45 -17.13
C ILE B 525 21.79 -35.52 -15.80
N PRO B 526 21.14 -35.58 -14.64
CA PRO B 526 21.89 -35.88 -13.40
C PRO B 526 22.38 -37.32 -13.34
N LEU B 527 21.84 -38.22 -14.14
CA LEU B 527 22.32 -39.60 -14.16
C LEU B 527 23.46 -39.81 -15.15
N ILE B 528 23.51 -39.02 -16.22
CA ILE B 528 24.69 -39.05 -17.09
C ILE B 528 25.88 -38.42 -16.39
N ILE B 529 25.66 -37.31 -15.68
CA ILE B 529 26.74 -36.68 -14.92
C ILE B 529 27.23 -37.62 -13.83
N PHE B 530 26.29 -38.22 -13.08
CA PHE B 530 26.65 -39.32 -12.21
C PHE B 530 27.02 -40.54 -13.05
N HIS B 531 27.62 -41.54 -12.40
CA HIS B 531 28.08 -42.75 -13.06
C HIS B 531 29.21 -42.44 -14.03
N LEU B 532 29.50 -41.16 -14.19
CA LEU B 532 30.60 -40.63 -14.99
C LEU B 532 31.53 -39.77 -14.17
N LYS B 533 30.99 -39.03 -13.20
CA LYS B 533 31.77 -38.40 -12.15
C LYS B 533 32.19 -39.40 -11.08
N LYS B 534 31.70 -40.64 -11.15
CA LYS B 534 32.03 -41.68 -10.19
C LYS B 534 33.04 -42.69 -10.75
N LYS B 535 32.83 -43.19 -11.97
CA LYS B 535 33.68 -44.24 -12.50
C LYS B 535 34.95 -43.68 -13.16
N TYR B 536 34.89 -42.45 -13.66
CA TYR B 536 36.08 -41.78 -14.18
C TYR B 536 36.88 -41.17 -13.03
N LEU B 537 37.82 -40.28 -13.37
CA LEU B 537 38.83 -39.81 -12.43
C LEU B 537 38.24 -39.16 -11.18
N CYS B 538 37.05 -38.58 -11.29
CA CYS B 538 36.43 -37.97 -10.12
C CYS B 538 35.90 -39.04 -9.17
N LYS B 539 35.59 -38.61 -7.95
CA LYS B 539 35.07 -39.48 -6.89
C LYS B 539 36.05 -40.64 -6.61
N THR B 540 37.22 -40.25 -6.08
CA THR B 540 38.20 -41.24 -5.65
C THR B 540 37.85 -41.78 -4.27
N GLU B 541 37.70 -40.90 -3.29
CA GLU B 541 37.28 -41.30 -1.95
C GLU B 541 35.77 -41.54 -1.92
N ALA B 542 35.26 -41.92 -0.75
CA ALA B 542 33.85 -42.24 -0.64
C ALA B 542 32.96 -41.04 -0.93
N GLU B 543 32.98 -40.04 -0.04
CA GLU B 543 32.28 -38.76 -0.20
C GLU B 543 30.96 -38.92 -0.93
N VAL B 544 30.11 -39.83 -0.44
CA VAL B 544 28.92 -40.26 -1.17
C VAL B 544 27.97 -39.10 -1.42
N LYS B 545 27.74 -38.26 -0.41
CA LYS B 545 26.70 -37.25 -0.51
C LYS B 545 27.01 -36.22 -1.58
N GLU B 546 28.28 -35.80 -1.69
CA GLU B 546 28.62 -34.70 -2.57
C GLU B 546 28.36 -35.00 -4.04
N ALA B 547 28.49 -36.26 -4.45
CA ALA B 547 28.34 -36.61 -5.86
C ALA B 547 26.88 -36.59 -6.32
N TRP B 548 25.96 -37.09 -5.50
CA TRP B 548 24.57 -37.24 -5.93
C TRP B 548 23.60 -36.50 -5.00
N TYR B 549 24.04 -35.44 -4.36
CA TYR B 549 23.15 -34.68 -3.49
C TYR B 549 22.02 -34.08 -4.33
N PRO B 550 20.76 -34.34 -4.00
CA PRO B 550 19.68 -33.90 -4.89
C PRO B 550 19.49 -32.39 -4.91
N GLY B 551 19.47 -31.74 -3.76
CA GLY B 551 19.29 -30.31 -3.71
C GLY B 551 17.85 -29.89 -3.49
N ASP B 552 17.68 -28.58 -3.42
CA ASP B 552 16.38 -27.98 -3.17
C ASP B 552 15.46 -28.18 -4.38
N LEU B 553 14.15 -27.96 -4.16
CA LEU B 553 13.21 -27.96 -5.26
C LEU B 553 13.39 -26.77 -6.19
N SER B 554 14.16 -25.77 -5.77
CA SER B 554 14.47 -24.59 -6.59
C SER B 554 13.19 -23.84 -6.98
N TYR B 555 12.53 -23.32 -5.95
CA TYR B 555 11.33 -22.50 -6.18
C TYR B 555 11.65 -21.23 -6.94
N ALA B 556 12.92 -20.81 -6.99
CA ALA B 556 13.30 -19.65 -7.77
C ALA B 556 13.20 -19.88 -9.27
N THR B 557 13.16 -21.13 -9.71
CA THR B 557 13.01 -21.48 -11.11
C THR B 557 11.74 -22.26 -11.39
N ARG B 558 11.26 -23.07 -10.43
CA ARG B 558 10.06 -23.87 -10.65
C ARG B 558 8.82 -22.98 -10.64
N VAL B 559 8.56 -22.32 -9.52
CA VAL B 559 7.34 -21.52 -9.39
C VAL B 559 7.22 -20.47 -10.48
N PRO B 560 8.28 -19.75 -10.86
CA PRO B 560 8.16 -18.85 -12.02
C PRO B 560 7.70 -19.54 -13.29
N GLY B 561 8.19 -20.75 -13.58
CA GLY B 561 7.73 -21.46 -14.77
C GLY B 561 6.28 -21.89 -14.68
N ASP B 562 5.89 -22.44 -13.53
CA ASP B 562 4.49 -22.83 -13.34
C ASP B 562 3.58 -21.62 -13.48
N MET B 563 4.03 -20.46 -12.98
CA MET B 563 3.22 -19.25 -13.03
C MET B 563 3.20 -18.63 -14.43
N LEU B 564 4.26 -18.83 -15.21
CA LEU B 564 4.21 -18.44 -16.61
C LEU B 564 3.17 -19.26 -17.37
N ILE B 565 3.16 -20.58 -17.13
CA ILE B 565 2.17 -21.42 -17.79
C ILE B 565 0.76 -21.07 -17.29
N LEU B 566 0.64 -20.72 -16.01
CA LEU B 566 -0.61 -20.20 -15.46
C LEU B 566 -1.07 -18.96 -16.22
N THR B 567 -0.17 -18.00 -16.41
CA THR B 567 -0.53 -16.78 -17.11
C THR B 567 -0.98 -17.09 -18.53
N ILE B 568 -0.28 -18.01 -19.22
CA ILE B 568 -0.67 -18.36 -20.59
C ILE B 568 -2.05 -19.01 -20.62
N THR B 569 -2.31 -19.93 -19.69
CA THR B 569 -3.58 -20.61 -19.68
C THR B 569 -4.73 -19.67 -19.33
N PHE B 570 -4.48 -18.66 -18.50
CA PHE B 570 -5.47 -17.61 -18.34
C PHE B 570 -5.54 -16.70 -19.56
N CYS B 571 -4.47 -16.62 -20.36
CA CYS B 571 -4.56 -15.89 -21.62
C CYS B 571 -5.64 -16.49 -22.50
N TYR B 572 -5.40 -17.70 -22.95
CA TYR B 572 -6.23 -18.26 -24.01
C TYR B 572 -7.19 -19.30 -23.50
N SER B 573 -7.74 -19.06 -22.30
CA SER B 573 -8.83 -19.88 -21.81
C SER B 573 -10.13 -19.56 -22.54
N VAL B 574 -10.27 -18.35 -23.08
CA VAL B 574 -11.47 -17.93 -23.79
C VAL B 574 -11.18 -17.57 -25.24
N ILE B 575 -10.05 -16.90 -25.51
CA ILE B 575 -9.72 -16.53 -26.89
C ILE B 575 -9.54 -17.79 -27.74
N ALA B 576 -8.80 -18.76 -27.22
CA ALA B 576 -8.60 -20.05 -27.90
C ALA B 576 -8.76 -21.15 -26.87
N PRO B 577 -9.99 -21.53 -26.53
CA PRO B 577 -10.20 -22.41 -25.38
C PRO B 577 -9.77 -23.85 -25.65
N LEU B 578 -8.60 -24.01 -26.25
CA LEU B 578 -7.89 -25.27 -26.29
C LEU B 578 -6.65 -25.25 -25.41
N ILE B 579 -6.20 -24.07 -25.00
CA ILE B 579 -5.13 -23.96 -24.01
C ILE B 579 -5.56 -24.58 -22.68
N LEU B 580 -6.87 -24.65 -22.42
CA LEU B 580 -7.33 -25.22 -21.16
C LEU B 580 -6.91 -26.67 -21.03
N ILE B 581 -7.02 -27.45 -22.10
CA ILE B 581 -6.60 -28.85 -22.06
C ILE B 581 -5.11 -28.95 -21.77
N PHE B 582 -4.31 -28.12 -22.43
CA PHE B 582 -2.86 -28.19 -22.25
C PHE B 582 -2.46 -27.74 -20.84
N GLY B 583 -3.15 -26.73 -20.30
CA GLY B 583 -2.88 -26.32 -18.93
C GLY B 583 -3.27 -27.39 -17.92
N ILE B 584 -4.41 -28.05 -18.14
CA ILE B 584 -4.82 -29.15 -17.26
C ILE B 584 -3.78 -30.26 -17.30
N THR B 585 -3.34 -30.62 -18.51
CA THR B 585 -2.34 -31.67 -18.63
C THR B 585 -1.02 -31.27 -17.99
N TYR B 586 -0.60 -30.02 -18.20
CA TYR B 586 0.64 -29.53 -17.60
C TYR B 586 0.58 -29.63 -16.09
N PHE B 587 -0.50 -29.13 -15.48
CA PHE B 587 -0.55 -29.10 -14.03
C PHE B 587 -0.84 -30.46 -13.42
N GLY B 588 -1.59 -31.33 -14.08
CA GLY B 588 -1.76 -32.68 -13.58
C GLY B 588 -0.48 -33.49 -13.63
N LEU B 589 0.22 -33.41 -14.77
CA LEU B 589 1.52 -34.09 -14.87
C LEU B 589 2.53 -33.49 -13.91
N GLY B 590 2.43 -32.17 -13.67
CA GLY B 590 3.28 -31.56 -12.67
C GLY B 590 2.98 -32.09 -11.28
N TRP B 591 1.69 -32.19 -10.92
CA TRP B 591 1.31 -32.85 -9.68
C TRP B 591 1.98 -34.22 -9.56
N LEU B 592 1.77 -35.09 -10.55
CA LEU B 592 2.27 -36.45 -10.44
C LEU B 592 3.79 -36.48 -10.34
N VAL B 593 4.48 -35.80 -11.27
CA VAL B 593 5.93 -35.85 -11.33
C VAL B 593 6.55 -35.24 -10.09
N LEU B 594 6.10 -34.04 -9.72
CA LEU B 594 6.67 -33.37 -8.55
C LEU B 594 6.31 -34.08 -7.26
N ARG B 595 5.17 -34.77 -7.20
CA ARG B 595 4.87 -35.59 -6.03
C ARG B 595 5.86 -36.74 -5.92
N ASN B 596 6.16 -37.40 -7.04
CA ASN B 596 7.17 -38.46 -7.00
C ASN B 596 8.53 -37.92 -6.60
N GLN B 597 8.89 -36.73 -7.12
CA GLN B 597 10.20 -36.16 -6.81
C GLN B 597 10.30 -35.72 -5.37
N ALA B 598 9.27 -35.06 -4.85
CA ALA B 598 9.29 -34.60 -3.46
C ALA B 598 9.25 -35.77 -2.49
N LEU B 599 8.52 -36.84 -2.83
CA LEU B 599 8.48 -37.99 -1.94
C LEU B 599 9.80 -38.75 -1.92
N LYS B 600 10.55 -38.71 -3.01
CA LYS B 600 11.69 -39.60 -3.16
C LYS B 600 13.00 -38.94 -3.54
N VAL B 601 13.00 -37.74 -4.14
CA VAL B 601 14.24 -37.23 -4.72
C VAL B 601 14.73 -35.97 -4.00
N TYR B 602 13.97 -34.89 -4.08
CA TYR B 602 14.47 -33.61 -3.62
C TYR B 602 14.39 -33.47 -2.11
N VAL B 603 15.39 -32.82 -1.53
CA VAL B 603 15.45 -32.54 -0.10
C VAL B 603 15.49 -31.02 0.06
N PRO B 604 14.62 -30.43 0.88
CA PRO B 604 14.62 -28.97 1.01
C PRO B 604 15.86 -28.46 1.73
N SER B 605 16.24 -27.23 1.38
CA SER B 605 17.39 -26.57 2.00
C SER B 605 16.99 -25.55 3.05
N TYR B 606 15.74 -25.10 3.06
CA TYR B 606 15.24 -24.18 4.05
C TYR B 606 13.76 -24.42 4.26
N GLU B 607 13.23 -23.88 5.35
CA GLU B 607 11.81 -24.01 5.67
C GLU B 607 11.24 -22.63 5.99
N SER B 608 10.41 -22.10 5.10
CA SER B 608 9.74 -20.83 5.31
C SER B 608 8.35 -20.98 5.91
N TYR B 609 7.90 -22.22 6.15
CA TYR B 609 6.60 -22.49 6.74
C TYR B 609 5.47 -21.89 5.90
N GLY B 610 5.52 -22.16 4.61
CA GLY B 610 4.47 -21.70 3.72
C GLY B 610 4.40 -20.21 3.51
N ARG B 611 5.47 -19.49 3.87
CA ARG B 611 5.47 -18.04 3.72
C ARG B 611 5.39 -17.60 2.26
N MET B 612 5.84 -18.43 1.33
CA MET B 612 5.85 -18.06 -0.07
C MET B 612 4.44 -17.92 -0.66
N TRP B 613 3.46 -18.59 -0.09
CA TRP B 613 2.27 -18.84 -0.89
C TRP B 613 1.43 -17.57 -1.06
N PRO B 614 1.37 -16.64 -0.10
CA PRO B 614 0.68 -15.37 -0.38
C PRO B 614 1.20 -14.66 -1.61
N HIS B 615 2.50 -14.75 -1.90
CA HIS B 615 3.02 -14.25 -3.16
C HIS B 615 2.37 -14.97 -4.34
N ILE B 616 2.19 -16.29 -4.21
CA ILE B 616 1.56 -17.07 -5.29
C ILE B 616 0.12 -16.63 -5.49
N HIS B 617 -0.63 -16.44 -4.41
CA HIS B 617 -2.01 -15.97 -4.51
C HIS B 617 -2.08 -14.59 -5.14
N GLN B 618 -1.18 -13.71 -4.71
CA GLN B 618 -1.09 -12.38 -5.29
C GLN B 618 -0.87 -12.46 -6.79
N ARG B 619 0.02 -13.34 -7.25
CA ARG B 619 0.33 -13.41 -8.67
C ARG B 619 -0.78 -14.08 -9.47
N ILE B 620 -1.44 -15.09 -8.90
CA ILE B 620 -2.58 -15.70 -9.58
C ILE B 620 -3.69 -14.68 -9.76
N LEU B 621 -3.98 -13.92 -8.72
CA LEU B 621 -5.01 -12.89 -8.84
C LEU B 621 -4.55 -11.74 -9.73
N ALA B 622 -3.24 -11.53 -9.84
CA ALA B 622 -2.74 -10.55 -10.79
C ALA B 622 -2.97 -11.02 -12.23
N ALA B 623 -2.80 -12.32 -12.47
CA ALA B 623 -3.16 -12.87 -13.77
C ALA B 623 -4.65 -12.71 -14.03
N LEU B 624 -5.48 -12.93 -13.02
CA LEU B 624 -6.91 -12.70 -13.19
C LEU B 624 -7.23 -11.24 -13.51
N PHE B 625 -6.57 -10.30 -12.80
CA PHE B 625 -6.63 -8.89 -13.16
C PHE B 625 -6.34 -8.71 -14.65
N LEU B 626 -5.14 -9.15 -15.05
CA LEU B 626 -4.66 -8.89 -16.40
C LEU B 626 -5.62 -9.44 -17.44
N PHE B 627 -6.26 -10.57 -17.15
CA PHE B 627 -6.98 -11.16 -18.26
C PHE B 627 -8.48 -10.93 -18.20
N GLN B 628 -9.01 -10.48 -17.06
CA GLN B 628 -10.26 -9.74 -17.10
C GLN B 628 -10.08 -8.47 -17.92
N VAL B 629 -8.91 -7.82 -17.80
CA VAL B 629 -8.63 -6.66 -18.64
C VAL B 629 -8.53 -7.06 -20.12
N VAL B 630 -7.86 -8.17 -20.40
CA VAL B 630 -7.70 -8.63 -21.79
C VAL B 630 -9.05 -8.99 -22.39
N MET B 631 -9.92 -9.66 -21.62
CA MET B 631 -11.28 -9.91 -22.08
C MET B 631 -12.06 -8.61 -22.26
N PHE B 632 -11.85 -7.64 -21.37
CA PHE B 632 -12.45 -6.32 -21.54
C PHE B 632 -12.08 -5.72 -22.88
N GLY B 633 -10.81 -5.79 -23.25
CA GLY B 633 -10.38 -5.25 -24.53
C GLY B 633 -10.91 -6.04 -25.71
N TYR B 634 -10.82 -7.37 -25.65
CA TYR B 634 -11.20 -8.21 -26.78
C TYR B 634 -12.70 -8.15 -27.04
N LEU B 635 -13.51 -8.35 -26.01
CA LEU B 635 -14.95 -8.17 -26.09
C LEU B 635 -15.20 -6.67 -26.16
N GLY B 636 -15.22 -6.13 -27.37
CA GLY B 636 -15.24 -4.70 -27.57
C GLY B 636 -14.34 -4.35 -28.74
N ALA B 637 -13.28 -5.13 -28.92
CA ALA B 637 -12.60 -5.16 -30.20
C ALA B 637 -13.33 -6.05 -31.20
N LYS B 638 -14.29 -6.84 -30.73
CA LYS B 638 -15.26 -7.50 -31.58
C LYS B 638 -16.46 -6.61 -31.89
N THR B 639 -16.42 -5.36 -31.44
CA THR B 639 -17.37 -4.32 -31.83
C THR B 639 -18.80 -4.64 -31.38
N PHE B 640 -18.94 -5.07 -30.12
CA PHE B 640 -20.25 -5.05 -29.47
C PHE B 640 -20.03 -4.89 -27.98
N PHE B 641 -21.03 -4.27 -27.33
CA PHE B 641 -20.86 -3.68 -26.01
C PHE B 641 -21.04 -4.73 -24.91
N TYR B 642 -20.10 -5.66 -24.88
CA TYR B 642 -19.86 -6.51 -23.72
C TYR B 642 -18.77 -5.94 -22.83
N THR B 643 -18.24 -4.77 -23.19
CA THR B 643 -17.19 -4.15 -22.40
C THR B 643 -17.66 -3.83 -21.00
N ALA B 644 -18.89 -3.31 -20.87
CA ALA B 644 -19.35 -2.79 -19.59
C ALA B 644 -19.44 -3.90 -18.54
N LEU B 645 -19.89 -5.08 -18.93
CA LEU B 645 -20.16 -6.14 -17.97
C LEU B 645 -18.90 -6.78 -17.39
N VAL B 646 -17.71 -6.44 -17.91
CA VAL B 646 -16.47 -6.93 -17.33
C VAL B 646 -15.91 -5.94 -16.30
N ILE B 647 -16.33 -4.68 -16.33
CA ILE B 647 -15.88 -3.72 -15.32
C ILE B 647 -16.26 -4.18 -13.91
N PRO B 648 -17.47 -4.68 -13.64
CA PRO B 648 -17.73 -5.26 -12.32
C PRO B 648 -16.80 -6.41 -11.98
N LEU B 649 -16.39 -7.20 -12.96
CA LEU B 649 -15.45 -8.29 -12.68
C LEU B 649 -14.09 -7.75 -12.27
N ILE B 650 -13.60 -6.71 -12.95
CA ILE B 650 -12.32 -6.13 -12.55
C ILE B 650 -12.42 -5.52 -11.16
N ILE B 651 -13.51 -4.80 -10.89
CA ILE B 651 -13.69 -4.16 -9.60
C ILE B 651 -13.77 -5.19 -8.49
N THR B 652 -14.53 -6.28 -8.71
CA THR B 652 -14.63 -7.31 -7.69
C THR B 652 -13.34 -8.11 -7.55
N SER B 653 -12.52 -8.17 -8.60
CA SER B 653 -11.22 -8.81 -8.44
C SER B 653 -10.31 -7.97 -7.54
N LEU B 654 -10.31 -6.66 -7.73
CA LEU B 654 -9.56 -5.78 -6.83
C LEU B 654 -10.10 -5.88 -5.40
N ILE B 655 -11.41 -5.90 -5.25
CA ILE B 655 -12.02 -6.00 -3.92
C ILE B 655 -11.67 -7.33 -3.27
N PHE B 656 -11.70 -8.42 -4.04
CA PHE B 656 -11.32 -9.73 -3.54
C PHE B 656 -9.87 -9.74 -3.10
N GLY B 657 -8.99 -9.09 -3.86
CA GLY B 657 -7.61 -8.98 -3.44
C GLY B 657 -7.47 -8.27 -2.11
N TYR B 658 -8.16 -7.13 -1.95
CA TYR B 658 -8.09 -6.41 -0.70
C TYR B 658 -8.63 -7.24 0.46
N VAL B 659 -9.75 -7.93 0.24
CA VAL B 659 -10.38 -8.70 1.31
C VAL B 659 -9.49 -9.87 1.72
N CYS B 660 -8.91 -10.58 0.75
CA CYS B 660 -8.00 -11.67 1.08
C CYS B 660 -6.76 -11.16 1.79
N ARG B 661 -6.24 -10.01 1.36
CA ARG B 661 -5.11 -9.41 2.08
C ARG B 661 -5.49 -9.08 3.51
N GLN B 662 -6.73 -8.65 3.73
CA GLN B 662 -7.16 -8.26 5.07
C GLN B 662 -7.42 -9.47 5.97
N LYS B 663 -7.90 -10.59 5.42
CA LYS B 663 -8.38 -11.67 6.26
C LYS B 663 -7.34 -12.75 6.57
N PHE B 664 -6.37 -12.98 5.69
CA PHE B 664 -5.37 -14.02 5.94
C PHE B 664 -3.92 -13.57 5.85
N TYR B 665 -3.61 -12.47 5.18
CA TYR B 665 -2.21 -12.16 4.88
C TYR B 665 -1.40 -11.91 6.14
N GLY B 666 -1.97 -11.19 7.11
CA GLY B 666 -1.20 -10.81 8.28
C GLY B 666 -0.74 -12.00 9.11
N GLY B 667 -1.42 -13.14 8.97
CA GLY B 667 -1.03 -14.33 9.70
C GLY B 667 0.14 -15.07 9.11
N PHE B 668 0.59 -14.66 7.92
CA PHE B 668 1.75 -15.27 7.29
C PHE B 668 3.05 -14.58 7.65
N GLU B 669 3.01 -13.27 7.89
CA GLU B 669 4.22 -12.52 8.18
C GLU B 669 4.84 -12.95 9.51
N HIS B 670 4.02 -13.10 10.54
CA HIS B 670 4.50 -13.33 11.90
C HIS B 670 3.95 -14.65 12.43
N THR B 671 4.46 -15.04 13.60
CA THR B 671 3.91 -16.15 14.36
C THR B 671 3.12 -15.55 15.52
N ALA B 672 1.86 -15.96 15.65
CA ALA B 672 0.99 -15.39 16.66
C ALA B 672 1.49 -15.71 18.06
N LEU B 673 1.00 -14.97 19.04
CA LEU B 673 1.31 -15.26 20.44
C LEU B 673 0.30 -16.24 21.02
N GLU B 674 0.03 -17.29 20.26
CA GLU B 674 -0.64 -18.52 20.65
C GLU B 674 0.21 -19.73 20.32
N VAL B 675 0.88 -19.72 19.17
CA VAL B 675 1.84 -20.75 18.82
C VAL B 675 3.19 -20.51 19.48
N ALA B 676 3.37 -19.38 20.15
CA ALA B 676 4.61 -19.04 20.82
C ALA B 676 4.51 -19.19 22.34
N CYS B 677 3.39 -18.84 22.93
CA CYS B 677 3.22 -18.94 24.38
C CYS B 677 2.84 -20.36 24.79
N ARG B 678 1.70 -20.84 24.29
CA ARG B 678 1.16 -22.13 24.68
C ARG B 678 1.71 -23.28 23.85
N GLU B 679 2.91 -23.12 23.29
CA GLU B 679 3.54 -24.24 22.62
C GLU B 679 4.30 -25.14 23.59
N LEU B 680 4.47 -24.71 24.85
CA LEU B 680 4.99 -25.53 25.94
C LEU B 680 6.39 -26.08 25.61
N LYS B 681 7.34 -25.15 25.56
CA LYS B 681 8.74 -25.55 25.41
C LYS B 681 9.19 -26.36 26.63
N GLN B 682 10.39 -26.90 26.54
CA GLN B 682 10.91 -27.81 27.56
C GLN B 682 12.24 -27.30 28.12
N SER B 683 12.29 -26.02 28.51
CA SER B 683 13.49 -25.38 29.02
C SER B 683 14.58 -25.44 27.95
N PRO B 684 14.47 -24.63 26.90
CA PRO B 684 15.46 -24.70 25.82
C PRO B 684 16.86 -24.37 26.31
N ASP B 685 17.85 -24.98 25.65
CA ASP B 685 19.23 -24.82 26.08
C ASP B 685 19.67 -23.36 26.03
N LEU B 686 19.25 -22.64 25.00
CA LEU B 686 19.61 -21.24 24.73
C LEU B 686 21.09 -21.08 24.46
N GLU B 687 21.88 -22.16 24.48
CA GLU B 687 23.30 -22.10 24.20
C GLU B 687 23.64 -22.65 22.82
N GLU B 688 22.96 -23.73 22.40
CA GLU B 688 23.02 -24.16 21.02
C GLU B 688 21.95 -23.51 20.15
N ILE B 689 21.00 -22.79 20.75
CA ILE B 689 20.21 -21.84 19.98
C ILE B 689 21.10 -20.69 19.53
N PHE B 690 21.91 -20.16 20.44
CA PHE B 690 23.07 -19.37 20.08
C PHE B 690 24.06 -20.28 19.36
N ARG B 691 24.99 -19.66 18.62
CA ARG B 691 26.07 -20.35 17.90
C ARG B 691 25.54 -21.42 16.95
N ALA B 692 24.21 -21.53 16.83
CA ALA B 692 23.65 -22.11 15.62
C ALA B 692 23.58 -21.08 14.52
N TYR B 693 23.73 -19.80 14.87
CA TYR B 693 23.80 -18.69 13.93
C TYR B 693 25.22 -18.31 13.57
N ILE B 694 26.21 -18.77 14.33
CA ILE B 694 27.61 -18.39 14.08
C ILE B 694 28.07 -19.00 12.77
N PRO B 695 28.64 -18.22 11.85
CA PRO B 695 29.09 -18.79 10.57
C PRO B 695 30.14 -19.88 10.72
N HIS B 696 31.01 -19.77 11.74
CA HIS B 696 32.07 -20.75 11.94
C HIS B 696 31.89 -21.50 13.25
C P5S C . -5.87 8.78 7.10
N P5S C . -6.50 6.50 7.72
O P5S C . -6.24 9.89 6.65
C1 P5S C . -9.47 5.45 0.19
C2 P5S C . -9.50 6.87 0.79
C3 P5S C . -9.74 6.85 2.30
CA P5S C . -6.60 7.50 6.67
CB P5S C . -8.06 7.80 6.35
OG P5S C . -8.24 7.84 4.97
P12 P5S C . -9.65 8.44 4.39
O13 P5S C . -9.72 9.91 4.65
O15 P5S C . -10.81 7.74 5.07
O16 P5S C . -9.75 8.16 2.77
C17 P5S C . -9.88 4.94 -2.08
O18 P5S C . -9.74 5.18 -3.23
O19 P5S C . -9.04 5.55 -1.13
C20 P5S C . -11.00 3.99 -1.63
C21 P5S C . -10.95 2.70 -2.45
C22 P5S C . -12.38 2.21 -2.74
C23 P5S C . -13.02 3.16 -3.76
C24 P5S C . -14.53 2.91 -3.80
C25 P5S C . -15.15 3.76 -4.92
O37 P5S C . -10.46 7.65 0.11
C38 P5S C . -11.82 7.51 0.38
C39 P5S C . -12.76 8.71 0.24
C40 P5S C . -13.57 8.63 -1.05
C41 P5S C . -12.92 7.70 -2.08
C42 P5S C . -13.46 8.04 -3.46
C43 P5S C . -13.18 9.51 -3.76
C44 P5S C . -14.17 10.02 -4.77
C45 P5S C . -13.61 9.86 -6.17
C46 P5S C . -14.14 10.98 -7.04
O47 P5S C . -12.28 6.47 0.72
C48 P5S C . -14.88 10.39 -8.23
C49 P5S C . -15.50 11.52 -9.04
C50 P5S C . -14.56 11.92 -10.16
C51 P5S C . -15.30 12.82 -11.15
C52 P5S C . -14.35 13.91 -11.66
OXT P5S C . -4.91 8.71 7.91
C P5S D . -15.59 27.53 12.37
N P5S D . -13.55 26.29 11.81
O P5S D . -15.40 27.92 13.55
C1 P5S D . -17.71 32.28 8.01
C2 P5S D . -17.48 30.90 8.61
C3 P5S D . -15.99 30.58 8.64
CA P5S D . -14.40 27.40 11.41
CB P5S D . -14.90 27.20 9.98
OG P5S D . -14.37 28.19 9.14
P12 P5S D . -15.01 28.36 7.64
O13 P5S D . -13.94 28.13 6.61
O15 P5S D . -16.12 27.35 7.44
O16 P5S D . -15.61 29.89 7.48
C17 P5S D . -17.47 33.49 6.01
O18 P5S D . -16.70 33.92 5.20
O19 P5S D . -17.13 32.34 6.73
C20 P5S D . -18.80 34.19 6.24
C21 P5S D . -19.28 34.81 4.92
C22 P5S D . -20.32 35.90 5.21
C23 P5S D . -20.15 37.03 4.18
C24 P5S D . -21.08 38.20 4.56
C25 P5S D . -21.06 39.25 3.45
C26 P5S D . -21.62 40.57 3.98
C27 P5S D . -21.91 41.51 2.80
C28 P5S D . -23.16 41.02 2.06
C29 P5S D . -23.38 41.89 0.80
C30 P5S D . -24.82 41.71 0.30
O37 P5S D . -18.16 29.95 7.84
C38 P5S D . -18.77 28.94 8.58
C39 P5S D . -20.31 28.79 8.57
C40 P5S D . -20.82 28.99 7.14
C41 P5S D . -22.27 29.47 7.20
C42 P5S D . -22.57 30.34 5.99
C43 P5S D . -23.42 31.53 6.41
C44 P5S D . -23.23 32.66 5.43
C45 P5S D . -24.53 33.44 5.30
C46 P5S D . -24.27 34.73 4.56
O47 P5S D . -18.12 28.19 9.23
C48 P5S D . -25.13 35.84 5.14
C49 P5S D . -25.59 36.74 4.01
C50 P5S D . -25.37 38.20 4.40
C51 P5S D . -26.56 39.04 3.94
C52 P5S D . -26.25 40.52 4.13
OXT P5S D . -16.75 27.26 11.97
C P5S E . 6.97 -10.24 -1.92
N P5S E . 8.26 -8.37 -1.02
O P5S E . 6.68 -10.57 -0.75
C1 P5S E . 9.16 -3.75 -7.75
C2 P5S E . 8.78 -5.11 -8.34
C3 P5S E . 9.54 -6.23 -7.64
CA P5S E . 7.60 -8.88 -2.21
CB P5S E . 8.59 -8.99 -3.37
OG P5S E . 8.54 -7.83 -4.14
P12 P5S E . 9.06 -7.90 -5.68
O13 P5S E . 8.19 -8.83 -6.48
O15 P5S E . 10.50 -8.38 -5.74
O16 P5S E . 9.00 -6.40 -6.36
C17 P5S E . 7.00 -2.85 -7.81
O18 P5S E . 6.82 -3.12 -6.67
O19 P5S E . 8.32 -2.77 -8.31
C20 P5S E . 5.82 -2.58 -8.75
C21 P5S E . 4.56 -2.42 -7.90
C22 P5S E . 3.32 -2.79 -8.74
C23 P5S E . 2.20 -3.24 -7.80
C24 P5S E . 0.91 -3.46 -8.60
C25 P5S E . -0.27 -3.58 -7.64
O37 P5S E . 8.97 -5.15 -9.74
C38 P5S E . 10.21 -4.82 -10.32
C39 P5S E . 10.23 -4.47 -11.80
C40 P5S E . 9.24 -3.34 -12.11
C41 P5S E . 9.47 -2.90 -13.55
C42 P5S E . 8.19 -3.05 -14.35
C43 P5S E . 8.56 -3.24 -15.82
C44 P5S E . 7.51 -2.57 -16.70
C45 P5S E . 7.81 -2.89 -18.15
C46 P5S E . 7.81 -1.62 -18.96
O47 P5S E . 11.22 -4.81 -9.70
C48 P5S E . 6.88 -1.78 -20.15
C49 P5S E . 5.43 -1.77 -19.67
C50 P5S E . 4.62 -0.80 -20.51
C51 P5S E . 3.41 -0.31 -19.72
C52 P5S E . 2.14 -0.93 -20.29
OXT P5S E . 6.72 -11.03 -2.87
C P5S F . 16.16 -27.18 -12.81
N P5S F . 16.66 -26.68 -15.15
O P5S F . 15.33 -27.59 -11.96
C1 P5S F . 15.36 -27.53 -19.64
C2 P5S F . 16.06 -26.25 -19.15
C3 P5S F . 15.07 -25.38 -18.40
CA P5S F . 15.66 -26.53 -14.10
CB P5S F . 14.34 -27.16 -14.54
OG P5S F . 13.42 -26.14 -14.84
P12 P5S F . 13.48 -25.40 -16.31
O13 P5S F . 12.22 -25.68 -17.08
O15 P5S F . 13.65 -23.91 -16.11
O16 P5S F . 14.78 -25.97 -17.15
C17 P5S F . 13.55 -27.95 -21.08
O18 P5S F . 12.38 -28.10 -21.22
O19 P5S F . 14.03 -27.23 -19.98
C20 P5S F . 14.52 -28.55 -22.09
C21 P5S F . 13.87 -28.57 -23.48
C22 P5S F . 14.81 -29.25 -24.47
C23 P5S F . 14.17 -29.32 -25.86
C24 P5S F . 14.92 -30.33 -26.72
C25 P5S F . 14.29 -30.38 -28.12
C26 P5S F . 14.74 -31.67 -28.83
C27 P5S F . 14.63 -31.49 -30.34
C28 P5S F . 14.63 -32.85 -31.03
C29 P5S F . 14.89 -32.67 -32.54
C30 P5S F . 14.30 -33.87 -33.31
O37 P5S F . 16.56 -25.55 -20.27
C38 P5S F . 17.87 -25.09 -20.12
C39 P5S F . 18.82 -25.08 -21.32
C40 P5S F . 18.01 -25.21 -22.61
C41 P5S F . 18.94 -25.57 -23.77
C42 P5S F . 18.17 -26.37 -24.81
C43 P5S F . 19.11 -26.77 -25.95
C44 P5S F . 18.55 -28.00 -26.65
C45 P5S F . 19.58 -28.53 -27.64
C46 P5S F . 19.28 -27.98 -29.02
O47 P5S F . 18.25 -24.70 -19.06
C48 P5S F . 18.41 -28.96 -29.78
C49 P5S F . 19.06 -30.34 -29.77
C50 P5S F . 18.55 -31.16 -30.95
C51 P5S F . 19.74 -31.60 -31.81
C52 P5S F . 19.25 -32.52 -32.92
OXT P5S F . 17.39 -27.31 -12.60
#